data_2RD1
# 
_entry.id   2RD1 
# 
_audit_conform.dict_name       mmcif_pdbx.dic 
_audit_conform.dict_version    5.397 
_audit_conform.dict_location   http://mmcif.pdb.org/dictionaries/ascii/mmcif_pdbx.dic 
# 
loop_
_database_2.database_id 
_database_2.database_code 
_database_2.pdbx_database_accession 
_database_2.pdbx_DOI 
PDB   2RD1         pdb_00002rd1 10.2210/pdb2rd1/pdb 
RCSB  RCSB044712   ?            ?                   
WWPDB D_1000044712 ?            ?                   
# 
loop_
_pdbx_audit_revision_history.ordinal 
_pdbx_audit_revision_history.data_content_type 
_pdbx_audit_revision_history.major_revision 
_pdbx_audit_revision_history.minor_revision 
_pdbx_audit_revision_history.revision_date 
1 'Structure model' 1 0 2007-10-09 
2 'Structure model' 1 1 2011-07-13 
3 'Structure model' 1 2 2017-10-25 
4 'Structure model' 1 3 2018-01-24 
5 'Structure model' 1 4 2024-10-16 
# 
_pdbx_audit_revision_details.ordinal             1 
_pdbx_audit_revision_details.revision_ordinal    1 
_pdbx_audit_revision_details.data_content_type   'Structure model' 
_pdbx_audit_revision_details.provider            repository 
_pdbx_audit_revision_details.type                'Initial release' 
_pdbx_audit_revision_details.description         ? 
_pdbx_audit_revision_details.details             ? 
# 
loop_
_pdbx_audit_revision_group.ordinal 
_pdbx_audit_revision_group.revision_ordinal 
_pdbx_audit_revision_group.data_content_type 
_pdbx_audit_revision_group.group 
1 2 'Structure model' 'Version format compliance' 
2 3 'Structure model' 'Refinement description'    
3 4 'Structure model' 'Database references'       
4 4 'Structure model' 'Structure summary'         
5 5 'Structure model' 'Data collection'           
6 5 'Structure model' 'Database references'       
7 5 'Structure model' 'Derived calculations'      
8 5 'Structure model' 'Structure summary'         
# 
loop_
_pdbx_audit_revision_category.ordinal 
_pdbx_audit_revision_category.revision_ordinal 
_pdbx_audit_revision_category.data_content_type 
_pdbx_audit_revision_category.category 
1  3 'Structure model' software                  
2  4 'Structure model' audit_author              
3  4 'Structure model' citation_author           
4  5 'Structure model' chem_comp_atom            
5  5 'Structure model' chem_comp_bond            
6  5 'Structure model' database_2                
7  5 'Structure model' pdbx_entry_details        
8  5 'Structure model' pdbx_modification_feature 
9  5 'Structure model' struct_conn               
10 5 'Structure model' struct_ref_seq_dif        
# 
loop_
_pdbx_audit_revision_item.ordinal 
_pdbx_audit_revision_item.revision_ordinal 
_pdbx_audit_revision_item.data_content_type 
_pdbx_audit_revision_item.item 
1 3 'Structure model' '_software.name'                      
2 4 'Structure model' '_audit_author.name'                  
3 4 'Structure model' '_citation_author.name'               
4 5 'Structure model' '_database_2.pdbx_DOI'                
5 5 'Structure model' '_database_2.pdbx_database_accession' 
6 5 'Structure model' '_struct_conn.pdbx_leaving_atom_flag' 
7 5 'Structure model' '_struct_ref_seq_dif.details'         
# 
_pdbx_database_status.status_code                     REL 
_pdbx_database_status.entry_id                        2RD1 
_pdbx_database_status.recvd_initial_deposition_date   2007-09-20 
_pdbx_database_status.deposit_site                    RCSB 
_pdbx_database_status.process_site                    RCSB 
_pdbx_database_status.status_code_sf                  REL 
_pdbx_database_status.status_code_mr                  ? 
_pdbx_database_status.SG_entry                        Y 
_pdbx_database_status.pdb_format_compatible           Y 
_pdbx_database_status.status_code_cs                  ? 
_pdbx_database_status.methods_development_category    ? 
_pdbx_database_status.status_code_nmr_data            ? 
# 
loop_
_pdbx_database_related.db_name 
_pdbx_database_related.db_id 
_pdbx_database_related.details 
_pdbx_database_related.content_type 
TargetDB StR87A .                                                                    unspecified 
PDB      2JN0   'Solution NMR structure of E.coli ygdR protein (structural homolog)' unspecified 
# 
loop_
_audit_author.name 
_audit_author.pdbx_ordinal 
'Kuzin, A.P.'                                     1  
'Su, M.'                                          2  
'Seetharaman, J.'                                 3  
'Vorobiev, S.M.'                                  4  
'Wang, D.'                                        5  
'Fang, Y.'                                        6  
'Owens, L.'                                       7  
'Mao, L.-C.'                                      8  
'Xiao, R.'                                        9  
'Liu, J.'                                         10 
'Baran, M.C.'                                     11 
'Acton, T.B.'                                     12 
'Rost, B.'                                        13 
'Montelione, G.T.'                                14 
'Hunt, J.F.'                                      15 
'Tong, L.'                                        16 
'Northeast Structural Genomics Consortium (NESG)' 17 
# 
_citation.id                        primary 
_citation.title                     'X-Ray structure of the protein Q7CQI7.' 
_citation.journal_abbrev            'To be Published' 
_citation.journal_volume            ? 
_citation.page_first                ? 
_citation.page_last                 ? 
_citation.year                      ? 
_citation.journal_id_ASTM           ? 
_citation.country                   ? 
_citation.journal_id_ISSN           ? 
_citation.journal_id_CSD            0353 
_citation.book_publisher            ? 
_citation.pdbx_database_id_PubMed   ? 
_citation.pdbx_database_id_DOI      ? 
# 
loop_
_citation_author.citation_id 
_citation_author.name 
_citation_author.ordinal 
_citation_author.identifier_ORCID 
primary 'Kuzin, A.P.'      1  ? 
primary 'Su, M.'           2  ? 
primary 'Seetharaman, J.'  3  ? 
primary 'Vorobiev, S.M.'   4  ? 
primary 'Wan, D.'          5  ? 
primary 'Fang, Y.'         6  ? 
primary 'Owens, L.'        7  ? 
primary 'Ma, L.-C.'        8  ? 
primary 'Xiao, R.'         9  ? 
primary 'Liu, J.'          10 ? 
primary 'Baran, M.C.'      11 ? 
primary 'Acton, T.B.'      12 ? 
primary 'Rost, B.'         13 ? 
primary 'Montelione, G.T.' 14 ? 
primary 'Hunt, J.F.'       15 ? 
primary 'Tong, L.'         16 ? 
# 
loop_
_entity.id 
_entity.type 
_entity.src_method 
_entity.pdbx_description 
_entity.formula_weight 
_entity.pdbx_number_of_molecules 
_entity.pdbx_ec 
_entity.pdbx_mutation 
_entity.pdbx_fragment 
_entity.details 
1 polymer man 'Putative outer membrane lipoprotein' 7150.480 3  ? ? 'Residues 20-73' ? 
2 water   nat water                                 18.015   47 ? ? ?                ? 
# 
_entity_poly.entity_id                      1 
_entity_poly.type                           'polypeptide(L)' 
_entity_poly.nstd_linkage                   no 
_entity_poly.nstd_monomer                   yes 
_entity_poly.pdbx_seq_one_letter_code       'CTTNYV(MSE)TTKNGQTIVTQGKPQLDKETG(MSE)TSYTDQEGNQREINSNDVAQLIKADLEHHHHHH' 
_entity_poly.pdbx_seq_one_letter_code_can   CTTNYVMTTKNGQTIVTQGKPQLDKETGMTSYTDQEGNQREINSNDVAQLIKADLEHHHHHH 
_entity_poly.pdbx_strand_id                 A,B,C 
_entity_poly.pdbx_target_identifier         StR87A 
# 
_pdbx_entity_nonpoly.entity_id   2 
_pdbx_entity_nonpoly.name        water 
_pdbx_entity_nonpoly.comp_id     HOH 
# 
loop_
_entity_poly_seq.entity_id 
_entity_poly_seq.num 
_entity_poly_seq.mon_id 
_entity_poly_seq.hetero 
1 1  CYS n 
1 2  THR n 
1 3  THR n 
1 4  ASN n 
1 5  TYR n 
1 6  VAL n 
1 7  MSE n 
1 8  THR n 
1 9  THR n 
1 10 LYS n 
1 11 ASN n 
1 12 GLY n 
1 13 GLN n 
1 14 THR n 
1 15 ILE n 
1 16 VAL n 
1 17 THR n 
1 18 GLN n 
1 19 GLY n 
1 20 LYS n 
1 21 PRO n 
1 22 GLN n 
1 23 LEU n 
1 24 ASP n 
1 25 LYS n 
1 26 GLU n 
1 27 THR n 
1 28 GLY n 
1 29 MSE n 
1 30 THR n 
1 31 SER n 
1 32 TYR n 
1 33 THR n 
1 34 ASP n 
1 35 GLN n 
1 36 GLU n 
1 37 GLY n 
1 38 ASN n 
1 39 GLN n 
1 40 ARG n 
1 41 GLU n 
1 42 ILE n 
1 43 ASN n 
1 44 SER n 
1 45 ASN n 
1 46 ASP n 
1 47 VAL n 
1 48 ALA n 
1 49 GLN n 
1 50 LEU n 
1 51 ILE n 
1 52 LYS n 
1 53 ALA n 
1 54 ASP n 
1 55 LEU n 
1 56 GLU n 
1 57 HIS n 
1 58 HIS n 
1 59 HIS n 
1 60 HIS n 
1 61 HIS n 
1 62 HIS n 
# 
_entity_src_gen.entity_id                          1 
_entity_src_gen.pdbx_src_id                        1 
_entity_src_gen.pdbx_alt_source_flag               sample 
_entity_src_gen.pdbx_seq_type                      ? 
_entity_src_gen.pdbx_beg_seq_num                   ? 
_entity_src_gen.pdbx_end_seq_num                   ? 
_entity_src_gen.gene_src_common_name               ? 
_entity_src_gen.gene_src_genus                     Salmonella 
_entity_src_gen.pdbx_gene_src_gene                 STM1585 
_entity_src_gen.gene_src_species                   'Salmonella typhimurium' 
_entity_src_gen.gene_src_strain                    'LT2, SGSC1412' 
_entity_src_gen.gene_src_tissue                    ? 
_entity_src_gen.gene_src_tissue_fraction           ? 
_entity_src_gen.gene_src_details                   ? 
_entity_src_gen.pdbx_gene_src_fragment             ? 
_entity_src_gen.pdbx_gene_src_scientific_name      'Salmonella typhimurium LT2' 
_entity_src_gen.pdbx_gene_src_ncbi_taxonomy_id     99287 
_entity_src_gen.pdbx_gene_src_variant              ? 
_entity_src_gen.pdbx_gene_src_cell_line            ? 
_entity_src_gen.pdbx_gene_src_atcc                 700720 
_entity_src_gen.pdbx_gene_src_organ                ? 
_entity_src_gen.pdbx_gene_src_organelle            ? 
_entity_src_gen.pdbx_gene_src_cell                 ? 
_entity_src_gen.pdbx_gene_src_cellular_location    ? 
_entity_src_gen.host_org_common_name               ? 
_entity_src_gen.pdbx_host_org_scientific_name      'Escherichia coli' 
_entity_src_gen.pdbx_host_org_ncbi_taxonomy_id     562 
_entity_src_gen.host_org_genus                     Escherichia 
_entity_src_gen.pdbx_host_org_gene                 ? 
_entity_src_gen.pdbx_host_org_organ                ? 
_entity_src_gen.host_org_species                   ? 
_entity_src_gen.pdbx_host_org_tissue               ? 
_entity_src_gen.pdbx_host_org_tissue_fraction      ? 
_entity_src_gen.pdbx_host_org_strain               ? 
_entity_src_gen.pdbx_host_org_variant              ? 
_entity_src_gen.pdbx_host_org_cell_line            ? 
_entity_src_gen.pdbx_host_org_atcc                 ? 
_entity_src_gen.pdbx_host_org_culture_collection   ? 
_entity_src_gen.pdbx_host_org_cell                 ? 
_entity_src_gen.pdbx_host_org_organelle            ? 
_entity_src_gen.pdbx_host_org_cellular_location    ? 
_entity_src_gen.pdbx_host_org_vector_type          ? 
_entity_src_gen.pdbx_host_org_vector               ? 
_entity_src_gen.host_org_details                   ? 
_entity_src_gen.expression_system_id               ? 
_entity_src_gen.plasmid_name                       ? 
_entity_src_gen.plasmid_details                    ? 
_entity_src_gen.pdbx_description                   ? 
# 
loop_
_chem_comp.id 
_chem_comp.type 
_chem_comp.mon_nstd_flag 
_chem_comp.name 
_chem_comp.pdbx_synonyms 
_chem_comp.formula 
_chem_comp.formula_weight 
ALA 'L-peptide linking' y ALANINE          ? 'C3 H7 N O2'     89.093  
ARG 'L-peptide linking' y ARGININE         ? 'C6 H15 N4 O2 1' 175.209 
ASN 'L-peptide linking' y ASPARAGINE       ? 'C4 H8 N2 O3'    132.118 
ASP 'L-peptide linking' y 'ASPARTIC ACID'  ? 'C4 H7 N O4'     133.103 
CYS 'L-peptide linking' y CYSTEINE         ? 'C3 H7 N O2 S'   121.158 
GLN 'L-peptide linking' y GLUTAMINE        ? 'C5 H10 N2 O3'   146.144 
GLU 'L-peptide linking' y 'GLUTAMIC ACID'  ? 'C5 H9 N O4'     147.129 
GLY 'peptide linking'   y GLYCINE          ? 'C2 H5 N O2'     75.067  
HIS 'L-peptide linking' y HISTIDINE        ? 'C6 H10 N3 O2 1' 156.162 
HOH non-polymer         . WATER            ? 'H2 O'           18.015  
ILE 'L-peptide linking' y ISOLEUCINE       ? 'C6 H13 N O2'    131.173 
LEU 'L-peptide linking' y LEUCINE          ? 'C6 H13 N O2'    131.173 
LYS 'L-peptide linking' y LYSINE           ? 'C6 H15 N2 O2 1' 147.195 
MSE 'L-peptide linking' n SELENOMETHIONINE ? 'C5 H11 N O2 Se' 196.106 
PRO 'L-peptide linking' y PROLINE          ? 'C5 H9 N O2'     115.130 
SER 'L-peptide linking' y SERINE           ? 'C3 H7 N O3'     105.093 
THR 'L-peptide linking' y THREONINE        ? 'C4 H9 N O3'     119.119 
TYR 'L-peptide linking' y TYROSINE         ? 'C9 H11 N O3'    181.189 
VAL 'L-peptide linking' y VALINE           ? 'C5 H11 N O2'    117.146 
# 
loop_
_pdbx_poly_seq_scheme.asym_id 
_pdbx_poly_seq_scheme.entity_id 
_pdbx_poly_seq_scheme.seq_id 
_pdbx_poly_seq_scheme.mon_id 
_pdbx_poly_seq_scheme.ndb_seq_num 
_pdbx_poly_seq_scheme.pdb_seq_num 
_pdbx_poly_seq_scheme.auth_seq_num 
_pdbx_poly_seq_scheme.pdb_mon_id 
_pdbx_poly_seq_scheme.auth_mon_id 
_pdbx_poly_seq_scheme.pdb_strand_id 
_pdbx_poly_seq_scheme.pdb_ins_code 
_pdbx_poly_seq_scheme.hetero 
A 1 1  CYS 1  20 ?  ?   ?   A . n 
A 1 2  THR 2  21 ?  ?   ?   A . n 
A 1 3  THR 3  22 22 THR THR A . n 
A 1 4  ASN 4  23 23 ASN ASN A . n 
A 1 5  TYR 5  24 24 TYR TYR A . n 
A 1 6  VAL 6  25 25 VAL VAL A . n 
A 1 7  MSE 7  26 26 MSE MSE A . n 
A 1 8  THR 8  27 27 THR THR A . n 
A 1 9  THR 9  28 28 THR THR A . n 
A 1 10 LYS 10 29 29 LYS LYS A . n 
A 1 11 ASN 11 30 30 ASN ASN A . n 
A 1 12 GLY 12 31 31 GLY GLY A . n 
A 1 13 GLN 13 32 32 GLN GLN A . n 
A 1 14 THR 14 33 33 THR THR A . n 
A 1 15 ILE 15 34 34 ILE ILE A . n 
A 1 16 VAL 16 35 35 VAL VAL A . n 
A 1 17 THR 17 36 36 THR THR A . n 
A 1 18 GLN 18 37 37 GLN GLN A . n 
A 1 19 GLY 19 38 38 GLY GLY A . n 
A 1 20 LYS 20 39 39 LYS LYS A . n 
A 1 21 PRO 21 40 40 PRO PRO A . n 
A 1 22 GLN 22 41 41 GLN GLN A . n 
A 1 23 LEU 23 42 42 LEU LEU A . n 
A 1 24 ASP 24 43 43 ASP ASP A . n 
A 1 25 LYS 25 44 44 LYS LYS A . n 
A 1 26 GLU 26 45 45 GLU GLU A . n 
A 1 27 THR 27 46 46 THR THR A . n 
A 1 28 GLY 28 47 47 GLY GLY A . n 
A 1 29 MSE 29 48 48 MSE MSE A . n 
A 1 30 THR 30 49 49 THR THR A . n 
A 1 31 SER 31 50 50 SER SER A . n 
A 1 32 TYR 32 51 51 TYR TYR A . n 
A 1 33 THR 33 52 52 THR THR A . n 
A 1 34 ASP 34 53 53 ASP ASP A . n 
A 1 35 GLN 35 54 54 GLN GLN A . n 
A 1 36 GLU 36 55 55 GLU GLU A . n 
A 1 37 GLY 37 56 56 GLY GLY A . n 
A 1 38 ASN 38 57 57 ASN ASN A . n 
A 1 39 GLN 39 58 58 GLN GLN A . n 
A 1 40 ARG 40 59 59 ARG ARG A . n 
A 1 41 GLU 41 60 60 GLU GLU A . n 
A 1 42 ILE 42 61 61 ILE ILE A . n 
A 1 43 ASN 43 62 62 ASN ASN A . n 
A 1 44 SER 44 63 63 SER SER A . n 
A 1 45 ASN 45 64 64 ASN ASN A . n 
A 1 46 ASP 46 65 65 ASP ASP A . n 
A 1 47 VAL 47 66 66 VAL VAL A . n 
A 1 48 ALA 48 67 67 ALA ALA A . n 
A 1 49 GLN 49 68 68 GLN GLN A . n 
A 1 50 LEU 50 69 69 LEU LEU A . n 
A 1 51 ILE 51 70 70 ILE ILE A . n 
A 1 52 LYS 52 71 71 LYS LYS A . n 
A 1 53 ALA 53 72 72 ALA ALA A . n 
A 1 54 ASP 54 73 73 ASP ASP A . n 
A 1 55 LEU 55 74 74 LEU LEU A . n 
A 1 56 GLU 56 75 75 GLU GLU A . n 
A 1 57 HIS 57 76 76 HIS HIS A . n 
A 1 58 HIS 58 77 77 HIS HIS A . n 
A 1 59 HIS 59 78 78 HIS HIS A . n 
A 1 60 HIS 60 79 ?  ?   ?   A . n 
A 1 61 HIS 61 80 ?  ?   ?   A . n 
A 1 62 HIS 62 81 ?  ?   ?   A . n 
B 1 1  CYS 1  20 ?  ?   ?   B . n 
B 1 2  THR 2  21 21 THR THR B . n 
B 1 3  THR 3  22 22 THR THR B . n 
B 1 4  ASN 4  23 23 ASN ASN B . n 
B 1 5  TYR 5  24 24 TYR TYR B . n 
B 1 6  VAL 6  25 25 VAL VAL B . n 
B 1 7  MSE 7  26 26 MSE MSE B . n 
B 1 8  THR 8  27 27 THR THR B . n 
B 1 9  THR 9  28 28 THR THR B . n 
B 1 10 LYS 10 29 29 LYS LYS B . n 
B 1 11 ASN 11 30 30 ASN ASN B . n 
B 1 12 GLY 12 31 31 GLY GLY B . n 
B 1 13 GLN 13 32 32 GLN GLN B . n 
B 1 14 THR 14 33 33 THR THR B . n 
B 1 15 ILE 15 34 34 ILE ILE B . n 
B 1 16 VAL 16 35 35 VAL VAL B . n 
B 1 17 THR 17 36 36 THR THR B . n 
B 1 18 GLN 18 37 37 GLN GLN B . n 
B 1 19 GLY 19 38 38 GLY GLY B . n 
B 1 20 LYS 20 39 39 LYS LYS B . n 
B 1 21 PRO 21 40 40 PRO PRO B . n 
B 1 22 GLN 22 41 41 GLN GLN B . n 
B 1 23 LEU 23 42 42 LEU LEU B . n 
B 1 24 ASP 24 43 43 ASP ASP B . n 
B 1 25 LYS 25 44 44 LYS LYS B . n 
B 1 26 GLU 26 45 45 GLU GLU B . n 
B 1 27 THR 27 46 46 THR THR B . n 
B 1 28 GLY 28 47 47 GLY GLY B . n 
B 1 29 MSE 29 48 48 MSE MSE B . n 
B 1 30 THR 30 49 49 THR THR B . n 
B 1 31 SER 31 50 50 SER SER B . n 
B 1 32 TYR 32 51 51 TYR TYR B . n 
B 1 33 THR 33 52 52 THR THR B . n 
B 1 34 ASP 34 53 53 ASP ASP B . n 
B 1 35 GLN 35 54 54 GLN GLN B . n 
B 1 36 GLU 36 55 55 GLU GLU B . n 
B 1 37 GLY 37 56 56 GLY GLY B . n 
B 1 38 ASN 38 57 57 ASN ASN B . n 
B 1 39 GLN 39 58 58 GLN GLN B . n 
B 1 40 ARG 40 59 59 ARG ARG B . n 
B 1 41 GLU 41 60 60 GLU GLU B . n 
B 1 42 ILE 42 61 61 ILE ILE B . n 
B 1 43 ASN 43 62 62 ASN ASN B . n 
B 1 44 SER 44 63 63 SER SER B . n 
B 1 45 ASN 45 64 64 ASN ASN B . n 
B 1 46 ASP 46 65 65 ASP ASP B . n 
B 1 47 VAL 47 66 66 VAL VAL B . n 
B 1 48 ALA 48 67 67 ALA ALA B . n 
B 1 49 GLN 49 68 68 GLN GLN B . n 
B 1 50 LEU 50 69 69 LEU LEU B . n 
B 1 51 ILE 51 70 70 ILE ILE B . n 
B 1 52 LYS 52 71 71 LYS LYS B . n 
B 1 53 ALA 53 72 72 ALA ALA B . n 
B 1 54 ASP 54 73 73 ASP ASP B . n 
B 1 55 LEU 55 74 74 LEU LEU B . n 
B 1 56 GLU 56 75 75 GLU GLU B . n 
B 1 57 HIS 57 76 76 HIS HIS B . n 
B 1 58 HIS 58 77 77 HIS HIS B . n 
B 1 59 HIS 59 78 78 HIS HIS B . n 
B 1 60 HIS 60 79 ?  ?   ?   B . n 
B 1 61 HIS 61 80 ?  ?   ?   B . n 
B 1 62 HIS 62 81 ?  ?   ?   B . n 
C 1 1  CYS 1  20 ?  ?   ?   C . n 
C 1 2  THR 2  21 21 THR THR C . n 
C 1 3  THR 3  22 22 THR THR C . n 
C 1 4  ASN 4  23 23 ASN ASN C . n 
C 1 5  TYR 5  24 24 TYR TYR C . n 
C 1 6  VAL 6  25 25 VAL VAL C . n 
C 1 7  MSE 7  26 26 MSE MSE C . n 
C 1 8  THR 8  27 27 THR THR C . n 
C 1 9  THR 9  28 28 THR THR C . n 
C 1 10 LYS 10 29 29 LYS LYS C . n 
C 1 11 ASN 11 30 30 ASN ASN C . n 
C 1 12 GLY 12 31 31 GLY GLY C . n 
C 1 13 GLN 13 32 32 GLN GLN C . n 
C 1 14 THR 14 33 33 THR THR C . n 
C 1 15 ILE 15 34 34 ILE ILE C . n 
C 1 16 VAL 16 35 35 VAL VAL C . n 
C 1 17 THR 17 36 36 THR THR C . n 
C 1 18 GLN 18 37 37 GLN GLN C . n 
C 1 19 GLY 19 38 38 GLY GLY C . n 
C 1 20 LYS 20 39 39 LYS LYS C . n 
C 1 21 PRO 21 40 40 PRO PRO C . n 
C 1 22 GLN 22 41 41 GLN GLN C . n 
C 1 23 LEU 23 42 42 LEU LEU C . n 
C 1 24 ASP 24 43 43 ASP ASP C . n 
C 1 25 LYS 25 44 44 LYS LYS C . n 
C 1 26 GLU 26 45 45 GLU GLU C . n 
C 1 27 THR 27 46 46 THR THR C . n 
C 1 28 GLY 28 47 47 GLY GLY C . n 
C 1 29 MSE 29 48 48 MSE MSE C . n 
C 1 30 THR 30 49 49 THR THR C . n 
C 1 31 SER 31 50 50 SER SER C . n 
C 1 32 TYR 32 51 51 TYR TYR C . n 
C 1 33 THR 33 52 52 THR THR C . n 
C 1 34 ASP 34 53 53 ASP ASP C . n 
C 1 35 GLN 35 54 54 GLN GLN C . n 
C 1 36 GLU 36 55 55 GLU GLU C . n 
C 1 37 GLY 37 56 56 GLY GLY C . n 
C 1 38 ASN 38 57 57 ASN ASN C . n 
C 1 39 GLN 39 58 58 GLN GLN C . n 
C 1 40 ARG 40 59 59 ARG ARG C . n 
C 1 41 GLU 41 60 60 GLU GLU C . n 
C 1 42 ILE 42 61 61 ILE ILE C . n 
C 1 43 ASN 43 62 62 ASN ASN C . n 
C 1 44 SER 44 63 63 SER SER C . n 
C 1 45 ASN 45 64 64 ASN ASN C . n 
C 1 46 ASP 46 65 65 ASP ASP C . n 
C 1 47 VAL 47 66 66 VAL VAL C . n 
C 1 48 ALA 48 67 67 ALA ALA C . n 
C 1 49 GLN 49 68 68 GLN GLN C . n 
C 1 50 LEU 50 69 69 LEU LEU C . n 
C 1 51 ILE 51 70 70 ILE ILE C . n 
C 1 52 LYS 52 71 71 LYS LYS C . n 
C 1 53 ALA 53 72 72 ALA ALA C . n 
C 1 54 ASP 54 73 73 ASP ASP C . n 
C 1 55 LEU 55 74 74 LEU LEU C . n 
C 1 56 GLU 56 75 75 GLU GLU C . n 
C 1 57 HIS 57 76 76 HIS HIS C . n 
C 1 58 HIS 58 77 77 HIS HIS C . n 
C 1 59 HIS 59 78 78 HIS HIS C . n 
C 1 60 HIS 60 79 ?  ?   ?   C . n 
C 1 61 HIS 61 80 ?  ?   ?   C . n 
C 1 62 HIS 62 81 ?  ?   ?   C . n 
# 
loop_
_pdbx_nonpoly_scheme.asym_id 
_pdbx_nonpoly_scheme.entity_id 
_pdbx_nonpoly_scheme.mon_id 
_pdbx_nonpoly_scheme.ndb_seq_num 
_pdbx_nonpoly_scheme.pdb_seq_num 
_pdbx_nonpoly_scheme.auth_seq_num 
_pdbx_nonpoly_scheme.pdb_mon_id 
_pdbx_nonpoly_scheme.auth_mon_id 
_pdbx_nonpoly_scheme.pdb_strand_id 
_pdbx_nonpoly_scheme.pdb_ins_code 
D 2 HOH 1  82 1  HOH TIP A . 
D 2 HOH 2  83 7  HOH TIP A . 
D 2 HOH 3  84 8  HOH TIP A . 
D 2 HOH 4  85 9  HOH TIP A . 
D 2 HOH 5  86 11 HOH TIP A . 
D 2 HOH 6  87 12 HOH TIP A . 
D 2 HOH 7  88 13 HOH TIP A . 
D 2 HOH 8  89 19 HOH TIP A . 
D 2 HOH 9  90 20 HOH TIP A . 
D 2 HOH 10 91 21 HOH TIP A . 
D 2 HOH 11 92 23 HOH TIP A . 
D 2 HOH 12 93 32 HOH TIP A . 
D 2 HOH 13 94 33 HOH TIP A . 
D 2 HOH 14 95 35 HOH TIP A . 
D 2 HOH 15 96 39 HOH TIP A . 
E 2 HOH 1  82 4  HOH TIP B . 
E 2 HOH 2  83 5  HOH TIP B . 
E 2 HOH 3  84 6  HOH TIP B . 
E 2 HOH 4  85 14 HOH TIP B . 
E 2 HOH 5  86 16 HOH TIP B . 
E 2 HOH 6  87 18 HOH TIP B . 
E 2 HOH 7  88 24 HOH TIP B . 
E 2 HOH 8  89 26 HOH TIP B . 
E 2 HOH 9  90 28 HOH TIP B . 
E 2 HOH 10 91 29 HOH TIP B . 
E 2 HOH 11 92 37 HOH TIP B . 
E 2 HOH 12 93 38 HOH TIP B . 
E 2 HOH 13 94 41 HOH TIP B . 
E 2 HOH 14 95 42 HOH TIP B . 
E 2 HOH 15 96 44 HOH TIP B . 
E 2 HOH 16 97 47 HOH TIP B . 
E 2 HOH 17 98 48 HOH TIP B . 
F 2 HOH 1  82 2  HOH TIP C . 
F 2 HOH 2  83 3  HOH TIP C . 
F 2 HOH 3  84 10 HOH TIP C . 
F 2 HOH 4  85 15 HOH TIP C . 
F 2 HOH 5  86 17 HOH TIP C . 
F 2 HOH 6  87 22 HOH TIP C . 
F 2 HOH 7  88 25 HOH TIP C . 
F 2 HOH 8  89 30 HOH TIP C . 
F 2 HOH 9  90 31 HOH TIP C . 
F 2 HOH 10 91 34 HOH TIP C . 
F 2 HOH 11 92 36 HOH TIP C . 
F 2 HOH 12 93 40 HOH TIP C . 
F 2 HOH 13 94 43 HOH TIP C . 
F 2 HOH 14 95 45 HOH TIP C . 
F 2 HOH 15 96 46 HOH TIP C . 
# 
loop_
_software.name 
_software.classification 
_software.version 
_software.citation_id 
_software.pdbx_ordinal 
CNS      refinement        1.2     ? 1 
ADSC     'data collection' Quantum ? 2 
HKL-2000 'data reduction'  .       ? 3 
HKL-2000 'data scaling'    .       ? 4 
SnB      phasing           .       ? 5 
# 
_cell.entry_id           2RD1 
_cell.length_a           57.696 
_cell.length_b           57.696 
_cell.length_c           100.420 
_cell.angle_alpha        90.00 
_cell.angle_beta         90.00 
_cell.angle_gamma        90.00 
_cell.Z_PDB              24 
_cell.pdbx_unique_axis   ? 
_cell.length_a_esd       ? 
_cell.length_b_esd       ? 
_cell.length_c_esd       ? 
_cell.angle_alpha_esd    ? 
_cell.angle_beta_esd     ? 
_cell.angle_gamma_esd    ? 
# 
_symmetry.entry_id                         2RD1 
_symmetry.space_group_name_H-M             'P 41 21 2' 
_symmetry.pdbx_full_space_group_name_H-M   ? 
_symmetry.cell_setting                     ? 
_symmetry.Int_Tables_number                92 
_symmetry.space_group_name_Hall            ? 
# 
_exptl.entry_id          2RD1 
_exptl.method            'X-RAY DIFFRACTION' 
_exptl.crystals_number   1 
# 
_exptl_crystal.id                    1 
_exptl_crystal.density_meas          ? 
_exptl_crystal.density_Matthews      1.95 
_exptl_crystal.density_percent_sol   36.85 
_exptl_crystal.description           'The structure factor file contains Friedel pairs' 
_exptl_crystal.F_000                 ? 
_exptl_crystal.preparation           ? 
# 
_exptl_crystal_grow.crystal_id      1 
_exptl_crystal_grow.method          'VAPOR DIFFUSION, HANGING DROP' 
_exptl_crystal_grow.temp            293 
_exptl_crystal_grow.temp_details    ? 
_exptl_crystal_grow.pH              9.1 
_exptl_crystal_grow.pdbx_details    '18% PEG 4000, 0.1M Ammonium chloride, pH 9.1, VAPOR DIFFUSION, HANGING DROP, temperature 293K' 
_exptl_crystal_grow.pdbx_pH_range   . 
# 
_diffrn.id                     1 
_diffrn.ambient_temp           100 
_diffrn.ambient_temp_details   ? 
_diffrn.crystal_id             1 
# 
_diffrn_detector.diffrn_id              1 
_diffrn_detector.detector               CCD 
_diffrn_detector.type                   'ADSC QUANTUM 210' 
_diffrn_detector.pdbx_collection_date   2007-09-11 
_diffrn_detector.details                ? 
# 
_diffrn_radiation.diffrn_id                        1 
_diffrn_radiation.wavelength_id                    1 
_diffrn_radiation.pdbx_monochromatic_or_laue_m_l   M 
_diffrn_radiation.monochromator                    ? 
_diffrn_radiation.pdbx_diffrn_protocol             'SINGLE WAVELENGTH' 
_diffrn_radiation.pdbx_scattering_type             x-ray 
# 
_diffrn_radiation_wavelength.id           1 
_diffrn_radiation_wavelength.wavelength   0.97900 
_diffrn_radiation_wavelength.wt           1.0 
# 
_diffrn_source.diffrn_id                   1 
_diffrn_source.source                      SYNCHROTRON 
_diffrn_source.type                        'NSLS BEAMLINE X4A' 
_diffrn_source.pdbx_synchrotron_site       NSLS 
_diffrn_source.pdbx_synchrotron_beamline   X4A 
_diffrn_source.pdbx_wavelength             ? 
_diffrn_source.pdbx_wavelength_list        0.97900 
# 
_reflns.entry_id                     2RD1 
_reflns.observed_criterion_sigma_I   -3.0 
_reflns.observed_criterion_sigma_F   ? 
_reflns.d_resolution_low             50.0 
_reflns.d_resolution_high            2.3 
_reflns.number_obs                   14487 
_reflns.number_all                   ? 
_reflns.percent_possible_obs         100.00 
_reflns.pdbx_Rmerge_I_obs            0.085 
_reflns.pdbx_Rsym_value              ? 
_reflns.pdbx_netI_over_sigmaI        25.6 
_reflns.B_iso_Wilson_estimate        19.5 
_reflns.pdbx_redundancy              34.8 
_reflns.R_free_details               ? 
_reflns.limit_h_max                  ? 
_reflns.limit_h_min                  ? 
_reflns.limit_k_max                  ? 
_reflns.limit_k_min                  ? 
_reflns.limit_l_max                  ? 
_reflns.limit_l_min                  ? 
_reflns.observed_criterion_F_max     ? 
_reflns.observed_criterion_F_min     ? 
_reflns.pdbx_chi_squared             ? 
_reflns.pdbx_scaling_rejects         ? 
_reflns.pdbx_diffrn_id               1 
_reflns.pdbx_ordinal                 1 
# 
_reflns_shell.d_res_high             2.30 
_reflns_shell.d_res_low              2.38 
_reflns_shell.percent_possible_all   100 
_reflns_shell.Rmerge_I_obs           0.448 
_reflns_shell.pdbx_Rsym_value        ? 
_reflns_shell.meanI_over_sigI_obs    7.1 
_reflns_shell.pdbx_redundancy        ? 
_reflns_shell.percent_possible_obs   ? 
_reflns_shell.number_unique_all      ? 
_reflns_shell.number_measured_all    ? 
_reflns_shell.number_measured_obs    ? 
_reflns_shell.number_unique_obs      ? 
_reflns_shell.pdbx_chi_squared       ? 
_reflns_shell.pdbx_diffrn_id         ? 
_reflns_shell.pdbx_ordinal           1 
# 
_refine.entry_id                                 2RD1 
_refine.ls_number_reflns_obs                     7959 
_refine.ls_number_reflns_all                     ? 
_refine.pdbx_ls_sigma_I                          ? 
_refine.pdbx_ls_sigma_F                          2.0 
_refine.pdbx_data_cutoff_high_absF               127079.53 
_refine.pdbx_data_cutoff_low_absF                0.000000 
_refine.pdbx_data_cutoff_high_rms_absF           ? 
_refine.ls_d_res_low                             19.99 
_refine.ls_d_res_high                            2.30 
_refine.ls_percent_reflns_obs                    91.9 
_refine.ls_R_factor_obs                          0.207 
_refine.ls_R_factor_all                          ? 
_refine.ls_R_factor_R_work                       0.207 
_refine.ls_R_factor_R_free                       0.264 
_refine.ls_R_factor_R_free_error                 0.010 
_refine.ls_R_factor_R_free_error_details         ? 
_refine.ls_percent_reflns_R_free                 5.0 
_refine.ls_number_reflns_R_free                  658 
_refine.ls_number_parameters                     ? 
_refine.ls_number_restraints                     ? 
_refine.occupancy_min                            ? 
_refine.occupancy_max                            ? 
_refine.correlation_coeff_Fo_to_Fc               ? 
_refine.correlation_coeff_Fo_to_Fc_free          ? 
_refine.B_iso_mean                               40.1 
_refine.aniso_B[1][1]                            1.76 
_refine.aniso_B[2][2]                            1.76 
_refine.aniso_B[3][3]                            -3.53 
_refine.aniso_B[1][2]                            0.00 
_refine.aniso_B[1][3]                            0.00 
_refine.aniso_B[2][3]                            0.00 
_refine.solvent_model_details                    'FLAT MODEL' 
_refine.solvent_model_param_ksol                 0.35 
_refine.solvent_model_param_bsol                 34.6913 
_refine.pdbx_solvent_vdw_probe_radii             ? 
_refine.pdbx_solvent_ion_probe_radii             ? 
_refine.pdbx_solvent_shrinkage_radii             ? 
_refine.pdbx_ls_cross_valid_method               THROUGHOUT 
_refine.details                                  
'The Friedel pairs were used in phasing. Bulk solvent model was used in refinement' 
_refine.pdbx_starting_model                      ? 
_refine.pdbx_method_to_determine_struct          SAD 
_refine.pdbx_isotropic_thermal_model             RESTRAINED 
_refine.pdbx_stereochemistry_target_values       'Engh & Huber' 
_refine.pdbx_stereochem_target_val_spec_case     ? 
_refine.pdbx_R_Free_selection_details            RANDOM 
_refine.pdbx_overall_ESU_R                       ? 
_refine.pdbx_overall_ESU_R_Free                  ? 
_refine.overall_SU_ML                            ? 
_refine.overall_SU_B                             ? 
_refine.ls_redundancy_reflns_obs                 ? 
_refine.B_iso_min                                ? 
_refine.B_iso_max                                ? 
_refine.overall_SU_R_Cruickshank_DPI             ? 
_refine.overall_SU_R_free                        ? 
_refine.ls_wR_factor_R_free                      ? 
_refine.ls_wR_factor_R_work                      ? 
_refine.overall_FOM_free_R_set                   ? 
_refine.overall_FOM_work_R_set                   ? 
_refine.pdbx_refine_id                           'X-RAY DIFFRACTION' 
_refine.pdbx_diffrn_id                           1 
_refine.pdbx_TLS_residual_ADP_flag               ? 
_refine.pdbx_overall_phase_error                 ? 
_refine.pdbx_overall_SU_R_free_Cruickshank_DPI   ? 
_refine.pdbx_overall_SU_R_Blow_DPI               ? 
_refine.pdbx_overall_SU_R_free_Blow_DPI          ? 
# 
_refine_analyze.entry_id                        2RD1 
_refine_analyze.Luzzati_coordinate_error_obs    0.27 
_refine_analyze.Luzzati_sigma_a_obs             0.21 
_refine_analyze.Luzzati_d_res_low_obs           5.00 
_refine_analyze.Luzzati_coordinate_error_free   0.36 
_refine_analyze.Luzzati_sigma_a_free            0.32 
_refine_analyze.Luzzati_d_res_low_free          ? 
_refine_analyze.number_disordered_residues      ? 
_refine_analyze.occupancy_sum_hydrogen          ? 
_refine_analyze.occupancy_sum_non_hydrogen      ? 
_refine_analyze.pdbx_Luzzati_d_res_high_obs     ? 
_refine_analyze.pdbx_refine_id                  'X-RAY DIFFRACTION' 
# 
_refine_hist.pdbx_refine_id                   'X-RAY DIFFRACTION' 
_refine_hist.cycle_id                         LAST 
_refine_hist.pdbx_number_atoms_protein        1361 
_refine_hist.pdbx_number_atoms_nucleic_acid   0 
_refine_hist.pdbx_number_atoms_ligand         0 
_refine_hist.number_atoms_solvent             48 
_refine_hist.number_atoms_total               1409 
_refine_hist.d_res_high                       2.30 
_refine_hist.d_res_low                        19.99 
# 
loop_
_refine_ls_restr.type 
_refine_ls_restr.dev_ideal 
_refine_ls_restr.dev_ideal_target 
_refine_ls_restr.weight 
_refine_ls_restr.number 
_refine_ls_restr.pdbx_refine_id 
_refine_ls_restr.pdbx_restraint_function 
c_bond_d           0.006 ? ? ? 'X-RAY DIFFRACTION' ? 
c_angle_deg        1.3   ? ? ? 'X-RAY DIFFRACTION' ? 
c_dihedral_angle_d 26.7  ? ? ? 'X-RAY DIFFRACTION' ? 
c_improper_angle_d 0.69  ? ? ? 'X-RAY DIFFRACTION' ? 
# 
_refine_ls_shell.pdbx_total_number_of_bins_used   6 
_refine_ls_shell.d_res_high                       2.30 
_refine_ls_shell.d_res_low                        2.44 
_refine_ls_shell.number_reflns_R_work             1859 
_refine_ls_shell.R_factor_R_work                  0.227 
_refine_ls_shell.percent_reflns_obs               82.5 
_refine_ls_shell.R_factor_R_free                  0.319 
_refine_ls_shell.R_factor_R_free_error            0.032 
_refine_ls_shell.percent_reflns_R_free            5.2 
_refine_ls_shell.number_reflns_R_free             101 
_refine_ls_shell.number_reflns_all                ? 
_refine_ls_shell.R_factor_all                     ? 
_refine_ls_shell.number_reflns_obs                ? 
_refine_ls_shell.redundancy_reflns_obs            ? 
_refine_ls_shell.pdbx_refine_id                   'X-RAY DIFFRACTION' 
# 
loop_
_pdbx_xplor_file.serial_no 
_pdbx_xplor_file.param_file 
_pdbx_xplor_file.topol_file 
_pdbx_xplor_file.pdbx_refine_id 
1 protein_rep.param protein.top 'X-RAY DIFFRACTION' 
2 water.param       water.top   'X-RAY DIFFRACTION' 
# 
_struct.entry_id                  2RD1 
_struct.title                     'X-Ray structure of the protein Q7CQI7. Northeast Structural Genomics Consortium target StR87A' 
_struct.pdbx_model_details        ? 
_struct.pdbx_CASP_flag            ? 
_struct.pdbx_model_type_details   ? 
# 
_struct_keywords.entry_id        2RD1 
_struct_keywords.pdbx_keywords   'STRUCTURAL GENOMICS, UNKNOWN FUNCTION' 
_struct_keywords.text            
;NESG, Q7CQI7, StR87A, Structural Genomics, PSI-2, Protein Structure Initiative, Northeast Structural Genomics Consortium, Lipoprotein, UNKNOWN FUNCTION
;
# 
loop_
_struct_asym.id 
_struct_asym.pdbx_blank_PDB_chainid_flag 
_struct_asym.pdbx_modified 
_struct_asym.entity_id 
_struct_asym.details 
A N N 1 ? 
B N N 1 ? 
C N N 1 ? 
D N N 2 ? 
E N N 2 ? 
F N N 2 ? 
# 
_struct_ref.id                         1 
_struct_ref.db_name                    UNP 
_struct_ref.db_code                    Q7CQI7_SALTY 
_struct_ref.pdbx_db_accession          Q7CQI7 
_struct_ref.entity_id                  1 
_struct_ref.pdbx_seq_one_letter_code   CTTNYVMTTKNGQTIVTQGKPQLDKETGMTSYTDQEGNQREINSNDVAQLIKAD 
_struct_ref.pdbx_align_begin           20 
_struct_ref.pdbx_db_isoform            ? 
# 
loop_
_struct_ref_seq.align_id 
_struct_ref_seq.ref_id 
_struct_ref_seq.pdbx_PDB_id_code 
_struct_ref_seq.pdbx_strand_id 
_struct_ref_seq.seq_align_beg 
_struct_ref_seq.pdbx_seq_align_beg_ins_code 
_struct_ref_seq.seq_align_end 
_struct_ref_seq.pdbx_seq_align_end_ins_code 
_struct_ref_seq.pdbx_db_accession 
_struct_ref_seq.db_align_beg 
_struct_ref_seq.pdbx_db_align_beg_ins_code 
_struct_ref_seq.db_align_end 
_struct_ref_seq.pdbx_db_align_end_ins_code 
_struct_ref_seq.pdbx_auth_seq_align_beg 
_struct_ref_seq.pdbx_auth_seq_align_end 
1 1 2RD1 A 1 ? 54 ? Q7CQI7 20 ? 73 ? 20 73 
2 1 2RD1 B 1 ? 54 ? Q7CQI7 20 ? 73 ? 20 73 
3 1 2RD1 C 1 ? 54 ? Q7CQI7 20 ? 73 ? 20 73 
# 
loop_
_struct_ref_seq_dif.align_id 
_struct_ref_seq_dif.pdbx_pdb_id_code 
_struct_ref_seq_dif.mon_id 
_struct_ref_seq_dif.pdbx_pdb_strand_id 
_struct_ref_seq_dif.seq_num 
_struct_ref_seq_dif.pdbx_pdb_ins_code 
_struct_ref_seq_dif.pdbx_seq_db_name 
_struct_ref_seq_dif.pdbx_seq_db_accession_code 
_struct_ref_seq_dif.db_mon_id 
_struct_ref_seq_dif.pdbx_seq_db_seq_num 
_struct_ref_seq_dif.details 
_struct_ref_seq_dif.pdbx_auth_seq_num 
_struct_ref_seq_dif.pdbx_ordinal 
1 2RD1 LEU A 55 ? UNP Q7CQI7 ? ? 'expression tag' 74 1  
1 2RD1 GLU A 56 ? UNP Q7CQI7 ? ? 'expression tag' 75 2  
1 2RD1 HIS A 57 ? UNP Q7CQI7 ? ? 'expression tag' 76 3  
1 2RD1 HIS A 58 ? UNP Q7CQI7 ? ? 'expression tag' 77 4  
1 2RD1 HIS A 59 ? UNP Q7CQI7 ? ? 'expression tag' 78 5  
1 2RD1 HIS A 60 ? UNP Q7CQI7 ? ? 'expression tag' 79 6  
1 2RD1 HIS A 61 ? UNP Q7CQI7 ? ? 'expression tag' 80 7  
1 2RD1 HIS A 62 ? UNP Q7CQI7 ? ? 'expression tag' 81 8  
2 2RD1 LEU B 55 ? UNP Q7CQI7 ? ? 'expression tag' 74 9  
2 2RD1 GLU B 56 ? UNP Q7CQI7 ? ? 'expression tag' 75 10 
2 2RD1 HIS B 57 ? UNP Q7CQI7 ? ? 'expression tag' 76 11 
2 2RD1 HIS B 58 ? UNP Q7CQI7 ? ? 'expression tag' 77 12 
2 2RD1 HIS B 59 ? UNP Q7CQI7 ? ? 'expression tag' 78 13 
2 2RD1 HIS B 60 ? UNP Q7CQI7 ? ? 'expression tag' 79 14 
2 2RD1 HIS B 61 ? UNP Q7CQI7 ? ? 'expression tag' 80 15 
2 2RD1 HIS B 62 ? UNP Q7CQI7 ? ? 'expression tag' 81 16 
3 2RD1 LEU C 55 ? UNP Q7CQI7 ? ? 'expression tag' 74 17 
3 2RD1 GLU C 56 ? UNP Q7CQI7 ? ? 'expression tag' 75 18 
3 2RD1 HIS C 57 ? UNP Q7CQI7 ? ? 'expression tag' 76 19 
3 2RD1 HIS C 58 ? UNP Q7CQI7 ? ? 'expression tag' 77 20 
3 2RD1 HIS C 59 ? UNP Q7CQI7 ? ? 'expression tag' 78 21 
3 2RD1 HIS C 60 ? UNP Q7CQI7 ? ? 'expression tag' 79 22 
3 2RD1 HIS C 61 ? UNP Q7CQI7 ? ? 'expression tag' 80 23 
3 2RD1 HIS C 62 ? UNP Q7CQI7 ? ? 'expression tag' 81 24 
# 
loop_
_pdbx_struct_assembly.id 
_pdbx_struct_assembly.details 
_pdbx_struct_assembly.method_details 
_pdbx_struct_assembly.oligomeric_details 
_pdbx_struct_assembly.oligomeric_count 
1 author_defined_assembly   ?    monomeric 1 
2 author_defined_assembly   ?    monomeric 1 
3 author_defined_assembly   ?    monomeric 1 
4 software_defined_assembly PISA dimeric   2 
5 software_defined_assembly PISA dimeric   2 
# 
loop_
_pdbx_struct_assembly_prop.biol_id 
_pdbx_struct_assembly_prop.type 
_pdbx_struct_assembly_prop.value 
_pdbx_struct_assembly_prop.details 
4 'ABSA (A^2)' 1930 ? 
5 'ABSA (A^2)' 2120 ? 
# 
loop_
_pdbx_struct_assembly_gen.assembly_id 
_pdbx_struct_assembly_gen.oper_expression 
_pdbx_struct_assembly_gen.asym_id_list 
1 1   A,D 
2 1   B,E 
3 1   C,F 
4 1   A,D 
4 2   C,F 
5 1,2 B,E 
# 
loop_
_pdbx_struct_oper_list.id 
_pdbx_struct_oper_list.type 
_pdbx_struct_oper_list.name 
_pdbx_struct_oper_list.symmetry_operation 
_pdbx_struct_oper_list.matrix[1][1] 
_pdbx_struct_oper_list.matrix[1][2] 
_pdbx_struct_oper_list.matrix[1][3] 
_pdbx_struct_oper_list.vector[1] 
_pdbx_struct_oper_list.matrix[2][1] 
_pdbx_struct_oper_list.matrix[2][2] 
_pdbx_struct_oper_list.matrix[2][3] 
_pdbx_struct_oper_list.vector[2] 
_pdbx_struct_oper_list.matrix[3][1] 
_pdbx_struct_oper_list.matrix[3][2] 
_pdbx_struct_oper_list.matrix[3][3] 
_pdbx_struct_oper_list.vector[3] 
1 'identity operation'         1_555 x,y,z            1.0000000000  0.0000000000 0.0000000000  0.0000000000  0.0000000000 1.0000000000  0.0000000000  0.0000000000   0.0000000000  0.0000000000  1.0000000000  0.0000000000  
2 'crystal symmetry operation' 8_665 -y+1,-x+1,-z+1/2 -0.6078882227 0.5042090447 -0.6133882522 12.2038768333 0.5042090447 -0.3516472204 -0.7887442372 -12.8022923158 -0.6133882522 -0.7887442372 -0.0404645569 -2.7221710511 
# 
loop_
_struct_conn.id 
_struct_conn.conn_type_id 
_struct_conn.pdbx_leaving_atom_flag 
_struct_conn.pdbx_PDB_id 
_struct_conn.ptnr1_label_asym_id 
_struct_conn.ptnr1_label_comp_id 
_struct_conn.ptnr1_label_seq_id 
_struct_conn.ptnr1_label_atom_id 
_struct_conn.pdbx_ptnr1_label_alt_id 
_struct_conn.pdbx_ptnr1_PDB_ins_code 
_struct_conn.pdbx_ptnr1_standard_comp_id 
_struct_conn.ptnr1_symmetry 
_struct_conn.ptnr2_label_asym_id 
_struct_conn.ptnr2_label_comp_id 
_struct_conn.ptnr2_label_seq_id 
_struct_conn.ptnr2_label_atom_id 
_struct_conn.pdbx_ptnr2_label_alt_id 
_struct_conn.pdbx_ptnr2_PDB_ins_code 
_struct_conn.ptnr1_auth_asym_id 
_struct_conn.ptnr1_auth_comp_id 
_struct_conn.ptnr1_auth_seq_id 
_struct_conn.ptnr2_auth_asym_id 
_struct_conn.ptnr2_auth_comp_id 
_struct_conn.ptnr2_auth_seq_id 
_struct_conn.ptnr2_symmetry 
_struct_conn.pdbx_ptnr3_label_atom_id 
_struct_conn.pdbx_ptnr3_label_seq_id 
_struct_conn.pdbx_ptnr3_label_comp_id 
_struct_conn.pdbx_ptnr3_label_asym_id 
_struct_conn.pdbx_ptnr3_label_alt_id 
_struct_conn.pdbx_ptnr3_PDB_ins_code 
_struct_conn.details 
_struct_conn.pdbx_dist_value 
_struct_conn.pdbx_value_order 
_struct_conn.pdbx_role 
covale1  covale both ? A VAL 6  C ? ? ? 1_555 A MSE 7  N ? ? A VAL 25 A MSE 26 1_555 ? ? ? ? ? ? ? 1.324 ? ? 
covale2  covale both ? A MSE 7  C ? ? ? 1_555 A THR 8  N ? ? A MSE 26 A THR 27 1_555 ? ? ? ? ? ? ? 1.325 ? ? 
covale3  covale both ? A GLY 28 C ? ? ? 1_555 A MSE 29 N ? ? A GLY 47 A MSE 48 1_555 ? ? ? ? ? ? ? 1.328 ? ? 
covale4  covale both ? A MSE 29 C ? ? ? 1_555 A THR 30 N ? ? A MSE 48 A THR 49 1_555 ? ? ? ? ? ? ? 1.326 ? ? 
covale5  covale both ? B VAL 6  C ? ? ? 1_555 B MSE 7  N ? ? B VAL 25 B MSE 26 1_555 ? ? ? ? ? ? ? 1.322 ? ? 
covale6  covale both ? B MSE 7  C ? ? ? 1_555 B THR 8  N ? ? B MSE 26 B THR 27 1_555 ? ? ? ? ? ? ? 1.326 ? ? 
covale7  covale both ? B GLY 28 C ? ? ? 1_555 B MSE 29 N ? ? B GLY 47 B MSE 48 1_555 ? ? ? ? ? ? ? 1.329 ? ? 
covale8  covale both ? B MSE 29 C ? ? ? 1_555 B THR 30 N ? ? B MSE 48 B THR 49 1_555 ? ? ? ? ? ? ? 1.324 ? ? 
covale9  covale both ? C VAL 6  C ? ? ? 1_555 C MSE 7  N ? ? C VAL 25 C MSE 26 1_555 ? ? ? ? ? ? ? 1.317 ? ? 
covale10 covale both ? C MSE 7  C ? ? ? 1_555 C THR 8  N ? ? C MSE 26 C THR 27 1_555 ? ? ? ? ? ? ? 1.326 ? ? 
covale11 covale both ? C GLY 28 C ? ? ? 1_555 C MSE 29 N ? ? C GLY 47 C MSE 48 1_555 ? ? ? ? ? ? ? 1.330 ? ? 
covale12 covale both ? C MSE 29 C ? ? ? 1_555 C THR 30 N ? ? C MSE 48 C THR 49 1_555 ? ? ? ? ? ? ? 1.328 ? ? 
# 
_struct_conn_type.id          covale 
_struct_conn_type.criteria    ? 
_struct_conn_type.reference   ? 
# 
loop_
_pdbx_modification_feature.ordinal 
_pdbx_modification_feature.label_comp_id 
_pdbx_modification_feature.label_asym_id 
_pdbx_modification_feature.label_seq_id 
_pdbx_modification_feature.label_alt_id 
_pdbx_modification_feature.modified_residue_label_comp_id 
_pdbx_modification_feature.modified_residue_label_asym_id 
_pdbx_modification_feature.modified_residue_label_seq_id 
_pdbx_modification_feature.modified_residue_label_alt_id 
_pdbx_modification_feature.auth_comp_id 
_pdbx_modification_feature.auth_asym_id 
_pdbx_modification_feature.auth_seq_id 
_pdbx_modification_feature.PDB_ins_code 
_pdbx_modification_feature.symmetry 
_pdbx_modification_feature.modified_residue_auth_comp_id 
_pdbx_modification_feature.modified_residue_auth_asym_id 
_pdbx_modification_feature.modified_residue_auth_seq_id 
_pdbx_modification_feature.modified_residue_PDB_ins_code 
_pdbx_modification_feature.modified_residue_symmetry 
_pdbx_modification_feature.comp_id_linking_atom 
_pdbx_modification_feature.modified_residue_id_linking_atom 
_pdbx_modification_feature.modified_residue_id 
_pdbx_modification_feature.ref_pcm_id 
_pdbx_modification_feature.ref_comp_id 
_pdbx_modification_feature.type 
_pdbx_modification_feature.category 
1 MSE A 7  ? . . . . MSE A 26 ? 1_555 . . . . . . . MET 1 MSE Selenomethionine 'Named protein modification' 
2 MSE A 29 ? . . . . MSE A 48 ? 1_555 . . . . . . . MET 1 MSE Selenomethionine 'Named protein modification' 
3 MSE B 7  ? . . . . MSE B 26 ? 1_555 . . . . . . . MET 1 MSE Selenomethionine 'Named protein modification' 
4 MSE B 29 ? . . . . MSE B 48 ? 1_555 . . . . . . . MET 1 MSE Selenomethionine 'Named protein modification' 
5 MSE C 7  ? . . . . MSE C 26 ? 1_555 . . . . . . . MET 1 MSE Selenomethionine 'Named protein modification' 
6 MSE C 29 ? . . . . MSE C 48 ? 1_555 . . . . . . . MET 1 MSE Selenomethionine 'Named protein modification' 
# 
loop_
_struct_sheet.id 
_struct_sheet.type 
_struct_sheet.number_strands 
_struct_sheet.details 
A ? 3 ? 
B ? 3 ? 
C ? 3 ? 
D ? 3 ? 
E ? 3 ? 
F ? 3 ? 
# 
loop_
_struct_sheet_order.sheet_id 
_struct_sheet_order.range_id_1 
_struct_sheet_order.range_id_2 
_struct_sheet_order.offset 
_struct_sheet_order.sense 
A 1 2 ? anti-parallel 
A 2 3 ? anti-parallel 
B 1 2 ? anti-parallel 
B 2 3 ? anti-parallel 
C 1 2 ? anti-parallel 
C 2 3 ? anti-parallel 
D 1 2 ? anti-parallel 
D 2 3 ? anti-parallel 
E 1 2 ? anti-parallel 
E 2 3 ? anti-parallel 
F 1 2 ? anti-parallel 
F 2 3 ? anti-parallel 
# 
loop_
_struct_sheet_range.sheet_id 
_struct_sheet_range.id 
_struct_sheet_range.beg_label_comp_id 
_struct_sheet_range.beg_label_asym_id 
_struct_sheet_range.beg_label_seq_id 
_struct_sheet_range.pdbx_beg_PDB_ins_code 
_struct_sheet_range.end_label_comp_id 
_struct_sheet_range.end_label_asym_id 
_struct_sheet_range.end_label_seq_id 
_struct_sheet_range.pdbx_end_PDB_ins_code 
_struct_sheet_range.beg_auth_comp_id 
_struct_sheet_range.beg_auth_asym_id 
_struct_sheet_range.beg_auth_seq_id 
_struct_sheet_range.end_auth_comp_id 
_struct_sheet_range.end_auth_asym_id 
_struct_sheet_range.end_auth_seq_id 
A 1 THR A 14 ? GLN A 18 ? THR A 33 GLN A 37 
A 2 ASN A 4  ? THR A 9  ? ASN A 23 THR A 28 
A 3 VAL A 47 ? LYS A 52 ? VAL A 66 LYS A 71 
B 1 GLN A 22 ? LEU A 23 ? GLN A 41 LEU A 42 
B 2 MSE A 29 ? THR A 33 ? MSE A 48 THR A 52 
B 3 GLN A 39 ? ASN A 43 ? GLN A 58 ASN A 62 
C 1 THR B 14 ? GLN B 18 ? THR B 33 GLN B 37 
C 2 ASN B 4  ? THR B 9  ? ASN B 23 THR B 28 
C 3 VAL B 47 ? LYS B 52 ? VAL B 66 LYS B 71 
D 1 GLN B 22 ? LEU B 23 ? GLN B 41 LEU B 42 
D 2 MSE B 29 ? THR B 33 ? MSE B 48 THR B 52 
D 3 GLN B 39 ? ASN B 43 ? GLN B 58 ASN B 62 
E 1 THR C 14 ? GLN C 18 ? THR C 33 GLN C 37 
E 2 ASN C 4  ? THR C 9  ? ASN C 23 THR C 28 
E 3 VAL C 47 ? LYS C 52 ? VAL C 66 LYS C 71 
F 1 GLN C 22 ? LEU C 23 ? GLN C 41 LEU C 42 
F 2 MSE C 29 ? THR C 33 ? MSE C 48 THR C 52 
F 3 GLN C 39 ? ASN C 43 ? GLN C 58 ASN C 62 
# 
loop_
_pdbx_struct_sheet_hbond.sheet_id 
_pdbx_struct_sheet_hbond.range_id_1 
_pdbx_struct_sheet_hbond.range_id_2 
_pdbx_struct_sheet_hbond.range_1_label_atom_id 
_pdbx_struct_sheet_hbond.range_1_label_comp_id 
_pdbx_struct_sheet_hbond.range_1_label_asym_id 
_pdbx_struct_sheet_hbond.range_1_label_seq_id 
_pdbx_struct_sheet_hbond.range_1_PDB_ins_code 
_pdbx_struct_sheet_hbond.range_1_auth_atom_id 
_pdbx_struct_sheet_hbond.range_1_auth_comp_id 
_pdbx_struct_sheet_hbond.range_1_auth_asym_id 
_pdbx_struct_sheet_hbond.range_1_auth_seq_id 
_pdbx_struct_sheet_hbond.range_2_label_atom_id 
_pdbx_struct_sheet_hbond.range_2_label_comp_id 
_pdbx_struct_sheet_hbond.range_2_label_asym_id 
_pdbx_struct_sheet_hbond.range_2_label_seq_id 
_pdbx_struct_sheet_hbond.range_2_PDB_ins_code 
_pdbx_struct_sheet_hbond.range_2_auth_atom_id 
_pdbx_struct_sheet_hbond.range_2_auth_comp_id 
_pdbx_struct_sheet_hbond.range_2_auth_asym_id 
_pdbx_struct_sheet_hbond.range_2_auth_seq_id 
A 1 2 O THR A 17 ? O THR A 36 N TYR A 5  ? N TYR A 24 
A 2 3 N VAL A 6  ? N VAL A 25 O ILE A 51 ? O ILE A 70 
B 1 2 N GLN A 22 ? N GLN A 41 O SER A 31 ? O SER A 50 
B 2 3 N TYR A 32 ? N TYR A 51 O ARG A 40 ? O ARG A 59 
C 1 2 O THR B 17 ? O THR B 36 N TYR B 5  ? N TYR B 24 
C 2 3 N VAL B 6  ? N VAL B 25 O ILE B 51 ? O ILE B 70 
D 1 2 N GLN B 22 ? N GLN B 41 O SER B 31 ? O SER B 50 
D 2 3 N TYR B 32 ? N TYR B 51 O ARG B 40 ? O ARG B 59 
E 1 2 O ILE C 15 ? O ILE C 34 N MSE C 7  ? N MSE C 26 
E 2 3 N VAL C 6  ? N VAL C 25 O ILE C 51 ? O ILE C 70 
F 1 2 N GLN C 22 ? N GLN C 41 O SER C 31 ? O SER C 50 
F 2 3 N THR C 30 ? N THR C 49 O ILE C 42 ? O ILE C 61 
# 
_pdbx_entry_details.entry_id                   2RD1 
_pdbx_entry_details.compound_details           ? 
_pdbx_entry_details.source_details             ? 
_pdbx_entry_details.nonpolymer_details         ? 
_pdbx_entry_details.sequence_details           ? 
_pdbx_entry_details.has_ligand_of_interest     ? 
_pdbx_entry_details.has_protein_modification   Y 
# 
loop_
_pdbx_validate_torsion.id 
_pdbx_validate_torsion.PDB_model_num 
_pdbx_validate_torsion.auth_comp_id 
_pdbx_validate_torsion.auth_asym_id 
_pdbx_validate_torsion.auth_seq_id 
_pdbx_validate_torsion.PDB_ins_code 
_pdbx_validate_torsion.label_alt_id 
_pdbx_validate_torsion.phi 
_pdbx_validate_torsion.psi 
1 1 LYS A 44 ? ? -67.16  2.07    
2 1 ASP A 53 ? ? -68.99  -175.54 
3 1 THR B 46 ? ? -146.81 -13.64  
# 
_pdbx_SG_project.id                    1 
_pdbx_SG_project.project_name          'PSI, Protein Structure Initiative' 
_pdbx_SG_project.full_name_of_center   'Northeast Structural Genomics Consortium' 
_pdbx_SG_project.initial_of_center     NESG 
# 
loop_
_pdbx_struct_mod_residue.id 
_pdbx_struct_mod_residue.label_asym_id 
_pdbx_struct_mod_residue.label_comp_id 
_pdbx_struct_mod_residue.label_seq_id 
_pdbx_struct_mod_residue.auth_asym_id 
_pdbx_struct_mod_residue.auth_comp_id 
_pdbx_struct_mod_residue.auth_seq_id 
_pdbx_struct_mod_residue.PDB_ins_code 
_pdbx_struct_mod_residue.parent_comp_id 
_pdbx_struct_mod_residue.details 
1 A MSE 7  A MSE 26 ? MET SELENOMETHIONINE 
2 A MSE 29 A MSE 48 ? MET SELENOMETHIONINE 
3 B MSE 7  B MSE 26 ? MET SELENOMETHIONINE 
4 B MSE 29 B MSE 48 ? MET SELENOMETHIONINE 
5 C MSE 7  C MSE 26 ? MET SELENOMETHIONINE 
6 C MSE 29 C MSE 48 ? MET SELENOMETHIONINE 
# 
loop_
_pdbx_unobs_or_zero_occ_residues.id 
_pdbx_unobs_or_zero_occ_residues.PDB_model_num 
_pdbx_unobs_or_zero_occ_residues.polymer_flag 
_pdbx_unobs_or_zero_occ_residues.occupancy_flag 
_pdbx_unobs_or_zero_occ_residues.auth_asym_id 
_pdbx_unobs_or_zero_occ_residues.auth_comp_id 
_pdbx_unobs_or_zero_occ_residues.auth_seq_id 
_pdbx_unobs_or_zero_occ_residues.PDB_ins_code 
_pdbx_unobs_or_zero_occ_residues.label_asym_id 
_pdbx_unobs_or_zero_occ_residues.label_comp_id 
_pdbx_unobs_or_zero_occ_residues.label_seq_id 
1  1 Y 1 A CYS 20 ? A CYS 1  
2  1 Y 1 A THR 21 ? A THR 2  
3  1 Y 1 A HIS 79 ? A HIS 60 
4  1 Y 1 A HIS 80 ? A HIS 61 
5  1 Y 1 A HIS 81 ? A HIS 62 
6  1 Y 1 B CYS 20 ? B CYS 1  
7  1 Y 1 B HIS 79 ? B HIS 60 
8  1 Y 1 B HIS 80 ? B HIS 61 
9  1 Y 1 B HIS 81 ? B HIS 62 
10 1 Y 1 C CYS 20 ? C CYS 1  
11 1 Y 1 C HIS 79 ? C HIS 60 
12 1 Y 1 C HIS 80 ? C HIS 61 
13 1 Y 1 C HIS 81 ? C HIS 62 
# 
loop_
_chem_comp_atom.comp_id 
_chem_comp_atom.atom_id 
_chem_comp_atom.type_symbol 
_chem_comp_atom.pdbx_aromatic_flag 
_chem_comp_atom.pdbx_stereo_config 
_chem_comp_atom.pdbx_ordinal 
ALA N    N  N N 1   
ALA CA   C  N S 2   
ALA C    C  N N 3   
ALA O    O  N N 4   
ALA CB   C  N N 5   
ALA OXT  O  N N 6   
ALA H    H  N N 7   
ALA H2   H  N N 8   
ALA HA   H  N N 9   
ALA HB1  H  N N 10  
ALA HB2  H  N N 11  
ALA HB3  H  N N 12  
ALA HXT  H  N N 13  
ARG N    N  N N 14  
ARG CA   C  N S 15  
ARG C    C  N N 16  
ARG O    O  N N 17  
ARG CB   C  N N 18  
ARG CG   C  N N 19  
ARG CD   C  N N 20  
ARG NE   N  N N 21  
ARG CZ   C  N N 22  
ARG NH1  N  N N 23  
ARG NH2  N  N N 24  
ARG OXT  O  N N 25  
ARG H    H  N N 26  
ARG H2   H  N N 27  
ARG HA   H  N N 28  
ARG HB2  H  N N 29  
ARG HB3  H  N N 30  
ARG HG2  H  N N 31  
ARG HG3  H  N N 32  
ARG HD2  H  N N 33  
ARG HD3  H  N N 34  
ARG HE   H  N N 35  
ARG HH11 H  N N 36  
ARG HH12 H  N N 37  
ARG HH21 H  N N 38  
ARG HH22 H  N N 39  
ARG HXT  H  N N 40  
ASN N    N  N N 41  
ASN CA   C  N S 42  
ASN C    C  N N 43  
ASN O    O  N N 44  
ASN CB   C  N N 45  
ASN CG   C  N N 46  
ASN OD1  O  N N 47  
ASN ND2  N  N N 48  
ASN OXT  O  N N 49  
ASN H    H  N N 50  
ASN H2   H  N N 51  
ASN HA   H  N N 52  
ASN HB2  H  N N 53  
ASN HB3  H  N N 54  
ASN HD21 H  N N 55  
ASN HD22 H  N N 56  
ASN HXT  H  N N 57  
ASP N    N  N N 58  
ASP CA   C  N S 59  
ASP C    C  N N 60  
ASP O    O  N N 61  
ASP CB   C  N N 62  
ASP CG   C  N N 63  
ASP OD1  O  N N 64  
ASP OD2  O  N N 65  
ASP OXT  O  N N 66  
ASP H    H  N N 67  
ASP H2   H  N N 68  
ASP HA   H  N N 69  
ASP HB2  H  N N 70  
ASP HB3  H  N N 71  
ASP HD2  H  N N 72  
ASP HXT  H  N N 73  
CYS N    N  N N 74  
CYS CA   C  N R 75  
CYS C    C  N N 76  
CYS O    O  N N 77  
CYS CB   C  N N 78  
CYS SG   S  N N 79  
CYS OXT  O  N N 80  
CYS H    H  N N 81  
CYS H2   H  N N 82  
CYS HA   H  N N 83  
CYS HB2  H  N N 84  
CYS HB3  H  N N 85  
CYS HG   H  N N 86  
CYS HXT  H  N N 87  
GLN N    N  N N 88  
GLN CA   C  N S 89  
GLN C    C  N N 90  
GLN O    O  N N 91  
GLN CB   C  N N 92  
GLN CG   C  N N 93  
GLN CD   C  N N 94  
GLN OE1  O  N N 95  
GLN NE2  N  N N 96  
GLN OXT  O  N N 97  
GLN H    H  N N 98  
GLN H2   H  N N 99  
GLN HA   H  N N 100 
GLN HB2  H  N N 101 
GLN HB3  H  N N 102 
GLN HG2  H  N N 103 
GLN HG3  H  N N 104 
GLN HE21 H  N N 105 
GLN HE22 H  N N 106 
GLN HXT  H  N N 107 
GLU N    N  N N 108 
GLU CA   C  N S 109 
GLU C    C  N N 110 
GLU O    O  N N 111 
GLU CB   C  N N 112 
GLU CG   C  N N 113 
GLU CD   C  N N 114 
GLU OE1  O  N N 115 
GLU OE2  O  N N 116 
GLU OXT  O  N N 117 
GLU H    H  N N 118 
GLU H2   H  N N 119 
GLU HA   H  N N 120 
GLU HB2  H  N N 121 
GLU HB3  H  N N 122 
GLU HG2  H  N N 123 
GLU HG3  H  N N 124 
GLU HE2  H  N N 125 
GLU HXT  H  N N 126 
GLY N    N  N N 127 
GLY CA   C  N N 128 
GLY C    C  N N 129 
GLY O    O  N N 130 
GLY OXT  O  N N 131 
GLY H    H  N N 132 
GLY H2   H  N N 133 
GLY HA2  H  N N 134 
GLY HA3  H  N N 135 
GLY HXT  H  N N 136 
HIS N    N  N N 137 
HIS CA   C  N S 138 
HIS C    C  N N 139 
HIS O    O  N N 140 
HIS CB   C  N N 141 
HIS CG   C  Y N 142 
HIS ND1  N  Y N 143 
HIS CD2  C  Y N 144 
HIS CE1  C  Y N 145 
HIS NE2  N  Y N 146 
HIS OXT  O  N N 147 
HIS H    H  N N 148 
HIS H2   H  N N 149 
HIS HA   H  N N 150 
HIS HB2  H  N N 151 
HIS HB3  H  N N 152 
HIS HD1  H  N N 153 
HIS HD2  H  N N 154 
HIS HE1  H  N N 155 
HIS HE2  H  N N 156 
HIS HXT  H  N N 157 
HOH O    O  N N 158 
HOH H1   H  N N 159 
HOH H2   H  N N 160 
ILE N    N  N N 161 
ILE CA   C  N S 162 
ILE C    C  N N 163 
ILE O    O  N N 164 
ILE CB   C  N S 165 
ILE CG1  C  N N 166 
ILE CG2  C  N N 167 
ILE CD1  C  N N 168 
ILE OXT  O  N N 169 
ILE H    H  N N 170 
ILE H2   H  N N 171 
ILE HA   H  N N 172 
ILE HB   H  N N 173 
ILE HG12 H  N N 174 
ILE HG13 H  N N 175 
ILE HG21 H  N N 176 
ILE HG22 H  N N 177 
ILE HG23 H  N N 178 
ILE HD11 H  N N 179 
ILE HD12 H  N N 180 
ILE HD13 H  N N 181 
ILE HXT  H  N N 182 
LEU N    N  N N 183 
LEU CA   C  N S 184 
LEU C    C  N N 185 
LEU O    O  N N 186 
LEU CB   C  N N 187 
LEU CG   C  N N 188 
LEU CD1  C  N N 189 
LEU CD2  C  N N 190 
LEU OXT  O  N N 191 
LEU H    H  N N 192 
LEU H2   H  N N 193 
LEU HA   H  N N 194 
LEU HB2  H  N N 195 
LEU HB3  H  N N 196 
LEU HG   H  N N 197 
LEU HD11 H  N N 198 
LEU HD12 H  N N 199 
LEU HD13 H  N N 200 
LEU HD21 H  N N 201 
LEU HD22 H  N N 202 
LEU HD23 H  N N 203 
LEU HXT  H  N N 204 
LYS N    N  N N 205 
LYS CA   C  N S 206 
LYS C    C  N N 207 
LYS O    O  N N 208 
LYS CB   C  N N 209 
LYS CG   C  N N 210 
LYS CD   C  N N 211 
LYS CE   C  N N 212 
LYS NZ   N  N N 213 
LYS OXT  O  N N 214 
LYS H    H  N N 215 
LYS H2   H  N N 216 
LYS HA   H  N N 217 
LYS HB2  H  N N 218 
LYS HB3  H  N N 219 
LYS HG2  H  N N 220 
LYS HG3  H  N N 221 
LYS HD2  H  N N 222 
LYS HD3  H  N N 223 
LYS HE2  H  N N 224 
LYS HE3  H  N N 225 
LYS HZ1  H  N N 226 
LYS HZ2  H  N N 227 
LYS HZ3  H  N N 228 
LYS HXT  H  N N 229 
MSE N    N  N N 230 
MSE CA   C  N S 231 
MSE C    C  N N 232 
MSE O    O  N N 233 
MSE OXT  O  N N 234 
MSE CB   C  N N 235 
MSE CG   C  N N 236 
MSE SE   SE N N 237 
MSE CE   C  N N 238 
MSE H    H  N N 239 
MSE H2   H  N N 240 
MSE HA   H  N N 241 
MSE HXT  H  N N 242 
MSE HB2  H  N N 243 
MSE HB3  H  N N 244 
MSE HG2  H  N N 245 
MSE HG3  H  N N 246 
MSE HE1  H  N N 247 
MSE HE2  H  N N 248 
MSE HE3  H  N N 249 
PRO N    N  N N 250 
PRO CA   C  N S 251 
PRO C    C  N N 252 
PRO O    O  N N 253 
PRO CB   C  N N 254 
PRO CG   C  N N 255 
PRO CD   C  N N 256 
PRO OXT  O  N N 257 
PRO H    H  N N 258 
PRO HA   H  N N 259 
PRO HB2  H  N N 260 
PRO HB3  H  N N 261 
PRO HG2  H  N N 262 
PRO HG3  H  N N 263 
PRO HD2  H  N N 264 
PRO HD3  H  N N 265 
PRO HXT  H  N N 266 
SER N    N  N N 267 
SER CA   C  N S 268 
SER C    C  N N 269 
SER O    O  N N 270 
SER CB   C  N N 271 
SER OG   O  N N 272 
SER OXT  O  N N 273 
SER H    H  N N 274 
SER H2   H  N N 275 
SER HA   H  N N 276 
SER HB2  H  N N 277 
SER HB3  H  N N 278 
SER HG   H  N N 279 
SER HXT  H  N N 280 
THR N    N  N N 281 
THR CA   C  N S 282 
THR C    C  N N 283 
THR O    O  N N 284 
THR CB   C  N R 285 
THR OG1  O  N N 286 
THR CG2  C  N N 287 
THR OXT  O  N N 288 
THR H    H  N N 289 
THR H2   H  N N 290 
THR HA   H  N N 291 
THR HB   H  N N 292 
THR HG1  H  N N 293 
THR HG21 H  N N 294 
THR HG22 H  N N 295 
THR HG23 H  N N 296 
THR HXT  H  N N 297 
TYR N    N  N N 298 
TYR CA   C  N S 299 
TYR C    C  N N 300 
TYR O    O  N N 301 
TYR CB   C  N N 302 
TYR CG   C  Y N 303 
TYR CD1  C  Y N 304 
TYR CD2  C  Y N 305 
TYR CE1  C  Y N 306 
TYR CE2  C  Y N 307 
TYR CZ   C  Y N 308 
TYR OH   O  N N 309 
TYR OXT  O  N N 310 
TYR H    H  N N 311 
TYR H2   H  N N 312 
TYR HA   H  N N 313 
TYR HB2  H  N N 314 
TYR HB3  H  N N 315 
TYR HD1  H  N N 316 
TYR HD2  H  N N 317 
TYR HE1  H  N N 318 
TYR HE2  H  N N 319 
TYR HH   H  N N 320 
TYR HXT  H  N N 321 
VAL N    N  N N 322 
VAL CA   C  N S 323 
VAL C    C  N N 324 
VAL O    O  N N 325 
VAL CB   C  N N 326 
VAL CG1  C  N N 327 
VAL CG2  C  N N 328 
VAL OXT  O  N N 329 
VAL H    H  N N 330 
VAL H2   H  N N 331 
VAL HA   H  N N 332 
VAL HB   H  N N 333 
VAL HG11 H  N N 334 
VAL HG12 H  N N 335 
VAL HG13 H  N N 336 
VAL HG21 H  N N 337 
VAL HG22 H  N N 338 
VAL HG23 H  N N 339 
VAL HXT  H  N N 340 
# 
loop_
_chem_comp_bond.comp_id 
_chem_comp_bond.atom_id_1 
_chem_comp_bond.atom_id_2 
_chem_comp_bond.value_order 
_chem_comp_bond.pdbx_aromatic_flag 
_chem_comp_bond.pdbx_stereo_config 
_chem_comp_bond.pdbx_ordinal 
ALA N   CA   sing N N 1   
ALA N   H    sing N N 2   
ALA N   H2   sing N N 3   
ALA CA  C    sing N N 4   
ALA CA  CB   sing N N 5   
ALA CA  HA   sing N N 6   
ALA C   O    doub N N 7   
ALA C   OXT  sing N N 8   
ALA CB  HB1  sing N N 9   
ALA CB  HB2  sing N N 10  
ALA CB  HB3  sing N N 11  
ALA OXT HXT  sing N N 12  
ARG N   CA   sing N N 13  
ARG N   H    sing N N 14  
ARG N   H2   sing N N 15  
ARG CA  C    sing N N 16  
ARG CA  CB   sing N N 17  
ARG CA  HA   sing N N 18  
ARG C   O    doub N N 19  
ARG C   OXT  sing N N 20  
ARG CB  CG   sing N N 21  
ARG CB  HB2  sing N N 22  
ARG CB  HB3  sing N N 23  
ARG CG  CD   sing N N 24  
ARG CG  HG2  sing N N 25  
ARG CG  HG3  sing N N 26  
ARG CD  NE   sing N N 27  
ARG CD  HD2  sing N N 28  
ARG CD  HD3  sing N N 29  
ARG NE  CZ   sing N N 30  
ARG NE  HE   sing N N 31  
ARG CZ  NH1  sing N N 32  
ARG CZ  NH2  doub N N 33  
ARG NH1 HH11 sing N N 34  
ARG NH1 HH12 sing N N 35  
ARG NH2 HH21 sing N N 36  
ARG NH2 HH22 sing N N 37  
ARG OXT HXT  sing N N 38  
ASN N   CA   sing N N 39  
ASN N   H    sing N N 40  
ASN N   H2   sing N N 41  
ASN CA  C    sing N N 42  
ASN CA  CB   sing N N 43  
ASN CA  HA   sing N N 44  
ASN C   O    doub N N 45  
ASN C   OXT  sing N N 46  
ASN CB  CG   sing N N 47  
ASN CB  HB2  sing N N 48  
ASN CB  HB3  sing N N 49  
ASN CG  OD1  doub N N 50  
ASN CG  ND2  sing N N 51  
ASN ND2 HD21 sing N N 52  
ASN ND2 HD22 sing N N 53  
ASN OXT HXT  sing N N 54  
ASP N   CA   sing N N 55  
ASP N   H    sing N N 56  
ASP N   H2   sing N N 57  
ASP CA  C    sing N N 58  
ASP CA  CB   sing N N 59  
ASP CA  HA   sing N N 60  
ASP C   O    doub N N 61  
ASP C   OXT  sing N N 62  
ASP CB  CG   sing N N 63  
ASP CB  HB2  sing N N 64  
ASP CB  HB3  sing N N 65  
ASP CG  OD1  doub N N 66  
ASP CG  OD2  sing N N 67  
ASP OD2 HD2  sing N N 68  
ASP OXT HXT  sing N N 69  
CYS N   CA   sing N N 70  
CYS N   H    sing N N 71  
CYS N   H2   sing N N 72  
CYS CA  C    sing N N 73  
CYS CA  CB   sing N N 74  
CYS CA  HA   sing N N 75  
CYS C   O    doub N N 76  
CYS C   OXT  sing N N 77  
CYS CB  SG   sing N N 78  
CYS CB  HB2  sing N N 79  
CYS CB  HB3  sing N N 80  
CYS SG  HG   sing N N 81  
CYS OXT HXT  sing N N 82  
GLN N   CA   sing N N 83  
GLN N   H    sing N N 84  
GLN N   H2   sing N N 85  
GLN CA  C    sing N N 86  
GLN CA  CB   sing N N 87  
GLN CA  HA   sing N N 88  
GLN C   O    doub N N 89  
GLN C   OXT  sing N N 90  
GLN CB  CG   sing N N 91  
GLN CB  HB2  sing N N 92  
GLN CB  HB3  sing N N 93  
GLN CG  CD   sing N N 94  
GLN CG  HG2  sing N N 95  
GLN CG  HG3  sing N N 96  
GLN CD  OE1  doub N N 97  
GLN CD  NE2  sing N N 98  
GLN NE2 HE21 sing N N 99  
GLN NE2 HE22 sing N N 100 
GLN OXT HXT  sing N N 101 
GLU N   CA   sing N N 102 
GLU N   H    sing N N 103 
GLU N   H2   sing N N 104 
GLU CA  C    sing N N 105 
GLU CA  CB   sing N N 106 
GLU CA  HA   sing N N 107 
GLU C   O    doub N N 108 
GLU C   OXT  sing N N 109 
GLU CB  CG   sing N N 110 
GLU CB  HB2  sing N N 111 
GLU CB  HB3  sing N N 112 
GLU CG  CD   sing N N 113 
GLU CG  HG2  sing N N 114 
GLU CG  HG3  sing N N 115 
GLU CD  OE1  doub N N 116 
GLU CD  OE2  sing N N 117 
GLU OE2 HE2  sing N N 118 
GLU OXT HXT  sing N N 119 
GLY N   CA   sing N N 120 
GLY N   H    sing N N 121 
GLY N   H2   sing N N 122 
GLY CA  C    sing N N 123 
GLY CA  HA2  sing N N 124 
GLY CA  HA3  sing N N 125 
GLY C   O    doub N N 126 
GLY C   OXT  sing N N 127 
GLY OXT HXT  sing N N 128 
HIS N   CA   sing N N 129 
HIS N   H    sing N N 130 
HIS N   H2   sing N N 131 
HIS CA  C    sing N N 132 
HIS CA  CB   sing N N 133 
HIS CA  HA   sing N N 134 
HIS C   O    doub N N 135 
HIS C   OXT  sing N N 136 
HIS CB  CG   sing N N 137 
HIS CB  HB2  sing N N 138 
HIS CB  HB3  sing N N 139 
HIS CG  ND1  sing Y N 140 
HIS CG  CD2  doub Y N 141 
HIS ND1 CE1  doub Y N 142 
HIS ND1 HD1  sing N N 143 
HIS CD2 NE2  sing Y N 144 
HIS CD2 HD2  sing N N 145 
HIS CE1 NE2  sing Y N 146 
HIS CE1 HE1  sing N N 147 
HIS NE2 HE2  sing N N 148 
HIS OXT HXT  sing N N 149 
HOH O   H1   sing N N 150 
HOH O   H2   sing N N 151 
ILE N   CA   sing N N 152 
ILE N   H    sing N N 153 
ILE N   H2   sing N N 154 
ILE CA  C    sing N N 155 
ILE CA  CB   sing N N 156 
ILE CA  HA   sing N N 157 
ILE C   O    doub N N 158 
ILE C   OXT  sing N N 159 
ILE CB  CG1  sing N N 160 
ILE CB  CG2  sing N N 161 
ILE CB  HB   sing N N 162 
ILE CG1 CD1  sing N N 163 
ILE CG1 HG12 sing N N 164 
ILE CG1 HG13 sing N N 165 
ILE CG2 HG21 sing N N 166 
ILE CG2 HG22 sing N N 167 
ILE CG2 HG23 sing N N 168 
ILE CD1 HD11 sing N N 169 
ILE CD1 HD12 sing N N 170 
ILE CD1 HD13 sing N N 171 
ILE OXT HXT  sing N N 172 
LEU N   CA   sing N N 173 
LEU N   H    sing N N 174 
LEU N   H2   sing N N 175 
LEU CA  C    sing N N 176 
LEU CA  CB   sing N N 177 
LEU CA  HA   sing N N 178 
LEU C   O    doub N N 179 
LEU C   OXT  sing N N 180 
LEU CB  CG   sing N N 181 
LEU CB  HB2  sing N N 182 
LEU CB  HB3  sing N N 183 
LEU CG  CD1  sing N N 184 
LEU CG  CD2  sing N N 185 
LEU CG  HG   sing N N 186 
LEU CD1 HD11 sing N N 187 
LEU CD1 HD12 sing N N 188 
LEU CD1 HD13 sing N N 189 
LEU CD2 HD21 sing N N 190 
LEU CD2 HD22 sing N N 191 
LEU CD2 HD23 sing N N 192 
LEU OXT HXT  sing N N 193 
LYS N   CA   sing N N 194 
LYS N   H    sing N N 195 
LYS N   H2   sing N N 196 
LYS CA  C    sing N N 197 
LYS CA  CB   sing N N 198 
LYS CA  HA   sing N N 199 
LYS C   O    doub N N 200 
LYS C   OXT  sing N N 201 
LYS CB  CG   sing N N 202 
LYS CB  HB2  sing N N 203 
LYS CB  HB3  sing N N 204 
LYS CG  CD   sing N N 205 
LYS CG  HG2  sing N N 206 
LYS CG  HG3  sing N N 207 
LYS CD  CE   sing N N 208 
LYS CD  HD2  sing N N 209 
LYS CD  HD3  sing N N 210 
LYS CE  NZ   sing N N 211 
LYS CE  HE2  sing N N 212 
LYS CE  HE3  sing N N 213 
LYS NZ  HZ1  sing N N 214 
LYS NZ  HZ2  sing N N 215 
LYS NZ  HZ3  sing N N 216 
LYS OXT HXT  sing N N 217 
MSE N   CA   sing N N 218 
MSE N   H    sing N N 219 
MSE N   H2   sing N N 220 
MSE CA  C    sing N N 221 
MSE CA  CB   sing N N 222 
MSE CA  HA   sing N N 223 
MSE C   O    doub N N 224 
MSE C   OXT  sing N N 225 
MSE OXT HXT  sing N N 226 
MSE CB  CG   sing N N 227 
MSE CB  HB2  sing N N 228 
MSE CB  HB3  sing N N 229 
MSE CG  SE   sing N N 230 
MSE CG  HG2  sing N N 231 
MSE CG  HG3  sing N N 232 
MSE SE  CE   sing N N 233 
MSE CE  HE1  sing N N 234 
MSE CE  HE2  sing N N 235 
MSE CE  HE3  sing N N 236 
PRO N   CA   sing N N 237 
PRO N   CD   sing N N 238 
PRO N   H    sing N N 239 
PRO CA  C    sing N N 240 
PRO CA  CB   sing N N 241 
PRO CA  HA   sing N N 242 
PRO C   O    doub N N 243 
PRO C   OXT  sing N N 244 
PRO CB  CG   sing N N 245 
PRO CB  HB2  sing N N 246 
PRO CB  HB3  sing N N 247 
PRO CG  CD   sing N N 248 
PRO CG  HG2  sing N N 249 
PRO CG  HG3  sing N N 250 
PRO CD  HD2  sing N N 251 
PRO CD  HD3  sing N N 252 
PRO OXT HXT  sing N N 253 
SER N   CA   sing N N 254 
SER N   H    sing N N 255 
SER N   H2   sing N N 256 
SER CA  C    sing N N 257 
SER CA  CB   sing N N 258 
SER CA  HA   sing N N 259 
SER C   O    doub N N 260 
SER C   OXT  sing N N 261 
SER CB  OG   sing N N 262 
SER CB  HB2  sing N N 263 
SER CB  HB3  sing N N 264 
SER OG  HG   sing N N 265 
SER OXT HXT  sing N N 266 
THR N   CA   sing N N 267 
THR N   H    sing N N 268 
THR N   H2   sing N N 269 
THR CA  C    sing N N 270 
THR CA  CB   sing N N 271 
THR CA  HA   sing N N 272 
THR C   O    doub N N 273 
THR C   OXT  sing N N 274 
THR CB  OG1  sing N N 275 
THR CB  CG2  sing N N 276 
THR CB  HB   sing N N 277 
THR OG1 HG1  sing N N 278 
THR CG2 HG21 sing N N 279 
THR CG2 HG22 sing N N 280 
THR CG2 HG23 sing N N 281 
THR OXT HXT  sing N N 282 
TYR N   CA   sing N N 283 
TYR N   H    sing N N 284 
TYR N   H2   sing N N 285 
TYR CA  C    sing N N 286 
TYR CA  CB   sing N N 287 
TYR CA  HA   sing N N 288 
TYR C   O    doub N N 289 
TYR C   OXT  sing N N 290 
TYR CB  CG   sing N N 291 
TYR CB  HB2  sing N N 292 
TYR CB  HB3  sing N N 293 
TYR CG  CD1  doub Y N 294 
TYR CG  CD2  sing Y N 295 
TYR CD1 CE1  sing Y N 296 
TYR CD1 HD1  sing N N 297 
TYR CD2 CE2  doub Y N 298 
TYR CD2 HD2  sing N N 299 
TYR CE1 CZ   doub Y N 300 
TYR CE1 HE1  sing N N 301 
TYR CE2 CZ   sing Y N 302 
TYR CE2 HE2  sing N N 303 
TYR CZ  OH   sing N N 304 
TYR OH  HH   sing N N 305 
TYR OXT HXT  sing N N 306 
VAL N   CA   sing N N 307 
VAL N   H    sing N N 308 
VAL N   H2   sing N N 309 
VAL CA  C    sing N N 310 
VAL CA  CB   sing N N 311 
VAL CA  HA   sing N N 312 
VAL C   O    doub N N 313 
VAL C   OXT  sing N N 314 
VAL CB  CG1  sing N N 315 
VAL CB  CG2  sing N N 316 
VAL CB  HB   sing N N 317 
VAL CG1 HG11 sing N N 318 
VAL CG1 HG12 sing N N 319 
VAL CG1 HG13 sing N N 320 
VAL CG2 HG21 sing N N 321 
VAL CG2 HG22 sing N N 322 
VAL CG2 HG23 sing N N 323 
VAL OXT HXT  sing N N 324 
# 
_atom_sites.entry_id                    2RD1 
_atom_sites.fract_transf_matrix[1][1]   -0.00052102 
_atom_sites.fract_transf_matrix[1][2]   0.00088205 
_atom_sites.fract_transf_matrix[1][3]   -0.01730170 
_atom_sites.fract_transf_matrix[2][1]   -0.01137412 
_atom_sites.fract_transf_matrix[2][2]   -0.01307374 
_atom_sites.fract_transf_matrix[2][3]   -0.00032398 
_atom_sites.fract_transf_matrix[3][1]   -0.00750778 
_atom_sites.fract_transf_matrix[3][2]   0.00651791 
_atom_sites.fract_transf_matrix[3][3]   0.00055837 
_atom_sites.fract_transf_vector[1]      0.516466 
_atom_sites.fract_transf_vector[2]      0.454073 
_atom_sites.fract_transf_vector[3]      0.338290 
# 
loop_
_atom_type.symbol 
C  
N  
O  
SE 
# 
loop_
_atom_site.group_PDB 
_atom_site.id 
_atom_site.type_symbol 
_atom_site.label_atom_id 
_atom_site.label_alt_id 
_atom_site.label_comp_id 
_atom_site.label_asym_id 
_atom_site.label_entity_id 
_atom_site.label_seq_id 
_atom_site.pdbx_PDB_ins_code 
_atom_site.Cartn_x 
_atom_site.Cartn_y 
_atom_site.Cartn_z 
_atom_site.occupancy 
_atom_site.B_iso_or_equiv 
_atom_site.pdbx_formal_charge 
_atom_site.auth_seq_id 
_atom_site.auth_comp_id 
_atom_site.auth_asym_id 
_atom_site.auth_atom_id 
_atom_site.pdbx_PDB_model_num 
ATOM   1    N  N   . THR A 1 3  ? 17.058  6.595   12.548  1.00 47.60  ? 22 THR A N   1 
ATOM   2    C  CA  . THR A 1 3  ? 17.781  7.677   11.817  1.00 48.25  ? 22 THR A CA  1 
ATOM   3    C  C   . THR A 1 3  ? 17.405  7.624   10.339  1.00 46.63  ? 22 THR A C   1 
ATOM   4    O  O   . THR A 1 3  ? 17.289  8.655   9.674   1.00 49.55  ? 22 THR A O   1 
ATOM   5    C  CB  . THR A 1 3  ? 19.316  7.520   11.925  1.00 53.10  ? 22 THR A CB  1 
ATOM   6    O  OG1 . THR A 1 3  ? 19.654  6.884   13.164  1.00 55.14  ? 22 THR A OG1 1 
ATOM   7    C  CG2 . THR A 1 3  ? 19.991  8.882   11.872  1.00 53.34  ? 22 THR A CG2 1 
ATOM   8    N  N   . ASN A 1 4  ? 17.225  6.416   9.823   1.00 32.58  ? 23 ASN A N   1 
ATOM   9    C  CA  . ASN A 1 4  ? 16.853  6.242   8.425   1.00 29.26  ? 23 ASN A CA  1 
ATOM   10   C  C   . ASN A 1 4  ? 15.553  5.479   8.292   1.00 27.58  ? 23 ASN A C   1 
ATOM   11   O  O   . ASN A 1 4  ? 15.293  4.523   9.020   1.00 28.23  ? 23 ASN A O   1 
ATOM   12   C  CB  . ASN A 1 4  ? 17.942  5.487   7.664   1.00 29.26  ? 23 ASN A CB  1 
ATOM   13   C  CG  . ASN A 1 4  ? 19.057  6.394   7.174   1.00 29.28  ? 23 ASN A CG  1 
ATOM   14   O  OD1 . ASN A 1 4  ? 20.168  5.934   6.910   1.00 27.87  ? 23 ASN A OD1 1 
ATOM   15   N  ND2 . ASN A 1 4  ? 18.765  7.679   7.036   1.00 30.75  ? 23 ASN A ND2 1 
ATOM   16   N  N   . TYR A 1 5  ? 14.730  5.927   7.358   1.00 25.88  ? 24 TYR A N   1 
ATOM   17   C  CA  . TYR A 1 5  ? 13.465  5.285   7.077   1.00 23.80  ? 24 TYR A CA  1 
ATOM   18   C  C   . TYR A 1 5  ? 13.467  5.091   5.582   1.00 24.08  ? 24 TYR A C   1 
ATOM   19   O  O   . TYR A 1 5  ? 14.105  5.859   4.854   1.00 22.32  ? 24 TYR A O   1 
ATOM   20   C  CB  . TYR A 1 5  ? 12.282  6.174   7.453   1.00 26.54  ? 24 TYR A CB  1 
ATOM   21   C  CG  . TYR A 1 5  ? 11.798  6.012   8.878   1.00 26.48  ? 24 TYR A CG  1 
ATOM   22   C  CD1 . TYR A 1 5  ? 12.551  6.471   9.951   1.00 27.71  ? 24 TYR A CD1 1 
ATOM   23   C  CD2 . TYR A 1 5  ? 10.576  5.406   9.148   1.00 27.15  ? 24 TYR A CD2 1 
ATOM   24   C  CE1 . TYR A 1 5  ? 12.097  6.331   11.268  1.00 27.57  ? 24 TYR A CE1 1 
ATOM   25   C  CE2 . TYR A 1 5  ? 10.111  5.260   10.451  1.00 29.69  ? 24 TYR A CE2 1 
ATOM   26   C  CZ  . TYR A 1 5  ? 10.877  5.725   11.508  1.00 30.85  ? 24 TYR A CZ  1 
ATOM   27   O  OH  . TYR A 1 5  ? 10.407  5.583   12.795  1.00 34.89  ? 24 TYR A OH  1 
ATOM   28   N  N   . VAL A 1 6  ? 12.784  4.047   5.132   1.00 22.99  ? 25 VAL A N   1 
ATOM   29   C  CA  . VAL A 1 6  ? 12.681  3.767   3.715   1.00 21.07  ? 25 VAL A CA  1 
ATOM   30   C  C   . VAL A 1 6  ? 11.220  3.904   3.346   1.00 21.83  ? 25 VAL A C   1 
ATOM   31   O  O   . VAL A 1 6  ? 10.344  3.238   3.906   1.00 19.51  ? 25 VAL A O   1 
ATOM   32   C  CB  . VAL A 1 6  ? 13.166  2.355   3.370   1.00 20.55  ? 25 VAL A CB  1 
ATOM   33   C  CG1 . VAL A 1 6  ? 12.892  2.059   1.899   1.00 17.44  ? 25 VAL A CG1 1 
ATOM   34   C  CG2 . VAL A 1 6  ? 14.642  2.239   3.677   1.00 18.96  ? 25 VAL A CG2 1 
HETATM 35   N  N   . MSE A 1 7  ? 10.978  4.797   2.398   1.00 23.56  ? 26 MSE A N   1 
HETATM 36   C  CA  . MSE A 1 7  ? 9.652   5.100   1.904   1.00 25.71  ? 26 MSE A CA  1 
HETATM 37   C  C   . MSE A 1 7  ? 9.437   4.447   0.550   1.00 24.49  ? 26 MSE A C   1 
HETATM 38   O  O   . MSE A 1 7  ? 10.281  4.551   -0.336  1.00 24.81  ? 26 MSE A O   1 
HETATM 39   C  CB  . MSE A 1 7  ? 9.512   6.615   1.764   1.00 40.01  ? 26 MSE A CB  1 
HETATM 40   C  CG  . MSE A 1 7  ? 8.203   7.092   1.168   1.00 48.09  ? 26 MSE A CG  1 
HETATM 41   SE SE  . MSE A 1 7  ? 8.232   9.016   0.884   1.00 63.29  ? 26 MSE A SE  1 
HETATM 42   C  CE  . MSE A 1 7  ? 7.786   9.585   2.670   1.00 54.96  ? 26 MSE A CE  1 
ATOM   43   N  N   . THR A 1 8  ? 8.309   3.768   0.397   1.00 22.94  ? 27 THR A N   1 
ATOM   44   C  CA  . THR A 1 8  ? 7.970   3.140   -0.867  1.00 22.86  ? 27 THR A CA  1 
ATOM   45   C  C   . THR A 1 8  ? 6.756   3.878   -1.412  1.00 23.13  ? 27 THR A C   1 
ATOM   46   O  O   . THR A 1 8  ? 5.750   4.027   -0.721  1.00 23.01  ? 27 THR A O   1 
ATOM   47   C  CB  . THR A 1 8  ? 7.630   1.661   -0.686  1.00 27.19  ? 27 THR A CB  1 
ATOM   48   O  OG1 . THR A 1 8  ? 8.771   0.986   -0.143  1.00 30.34  ? 27 THR A OG1 1 
ATOM   49   C  CG2 . THR A 1 8  ? 7.279   1.026   -2.031  1.00 28.42  ? 27 THR A CG2 1 
ATOM   50   N  N   . THR A 1 9  ? 6.849   4.353   -2.650  1.00 22.20  ? 28 THR A N   1 
ATOM   51   C  CA  . THR A 1 9  ? 5.734   5.093   -3.222  1.00 23.71  ? 28 THR A CA  1 
ATOM   52   C  C   . THR A 1 9  ? 4.785   4.225   -4.035  1.00 24.29  ? 28 THR A C   1 
ATOM   53   O  O   . THR A 1 9  ? 5.114   3.109   -4.441  1.00 24.94  ? 28 THR A O   1 
ATOM   54   C  CB  . THR A 1 9  ? 6.234   6.287   -4.095  1.00 25.40  ? 28 THR A CB  1 
ATOM   55   O  OG1 . THR A 1 9  ? 6.874   5.795   -5.280  1.00 21.02  ? 28 THR A OG1 1 
ATOM   56   C  CG2 . THR A 1 9  ? 7.236   7.152   -3.294  1.00 23.54  ? 28 THR A CG2 1 
ATOM   57   N  N   . LYS A 1 10 ? 3.593   4.758   -4.256  1.00 28.76  ? 29 LYS A N   1 
ATOM   58   C  CA  . LYS A 1 10 ? 2.555   4.077   -5.008  1.00 30.81  ? 29 LYS A CA  1 
ATOM   59   C  C   . LYS A 1 10 ? 3.052   3.661   -6.384  1.00 30.46  ? 29 LYS A C   1 
ATOM   60   O  O   . LYS A 1 10 ? 2.764   2.556   -6.842  1.00 29.28  ? 29 LYS A O   1 
ATOM   61   C  CB  . LYS A 1 10 ? 1.336   4.995   -5.141  1.00 60.23  ? 29 LYS A CB  1 
ATOM   62   C  CG  . LYS A 1 10 ? 0.135   4.352   -5.818  1.00 65.29  ? 29 LYS A CG  1 
ATOM   63   C  CD  . LYS A 1 10 ? -1.080  5.263   -5.761  1.00 67.05  ? 29 LYS A CD  1 
ATOM   64   C  CE  . LYS A 1 10 ? -2.274  4.638   -6.459  1.00 70.54  ? 29 LYS A CE  1 
ATOM   65   N  NZ  . LYS A 1 10 ? -3.505  5.466   -6.294  1.00 72.04  ? 29 LYS A NZ  1 
ATOM   66   N  N   . ASN A 1 11 ? 3.810   4.543   -7.031  1.00 33.49  ? 30 ASN A N   1 
ATOM   67   C  CA  . ASN A 1 11 ? 4.345   4.274   -8.364  1.00 35.27  ? 30 ASN A CA  1 
ATOM   68   C  C   . ASN A 1 11 ? 5.605   3.405   -8.376  1.00 34.39  ? 30 ASN A C   1 
ATOM   69   O  O   . ASN A 1 11 ? 6.249   3.252   -9.413  1.00 35.54  ? 30 ASN A O   1 
ATOM   70   C  CB  . ASN A 1 11 ? 4.619   5.585   -9.107  1.00 48.12  ? 30 ASN A CB  1 
ATOM   71   C  CG  . ASN A 1 11 ? 5.480   6.533   -8.307  1.00 52.76  ? 30 ASN A CG  1 
ATOM   72   O  OD1 . ASN A 1 11 ? 4.986   7.511   -7.747  1.00 56.96  ? 30 ASN A OD1 1 
ATOM   73   N  ND2 . ASN A 1 11 ? 6.772   6.238   -8.228  1.00 53.25  ? 30 ASN A ND2 1 
ATOM   74   N  N   . GLY A 1 12 ? 5.973   2.859   -7.222  1.00 30.80  ? 31 GLY A N   1 
ATOM   75   C  CA  . GLY A 1 12 ? 7.120   1.963   -7.164  1.00 29.12  ? 31 GLY A CA  1 
ATOM   76   C  C   . GLY A 1 12 ? 8.515   2.461   -6.840  1.00 29.11  ? 31 GLY A C   1 
ATOM   77   O  O   . GLY A 1 12 ? 9.468   1.700   -6.968  1.00 29.90  ? 31 GLY A O   1 
ATOM   78   N  N   . GLN A 1 13 ? 8.665   3.708   -6.418  1.00 32.58  ? 32 GLN A N   1 
ATOM   79   C  CA  . GLN A 1 13 ? 9.999   4.210   -6.094  1.00 32.83  ? 32 GLN A CA  1 
ATOM   80   C  C   . GLN A 1 13 ? 10.416  3.875   -4.667  1.00 31.25  ? 32 GLN A C   1 
ATOM   81   O  O   . GLN A 1 13 ? 9.577   3.693   -3.789  1.00 31.06  ? 32 GLN A O   1 
ATOM   82   C  CB  . GLN A 1 13 ? 10.067  5.728   -6.284  1.00 36.68  ? 32 GLN A CB  1 
ATOM   83   C  CG  . GLN A 1 13 ? 9.960   6.185   -7.721  1.00 36.25  ? 32 GLN A CG  1 
ATOM   84   C  CD  . GLN A 1 13 ? 10.096  7.687   -7.850  1.00 39.22  ? 32 GLN A CD  1 
ATOM   85   O  OE1 . GLN A 1 13 ? 11.140  8.259   -7.529  1.00 39.59  ? 32 GLN A OE1 1 
ATOM   86   N  NE2 . GLN A 1 13 ? 9.034   8.340   -8.313  1.00 40.27  ? 32 GLN A NE2 1 
ATOM   87   N  N   . THR A 1 14 ? 11.723  3.778   -4.452  1.00 26.36  ? 33 THR A N   1 
ATOM   88   C  CA  . THR A 1 14 ? 12.261  3.502   -3.132  1.00 24.35  ? 33 THR A CA  1 
ATOM   89   C  C   . THR A 1 14 ? 13.098  4.711   -2.757  1.00 22.21  ? 33 THR A C   1 
ATOM   90   O  O   . THR A 1 14 ? 14.049  5.043   -3.452  1.00 20.28  ? 33 THR A O   1 
ATOM   91   C  CB  . THR A 1 14 ? 13.154  2.256   -3.130  1.00 30.05  ? 33 THR A CB  1 
ATOM   92   O  OG1 . THR A 1 14 ? 12.368  1.106   -3.459  1.00 33.23  ? 33 THR A OG1 1 
ATOM   93   C  CG2 . THR A 1 14 ? 13.775  2.067   -1.768  1.00 27.50  ? 33 THR A CG2 1 
ATOM   94   N  N   . ILE A 1 15 ? 12.743  5.367   -1.659  1.00 23.23  ? 34 ILE A N   1 
ATOM   95   C  CA  . ILE A 1 15 ? 13.458  6.561   -1.220  1.00 21.29  ? 34 ILE A CA  1 
ATOM   96   C  C   . ILE A 1 15 ? 13.852  6.473   0.245   1.00 22.92  ? 34 ILE A C   1 
ATOM   97   O  O   . ILE A 1 15 ? 13.021  6.177   1.095   1.00 21.88  ? 34 ILE A O   1 
ATOM   98   C  CB  . ILE A 1 15 ? 12.578  7.809   -1.437  1.00 23.78  ? 34 ILE A CB  1 
ATOM   99   C  CG1 . ILE A 1 15 ? 12.318  7.983   -2.932  1.00 24.12  ? 34 ILE A CG1 1 
ATOM   100  C  CG2 . ILE A 1 15 ? 13.239  9.051   -0.857  1.00 22.23  ? 34 ILE A CG2 1 
ATOM   101  C  CD1 . ILE A 1 15 ? 10.887  8.303   -3.253  1.00 23.84  ? 34 ILE A CD1 1 
ATOM   102  N  N   . VAL A 1 16 ? 15.126  6.727   0.530   1.00 24.91  ? 35 VAL A N   1 
ATOM   103  C  CA  . VAL A 1 16 ? 15.639  6.684   1.898   1.00 24.65  ? 35 VAL A CA  1 
ATOM   104  C  C   . VAL A 1 16 ? 15.523  8.080   2.511   1.00 26.32  ? 35 VAL A C   1 
ATOM   105  O  O   . VAL A 1 16 ? 15.821  9.070   1.857   1.00 26.96  ? 35 VAL A O   1 
ATOM   106  C  CB  . VAL A 1 16 ? 17.127  6.254   1.922   1.00 19.70  ? 35 VAL A CB  1 
ATOM   107  C  CG1 . VAL A 1 16 ? 17.648  6.245   3.342   1.00 14.89  ? 35 VAL A CG1 1 
ATOM   108  C  CG2 . VAL A 1 16 ? 17.286  4.888   1.273   1.00 17.21  ? 35 VAL A CG2 1 
ATOM   109  N  N   . THR A 1 17 ? 15.089  8.167   3.763   1.00 21.01  ? 36 THR A N   1 
ATOM   110  C  CA  . THR A 1 17 ? 14.963  9.471   4.395   1.00 22.99  ? 36 THR A CA  1 
ATOM   111  C  C   . THR A 1 17 ? 15.799  9.567   5.665   1.00 23.67  ? 36 THR A C   1 
ATOM   112  O  O   . THR A 1 17 ? 16.256  8.562   6.205   1.00 22.81  ? 36 THR A O   1 
ATOM   113  C  CB  . THR A 1 17 ? 13.489  9.785   4.770   1.00 34.24  ? 36 THR A CB  1 
ATOM   114  O  OG1 . THR A 1 17 ? 13.080  8.930   5.846   1.00 33.73  ? 36 THR A OG1 1 
ATOM   115  C  CG2 . THR A 1 17 ? 12.559  9.577   3.568   1.00 32.46  ? 36 THR A CG2 1 
ATOM   116  N  N   . GLN A 1 18 ? 16.001  10.795  6.127   1.00 31.67  ? 37 GLN A N   1 
ATOM   117  C  CA  . GLN A 1 18 ? 16.752  11.052  7.347   1.00 32.81  ? 37 GLN A CA  1 
ATOM   118  C  C   . GLN A 1 18 ? 15.668  11.396  8.351   1.00 33.68  ? 37 GLN A C   1 
ATOM   119  O  O   . GLN A 1 18 ? 14.976  12.410  8.206   1.00 34.31  ? 37 GLN A O   1 
ATOM   120  C  CB  . GLN A 1 18 ? 17.698  12.243  7.159   1.00 42.48  ? 37 GLN A CB  1 
ATOM   121  C  CG  . GLN A 1 18 ? 18.663  12.120  5.978   1.00 43.77  ? 37 GLN A CG  1 
ATOM   122  C  CD  . GLN A 1 18 ? 19.656  13.281  5.897   1.00 46.67  ? 37 GLN A CD  1 
ATOM   123  O  OE1 . GLN A 1 18 ? 19.273  14.450  5.955   1.00 48.53  ? 37 GLN A OE1 1 
ATOM   124  N  NE2 . GLN A 1 18 ? 20.935  12.958  5.753   1.00 47.18  ? 37 GLN A NE2 1 
ATOM   125  N  N   . GLY A 1 19 ? 15.496  10.539  9.350   1.00 31.47  ? 38 GLY A N   1 
ATOM   126  C  CA  . GLY A 1 19 ? 14.458  10.770  10.340  1.00 32.83  ? 38 GLY A CA  1 
ATOM   127  C  C   . GLY A 1 19 ? 13.115  10.286  9.819   1.00 32.50  ? 38 GLY A C   1 
ATOM   128  O  O   . GLY A 1 19 ? 12.962  10.057  8.621   1.00 30.31  ? 38 GLY A O   1 
ATOM   129  N  N   . LYS A 1 20 ? 12.142  10.128  10.712  1.00 34.73  ? 39 LYS A N   1 
ATOM   130  C  CA  . LYS A 1 20 ? 10.810  9.665   10.328  1.00 34.75  ? 39 LYS A CA  1 
ATOM   131  C  C   . LYS A 1 20 ? 9.983   10.768  9.675   1.00 34.42  ? 39 LYS A C   1 
ATOM   132  O  O   . LYS A 1 20 ? 9.810   11.840  10.246  1.00 34.70  ? 39 LYS A O   1 
ATOM   133  C  CB  . LYS A 1 20 ? 10.058  9.138   11.556  1.00 41.96  ? 39 LYS A CB  1 
ATOM   134  C  CG  . LYS A 1 20 ? 8.618   8.698   11.272  1.00 44.19  ? 39 LYS A CG  1 
ATOM   135  C  CD  . LYS A 1 20 ? 7.904   8.201   12.537  1.00 44.85  ? 39 LYS A CD  1 
ATOM   136  C  CE  . LYS A 1 20 ? 6.552   7.570   12.181  1.00 46.03  ? 39 LYS A CE  1 
ATOM   137  N  NZ  . LYS A 1 20 ? 5.828   7.027   13.369  1.00 45.88  ? 39 LYS A NZ  1 
ATOM   138  N  N   . PRO A 1 21 ? 9.460   10.513  8.468   1.00 30.73  ? 40 PRO A N   1 
ATOM   139  C  CA  . PRO A 1 21 ? 8.648   11.507  7.765   1.00 32.73  ? 40 PRO A CA  1 
ATOM   140  C  C   . PRO A 1 21 ? 7.427   11.890  8.594   1.00 35.54  ? 40 PRO A C   1 
ATOM   141  O  O   . PRO A 1 21 ? 6.927   11.081  9.374   1.00 36.67  ? 40 PRO A O   1 
ATOM   142  C  CB  . PRO A 1 21 ? 8.285   10.794  6.463   1.00 27.78  ? 40 PRO A CB  1 
ATOM   143  C  CG  . PRO A 1 21 ? 9.488   9.928   6.221   1.00 26.68  ? 40 PRO A CG  1 
ATOM   144  C  CD  . PRO A 1 21 ? 9.723   9.350   7.601   1.00 26.65  ? 40 PRO A CD  1 
ATOM   145  N  N   . GLN A 1 22 ? 6.952   13.121  8.431   1.00 29.84  ? 41 GLN A N   1 
ATOM   146  C  CA  . GLN A 1 22 ? 5.804   13.591  9.197   1.00 33.82  ? 41 GLN A CA  1 
ATOM   147  C  C   . GLN A 1 22 ? 4.579   13.778  8.319   1.00 36.65  ? 41 GLN A C   1 
ATOM   148  O  O   . GLN A 1 22 ? 4.667   14.297  7.207   1.00 35.95  ? 41 GLN A O   1 
ATOM   149  C  CB  . GLN A 1 22 ? 6.154   14.900  9.906   1.00 49.83  ? 41 GLN A CB  1 
ATOM   150  C  CG  . GLN A 1 22 ? 7.318   14.770  10.881  1.00 52.30  ? 41 GLN A CG  1 
ATOM   151  C  CD  . GLN A 1 22 ? 7.007   13.847  12.045  1.00 53.16  ? 41 GLN A CD  1 
ATOM   152  O  OE1 . GLN A 1 22 ? 6.128   14.133  12.856  1.00 54.84  ? 41 GLN A OE1 1 
ATOM   153  N  NE2 . GLN A 1 22 ? 7.724   12.729  12.127  1.00 53.30  ? 41 GLN A NE2 1 
ATOM   154  N  N   . LEU A 1 23 ? 3.432   13.359  8.837   1.00 43.41  ? 42 LEU A N   1 
ATOM   155  C  CA  . LEU A 1 23 ? 2.175   13.447  8.109   1.00 48.03  ? 42 LEU A CA  1 
ATOM   156  C  C   . LEU A 1 23 ? 1.200   14.479  8.675   1.00 50.91  ? 42 LEU A C   1 
ATOM   157  O  O   . LEU A 1 23 ? 0.933   14.500  9.875   1.00 50.96  ? 42 LEU A O   1 
ATOM   158  C  CB  . LEU A 1 23 ? 1.525   12.059  8.080   1.00 59.75  ? 42 LEU A CB  1 
ATOM   159  C  CG  . LEU A 1 23 ? 0.040   11.864  7.756   1.00 61.14  ? 42 LEU A CG  1 
ATOM   160  C  CD1 . LEU A 1 23 ? -0.339  12.555  6.456   1.00 60.52  ? 42 LEU A CD1 1 
ATOM   161  C  CD2 . LEU A 1 23 ? -0.237  10.371  7.669   1.00 61.10  ? 42 LEU A CD2 1 
ATOM   162  N  N   . ASP A 1 24 ? 0.684   15.340  7.801   1.00 76.61  ? 43 ASP A N   1 
ATOM   163  C  CA  . ASP A 1 24 ? -0.285  16.364  8.189   1.00 80.83  ? 43 ASP A CA  1 
ATOM   164  C  C   . ASP A 1 24 ? -1.663  15.951  7.698   1.00 82.12  ? 43 ASP A C   1 
ATOM   165  O  O   . ASP A 1 24 ? -1.947  16.011  6.502   1.00 82.59  ? 43 ASP A O   1 
ATOM   166  C  CB  . ASP A 1 24 ? 0.079   17.721  7.579   1.00 106.28 ? 43 ASP A CB  1 
ATOM   167  C  CG  . ASP A 1 24 ? 0.823   18.620  8.550   1.00 109.40 ? 43 ASP A CG  1 
ATOM   168  O  OD1 . ASP A 1 24 ? 0.243   18.965  9.604   1.00 110.92 ? 43 ASP A OD1 1 
ATOM   169  O  OD2 . ASP A 1 24 ? 1.985   18.979  8.260   1.00 110.71 ? 43 ASP A OD2 1 
ATOM   170  N  N   . LYS A 1 25 ? -2.516  15.530  8.624   1.00 74.79  ? 44 LYS A N   1 
ATOM   171  C  CA  . LYS A 1 25 ? -3.862  15.099  8.280   1.00 76.08  ? 44 LYS A CA  1 
ATOM   172  C  C   . LYS A 1 25 ? -4.728  16.249  7.773   1.00 77.27  ? 44 LYS A C   1 
ATOM   173  O  O   . LYS A 1 25 ? -5.905  16.057  7.468   1.00 77.71  ? 44 LYS A O   1 
ATOM   174  C  CB  . LYS A 1 25 ? -4.531  14.448  9.495   1.00 73.29  ? 44 LYS A CB  1 
ATOM   175  C  CG  . LYS A 1 25 ? -3.970  13.082  9.869   1.00 73.06  ? 44 LYS A CG  1 
ATOM   176  C  CD  . LYS A 1 25 ? -4.641  12.550  11.128  1.00 72.80  ? 44 LYS A CD  1 
ATOM   177  C  CE  . LYS A 1 25 ? -4.242  11.112  11.428  1.00 72.90  ? 44 LYS A CE  1 
ATOM   178  N  NZ  . LYS A 1 25 ? -4.786  10.149  10.424  1.00 72.77  ? 44 LYS A NZ  1 
ATOM   179  N  N   . GLU A 1 26 ? -4.143  17.441  7.675   1.00 84.01  ? 45 GLU A N   1 
ATOM   180  C  CA  . GLU A 1 26 ? -4.878  18.617  7.211   1.00 85.13  ? 45 GLU A CA  1 
ATOM   181  C  C   . GLU A 1 26 ? -4.428  19.134  5.846   1.00 84.71  ? 45 GLU A C   1 
ATOM   182  O  O   . GLU A 1 26 ? -5.082  19.996  5.260   1.00 85.65  ? 45 GLU A O   1 
ATOM   183  C  CB  . GLU A 1 26 ? -4.768  19.743  8.243   1.00 119.00 ? 45 GLU A CB  1 
ATOM   184  C  CG  . GLU A 1 26 ? -6.100  20.141  8.867   1.00 122.18 ? 45 GLU A CG  1 
ATOM   185  C  CD  . GLU A 1 26 ? -6.766  18.998  9.618   1.00 123.66 ? 45 GLU A CD  1 
ATOM   186  O  OE1 . GLU A 1 26 ? -7.897  19.194  10.117  1.00 125.21 ? 45 GLU A OE1 1 
ATOM   187  O  OE2 . GLU A 1 26 ? -6.161  17.907  9.712   1.00 123.46 ? 45 GLU A OE2 1 
ATOM   188  N  N   . THR A 1 27 ? -3.314  18.617  5.340   1.00 83.40  ? 46 THR A N   1 
ATOM   189  C  CA  . THR A 1 27 ? -2.813  19.049  4.041   1.00 82.46  ? 46 THR A CA  1 
ATOM   190  C  C   . THR A 1 27 ? -2.655  17.847  3.120   1.00 81.43  ? 46 THR A C   1 
ATOM   191  O  O   . THR A 1 27 ? -2.399  17.999  1.923   1.00 80.81  ? 46 THR A O   1 
ATOM   192  C  CB  . THR A 1 27 ? -1.444  19.756  4.165   1.00 73.90  ? 46 THR A CB  1 
ATOM   193  O  OG1 . THR A 1 27 ? -0.455  18.814  4.598   1.00 74.63  ? 46 THR A OG1 1 
ATOM   194  C  CG2 . THR A 1 27 ? -1.520  20.894  5.169   1.00 73.46  ? 46 THR A CG2 1 
ATOM   195  N  N   . GLY A 1 28 ? -2.817  16.655  3.689   1.00 79.72  ? 47 GLY A N   1 
ATOM   196  C  CA  . GLY A 1 28 ? -2.677  15.439  2.911   1.00 77.64  ? 47 GLY A CA  1 
ATOM   197  C  C   . GLY A 1 28 ? -1.264  15.327  2.381   1.00 75.63  ? 47 GLY A C   1 
ATOM   198  O  O   . GLY A 1 28 ? -1.007  14.652  1.383   1.00 75.40  ? 47 GLY A O   1 
HETATM 199  N  N   . MSE A 1 29 ? -0.341  15.997  3.060   1.00 58.46  ? 48 MSE A N   1 
HETATM 200  C  CA  . MSE A 1 29 ? 1.060   15.993  2.670   1.00 55.90  ? 48 MSE A CA  1 
HETATM 201  C  C   . MSE A 1 29 ? 1.934   15.315  3.711   1.00 51.41  ? 48 MSE A C   1 
HETATM 202  O  O   . MSE A 1 29 ? 1.640   15.345  4.906   1.00 51.06  ? 48 MSE A O   1 
HETATM 203  C  CB  . MSE A 1 29 ? 1.561   17.427  2.475   1.00 85.96  ? 48 MSE A CB  1 
HETATM 204  C  CG  . MSE A 1 29 ? 0.852   18.200  1.381   1.00 91.15  ? 48 MSE A CG  1 
HETATM 205  SE SE  . MSE A 1 29 ? 1.072   17.378  -0.348  1.00 99.73  ? 48 MSE A SE  1 
HETATM 206  C  CE  . MSE A 1 29 ? 2.778   18.146  -0.845  1.00 95.79  ? 48 MSE A CE  1 
ATOM   207  N  N   . THR A 1 30 ? 3.006   14.692  3.241   1.00 45.00  ? 49 THR A N   1 
ATOM   208  C  CA  . THR A 1 30 ? 3.957   14.041  4.124   1.00 39.53  ? 49 THR A CA  1 
ATOM   209  C  C   . THR A 1 30 ? 5.295   14.668  3.787   1.00 36.77  ? 49 THR A C   1 
ATOM   210  O  O   . THR A 1 30 ? 5.792   14.529  2.673   1.00 36.13  ? 49 THR A O   1 
ATOM   211  C  CB  . THR A 1 30 ? 4.042   12.516  3.881   1.00 40.45  ? 49 THR A CB  1 
ATOM   212  O  OG1 . THR A 1 30 ? 2.765   11.914  4.125   1.00 40.29  ? 49 THR A OG1 1 
ATOM   213  C  CG2 . THR A 1 30 ? 5.065   11.886  4.813   1.00 38.61  ? 49 THR A CG2 1 
ATOM   214  N  N   . SER A 1 31 ? 5.872   15.379  4.742   1.00 35.71  ? 50 SER A N   1 
ATOM   215  C  CA  . SER A 1 31 ? 7.151   16.013  4.500   1.00 33.65  ? 50 SER A CA  1 
ATOM   216  C  C   . SER A 1 31 ? 8.272   15.116  4.997   1.00 32.06  ? 50 SER A C   1 
ATOM   217  O  O   . SER A 1 31 ? 8.132   14.444  6.022   1.00 29.70  ? 50 SER A O   1 
ATOM   218  C  CB  . SER A 1 31 ? 7.210   17.352  5.223   1.00 47.35  ? 50 SER A CB  1 
ATOM   219  O  OG  . SER A 1 31 ? 7.194   17.152  6.627   1.00 50.44  ? 50 SER A OG  1 
ATOM   220  N  N   . TYR A 1 32 ? 9.377   15.100  4.255   1.00 34.91  ? 51 TYR A N   1 
ATOM   221  C  CA  . TYR A 1 32 ? 10.544  14.306  4.624   1.00 35.28  ? 51 TYR A CA  1 
ATOM   222  C  C   . TYR A 1 32 ? 11.811  15.029  4.195   1.00 35.32  ? 51 TYR A C   1 
ATOM   223  O  O   . TYR A 1 32 ? 11.749  16.024  3.477   1.00 35.96  ? 51 TYR A O   1 
ATOM   224  C  CB  . TYR A 1 32 ? 10.514  12.931  3.951   1.00 32.45  ? 51 TYR A CB  1 
ATOM   225  C  CG  . TYR A 1 32 ? 10.626  12.971  2.443   1.00 29.68  ? 51 TYR A CG  1 
ATOM   226  C  CD1 . TYR A 1 32 ? 9.524   13.274  1.648   1.00 31.00  ? 51 TYR A CD1 1 
ATOM   227  C  CD2 . TYR A 1 32 ? 11.835  12.709  1.814   1.00 27.72  ? 51 TYR A CD2 1 
ATOM   228  C  CE1 . TYR A 1 32 ? 9.627   13.309  0.249   1.00 30.56  ? 51 TYR A CE1 1 
ATOM   229  C  CE2 . TYR A 1 32 ? 11.951  12.743  0.425   1.00 29.02  ? 51 TYR A CE2 1 
ATOM   230  C  CZ  . TYR A 1 32 ? 10.844  13.041  -0.351  1.00 30.57  ? 51 TYR A CZ  1 
ATOM   231  O  OH  . TYR A 1 32 ? 10.952  13.044  -1.722  1.00 32.31  ? 51 TYR A OH  1 
ATOM   232  N  N   . THR A 1 33 ? 12.955  14.509  4.631   1.00 43.59  ? 52 THR A N   1 
ATOM   233  C  CA  . THR A 1 33 ? 14.260  15.071  4.297   1.00 44.83  ? 52 THR A CA  1 
ATOM   234  C  C   . THR A 1 33 ? 15.052  14.008  3.552   1.00 46.32  ? 52 THR A C   1 
ATOM   235  O  O   . THR A 1 33 ? 15.350  12.956  4.121   1.00 48.42  ? 52 THR A O   1 
ATOM   236  C  CB  . THR A 1 33 ? 15.057  15.438  5.562   1.00 34.51  ? 52 THR A CB  1 
ATOM   237  O  OG1 . THR A 1 33 ? 14.258  16.256  6.420   1.00 33.73  ? 52 THR A OG1 1 
ATOM   238  C  CG2 . THR A 1 33 ? 16.318  16.192  5.187   1.00 34.72  ? 52 THR A CG2 1 
ATOM   239  N  N   . ASP A 1 34 ? 15.399  14.265  2.294   1.00 28.17  ? 53 ASP A N   1 
ATOM   240  C  CA  . ASP A 1 34 ? 16.152  13.275  1.536   1.00 28.78  ? 53 ASP A CA  1 
ATOM   241  C  C   . ASP A 1 34 ? 17.577  13.109  2.058   1.00 29.43  ? 53 ASP A C   1 
ATOM   242  O  O   . ASP A 1 34 ? 17.949  13.708  3.068   1.00 28.96  ? 53 ASP A O   1 
ATOM   243  C  CB  . ASP A 1 34 ? 16.171  13.633  0.045   1.00 51.34  ? 53 ASP A CB  1 
ATOM   244  C  CG  . ASP A 1 34 ? 16.756  15.009  -0.231  1.00 51.85  ? 53 ASP A CG  1 
ATOM   245  O  OD1 . ASP A 1 34 ? 17.818  15.340  0.332   1.00 50.63  ? 53 ASP A OD1 1 
ATOM   246  O  OD2 . ASP A 1 34 ? 16.153  15.751  -1.032  1.00 54.34  ? 53 ASP A OD2 1 
ATOM   247  N  N   . GLN A 1 35 ? 18.369  12.291  1.368   1.00 36.12  ? 54 GLN A N   1 
ATOM   248  C  CA  . GLN A 1 35 ? 19.751  12.039  1.763   1.00 37.89  ? 54 GLN A CA  1 
ATOM   249  C  C   . GLN A 1 35 ? 20.674  13.236  1.568   1.00 38.38  ? 54 GLN A C   1 
ATOM   250  O  O   . GLN A 1 35 ? 21.832  13.197  1.972   1.00 37.59  ? 54 GLN A O   1 
ATOM   251  C  CB  . GLN A 1 35 ? 20.318  10.841  0.998   1.00 47.41  ? 54 GLN A CB  1 
ATOM   252  C  CG  . GLN A 1 35 ? 19.869  9.482   1.514   1.00 49.47  ? 54 GLN A CG  1 
ATOM   253  C  CD  . GLN A 1 35 ? 20.237  9.253   2.972   1.00 52.16  ? 54 GLN A CD  1 
ATOM   254  O  OE1 . GLN A 1 35 ? 19.646  9.848   3.877   1.00 53.38  ? 54 GLN A OE1 1 
ATOM   255  N  NE2 . GLN A 1 35 ? 21.216  8.387   3.207   1.00 52.85  ? 54 GLN A NE2 1 
ATOM   256  N  N   . GLU A 1 36 ? 20.174  14.293  0.945   1.00 45.51  ? 55 GLU A N   1 
ATOM   257  C  CA  . GLU A 1 36 ? 20.993  15.479  0.746   1.00 48.70  ? 55 GLU A CA  1 
ATOM   258  C  C   . GLU A 1 36 ? 20.530  16.580  1.685   1.00 48.68  ? 55 GLU A C   1 
ATOM   259  O  O   . GLU A 1 36 ? 20.737  17.761  1.420   1.00 50.20  ? 55 GLU A O   1 
ATOM   260  C  CB  . GLU A 1 36 ? 20.916  15.975  -0.704  1.00 65.92  ? 55 GLU A CB  1 
ATOM   261  C  CG  . GLU A 1 36 ? 21.496  15.016  -1.742  1.00 69.57  ? 55 GLU A CG  1 
ATOM   262  C  CD  . GLU A 1 36 ? 21.838  15.714  -3.055  1.00 72.58  ? 55 GLU A CD  1 
ATOM   263  O  OE1 . GLU A 1 36 ? 21.101  16.651  -3.450  1.00 74.42  ? 55 GLU A OE1 1 
ATOM   264  O  OE2 . GLU A 1 36 ? 22.840  15.320  -3.697  1.00 72.79  ? 55 GLU A OE2 1 
ATOM   265  N  N   . GLY A 1 37 ? 19.898  16.189  2.784   1.00 42.27  ? 56 GLY A N   1 
ATOM   266  C  CA  . GLY A 1 37 ? 19.417  17.170  3.737   1.00 42.33  ? 56 GLY A CA  1 
ATOM   267  C  C   . GLY A 1 37 ? 18.300  18.034  3.181   1.00 42.50  ? 56 GLY A C   1 
ATOM   268  O  O   . GLY A 1 37 ? 17.668  18.790  3.918   1.00 42.36  ? 56 GLY A O   1 
ATOM   269  N  N   . ASN A 1 38 ? 18.056  17.940  1.879   1.00 44.51  ? 57 ASN A N   1 
ATOM   270  C  CA  . ASN A 1 38 ? 16.992  18.724  1.264   1.00 46.00  ? 57 ASN A CA  1 
ATOM   271  C  C   . ASN A 1 38 ? 15.672  18.274  1.850   1.00 46.23  ? 57 ASN A C   1 
ATOM   272  O  O   . ASN A 1 38 ? 15.486  17.094  2.144   1.00 47.66  ? 57 ASN A O   1 
ATOM   273  C  CB  . ASN A 1 38 ? 16.958  18.515  -0.251  1.00 64.58  ? 57 ASN A CB  1 
ATOM   274  C  CG  . ASN A 1 38 ? 18.205  19.006  -0.933  1.00 65.35  ? 57 ASN A CG  1 
ATOM   275  O  OD1 . ASN A 1 38 ? 18.579  20.169  -0.796  1.00 66.89  ? 57 ASN A OD1 1 
ATOM   276  N  ND2 . ASN A 1 38 ? 18.858  18.126  -1.684  1.00 66.21  ? 57 ASN A ND2 1 
ATOM   277  N  N   . GLN A 1 39 ? 14.749  19.209  2.013   1.00 42.84  ? 58 GLN A N   1 
ATOM   278  C  CA  . GLN A 1 39 ? 13.453  18.873  2.567   1.00 43.71  ? 58 GLN A CA  1 
ATOM   279  C  C   . GLN A 1 39 ? 12.404  18.845  1.466   1.00 43.45  ? 58 GLN A C   1 
ATOM   280  O  O   . GLN A 1 39 ? 12.328  19.759  0.640   1.00 43.35  ? 58 GLN A O   1 
ATOM   281  C  CB  . GLN A 1 39 ? 13.097  19.878  3.663   1.00 74.94  ? 58 GLN A CB  1 
ATOM   282  C  CG  . GLN A 1 39 ? 14.267  20.107  4.620   1.00 78.85  ? 58 GLN A CG  1 
ATOM   283  C  CD  . GLN A 1 39 ? 13.840  20.593  5.993   1.00 82.03  ? 58 GLN A CD  1 
ATOM   284  O  OE1 . GLN A 1 39 ? 13.097  21.569  6.113   1.00 83.91  ? 58 GLN A OE1 1 
ATOM   285  N  NE2 . GLN A 1 39 ? 14.321  19.919  7.040   1.00 80.31  ? 58 GLN A NE2 1 
ATOM   286  N  N   . ARG A 1 40 ? 11.609  17.779  1.448   1.00 38.31  ? 59 ARG A N   1 
ATOM   287  C  CA  . ARG A 1 40 ? 10.575  17.620  0.436   1.00 37.41  ? 59 ARG A CA  1 
ATOM   288  C  C   . ARG A 1 40 ? 9.227   17.362  1.089   1.00 37.10  ? 59 ARG A C   1 
ATOM   289  O  O   . ARG A 1 40 ? 9.104   17.317  2.311   1.00 36.99  ? 59 ARG A O   1 
ATOM   290  C  CB  . ARG A 1 40 ? 10.893  16.434  -0.476  1.00 50.46  ? 59 ARG A CB  1 
ATOM   291  C  CG  . ARG A 1 40 ? 12.350  16.271  -0.868  1.00 51.94  ? 59 ARG A CG  1 
ATOM   292  C  CD  . ARG A 1 40 ? 12.772  17.222  -1.965  1.00 53.36  ? 59 ARG A CD  1 
ATOM   293  N  NE  . ARG A 1 40 ? 14.102  16.882  -2.460  1.00 54.71  ? 59 ARG A NE  1 
ATOM   294  C  CZ  . ARG A 1 40 ? 14.771  17.586  -3.367  1.00 55.58  ? 59 ARG A CZ  1 
ATOM   295  N  NH1 . ARG A 1 40 ? 14.237  18.684  -3.889  1.00 55.82  ? 59 ARG A NH1 1 
ATOM   296  N  NH2 . ARG A 1 40 ? 15.979  17.189  -3.751  1.00 55.06  ? 59 ARG A NH2 1 
ATOM   297  N  N   . GLU A 1 41 ? 8.215   17.191  0.248   1.00 45.05  ? 60 GLU A N   1 
ATOM   298  C  CA  . GLU A 1 41 ? 6.869   16.902  0.707   1.00 45.88  ? 60 GLU A CA  1 
ATOM   299  C  C   . GLU A 1 41 ? 6.233   16.078  -0.401  1.00 44.60  ? 60 GLU A C   1 
ATOM   300  O  O   . GLU A 1 41 ? 6.553   16.264  -1.575  1.00 45.71  ? 60 GLU A O   1 
ATOM   301  C  CB  . GLU A 1 41 ? 6.083   18.200  0.945   1.00 87.21  ? 60 GLU A CB  1 
ATOM   302  C  CG  . GLU A 1 41 ? 4.984   18.083  2.006   1.00 90.49  ? 60 GLU A CG  1 
ATOM   303  C  CD  . GLU A 1 41 ? 4.374   19.430  2.388   1.00 94.92  ? 60 GLU A CD  1 
ATOM   304  O  OE1 . GLU A 1 41 ? 3.798   20.093  1.498   1.00 97.04  ? 60 GLU A OE1 1 
ATOM   305  O  OE2 . GLU A 1 41 ? 4.468   19.828  3.575   1.00 95.23  ? 60 GLU A OE2 1 
ATOM   306  N  N   . ILE A 1 42 ? 5.355   15.152  -0.030  1.00 33.23  ? 61 ILE A N   1 
ATOM   307  C  CA  . ILE A 1 42 ? 4.689   14.299  -1.007  1.00 32.20  ? 61 ILE A CA  1 
ATOM   308  C  C   . ILE A 1 42 ? 3.278   13.994  -0.545  1.00 31.09  ? 61 ILE A C   1 
ATOM   309  O  O   . ILE A 1 42 ? 3.007   13.939  0.651   1.00 30.45  ? 61 ILE A O   1 
ATOM   310  C  CB  . ILE A 1 42 ? 5.451   12.961  -1.199  1.00 37.19  ? 61 ILE A CB  1 
ATOM   311  C  CG1 . ILE A 1 42 ? 4.711   12.070  -2.198  1.00 36.94  ? 61 ILE A CG1 1 
ATOM   312  C  CG2 . ILE A 1 42 ? 5.584   12.229  0.135   1.00 35.52  ? 61 ILE A CG2 1 
ATOM   313  C  CD1 . ILE A 1 42 ? 5.417   10.757  -2.478  1.00 37.47  ? 61 ILE A CD1 1 
ATOM   314  N  N   . ASN A 1 43 ? 2.374   13.812  -1.497  1.00 41.83  ? 62 ASN A N   1 
ATOM   315  C  CA  . ASN A 1 43 ? 0.996   13.492  -1.159  1.00 43.84  ? 62 ASN A CA  1 
ATOM   316  C  C   . ASN A 1 43 ? 0.957   12.179  -0.376  1.00 44.11  ? 62 ASN A C   1 
ATOM   317  O  O   . ASN A 1 43 ? 1.485   11.156  -0.818  1.00 42.81  ? 62 ASN A O   1 
ATOM   318  C  CB  . ASN A 1 43 ? 0.154   13.391  -2.432  1.00 59.98  ? 62 ASN A CB  1 
ATOM   319  C  CG  . ASN A 1 43 ? -1.208  12.777  -2.183  1.00 62.08  ? 62 ASN A CG  1 
ATOM   320  O  OD1 . ASN A 1 43 ? -1.855  13.056  -1.173  1.00 63.57  ? 62 ASN A OD1 1 
ATOM   321  N  ND2 . ASN A 1 43 ? -1.655  11.938  -3.111  1.00 63.01  ? 62 ASN A ND2 1 
ATOM   322  N  N   . SER A 1 44 ? 0.338   12.226  0.798   1.00 51.65  ? 63 SER A N   1 
ATOM   323  C  CA  . SER A 1 44 ? 0.237   11.062  1.668   1.00 51.52  ? 63 SER A CA  1 
ATOM   324  C  C   . SER A 1 44 ? -0.380  9.845   0.995   1.00 51.62  ? 63 SER A C   1 
ATOM   325  O  O   . SER A 1 44 ? -0.184  8.721   1.453   1.00 53.31  ? 63 SER A O   1 
ATOM   326  C  CB  . SER A 1 44 ? -0.569  11.417  2.920   1.00 46.23  ? 63 SER A CB  1 
ATOM   327  O  OG  . SER A 1 44 ? 0.016   12.517  3.595   1.00 45.83  ? 63 SER A OG  1 
ATOM   328  N  N   . ASN A 1 45 ? -1.125  10.062  -0.085  1.00 44.88  ? 64 ASN A N   1 
ATOM   329  C  CA  . ASN A 1 45 ? -1.756  8.953   -0.798  1.00 44.01  ? 64 ASN A CA  1 
ATOM   330  C  C   . ASN A 1 45 ? -0.743  8.226   -1.676  1.00 42.22  ? 64 ASN A C   1 
ATOM   331  O  O   . ASN A 1 45 ? -0.925  7.056   -2.018  1.00 40.87  ? 64 ASN A O   1 
ATOM   332  C  CB  . ASN A 1 45 ? -2.914  9.458   -1.665  1.00 84.33  ? 64 ASN A CB  1 
ATOM   333  C  CG  . ASN A 1 45 ? -4.043  10.049  -0.842  1.00 88.15  ? 64 ASN A CG  1 
ATOM   334  O  OD1 . ASN A 1 45 ? -3.903  11.127  -0.255  1.00 90.30  ? 64 ASN A OD1 1 
ATOM   335  N  ND2 . ASN A 1 45 ? -5.168  9.342   -0.787  1.00 89.15  ? 64 ASN A ND2 1 
ATOM   336  N  N   . ASP A 1 46 ? 0.327   8.930   -2.031  1.00 33.54  ? 65 ASP A N   1 
ATOM   337  C  CA  . ASP A 1 46 ? 1.377   8.367   -2.863  1.00 31.43  ? 65 ASP A CA  1 
ATOM   338  C  C   . ASP A 1 46 ? 2.395   7.540   -2.084  1.00 29.52  ? 65 ASP A C   1 
ATOM   339  O  O   . ASP A 1 46 ? 3.349   7.016   -2.663  1.00 28.54  ? 65 ASP A O   1 
ATOM   340  C  CB  . ASP A 1 46 ? 2.097   9.486   -3.609  1.00 53.52  ? 65 ASP A CB  1 
ATOM   341  C  CG  . ASP A 1 46 ? 1.201   10.185  -4.611  1.00 56.79  ? 65 ASP A CG  1 
ATOM   342  O  OD1 . ASP A 1 46 ? 0.736   9.513   -5.556  1.00 59.14  ? 65 ASP A OD1 1 
ATOM   343  O  OD2 . ASP A 1 46 ? 0.957   11.400  -4.455  1.00 57.52  ? 65 ASP A OD2 1 
ATOM   344  N  N   . VAL A 1 47 ? 2.196   7.419   -0.773  1.00 34.81  ? 66 VAL A N   1 
ATOM   345  C  CA  . VAL A 1 47 ? 3.108   6.647   0.063   1.00 33.23  ? 66 VAL A CA  1 
ATOM   346  C  C   . VAL A 1 47 ? 2.545   5.256   0.363   1.00 32.34  ? 66 VAL A C   1 
ATOM   347  O  O   . VAL A 1 47 ? 1.526   5.119   1.045   1.00 30.26  ? 66 VAL A O   1 
ATOM   348  C  CB  . VAL A 1 47 ? 3.385   7.360   1.406   1.00 28.46  ? 66 VAL A CB  1 
ATOM   349  C  CG1 . VAL A 1 47 ? 4.364   6.543   2.228   1.00 26.85  ? 66 VAL A CG1 1 
ATOM   350  C  CG2 . VAL A 1 47 ? 3.929   8.769   1.156   1.00 28.61  ? 66 VAL A CG2 1 
ATOM   351  N  N   . ALA A 1 48 ? 3.223   4.228   -0.142  1.00 29.15  ? 67 ALA A N   1 
ATOM   352  C  CA  . ALA A 1 48 ? 2.793   2.849   0.061   1.00 28.43  ? 67 ALA A CA  1 
ATOM   353  C  C   . ALA A 1 48 ? 3.215   2.350   1.439   1.00 28.13  ? 67 ALA A C   1 
ATOM   354  O  O   . ALA A 1 48 ? 2.383   1.851   2.204   1.00 27.66  ? 67 ALA A O   1 
ATOM   355  C  CB  . ALA A 1 48 ? 3.374   1.954   -1.029  1.00 23.57  ? 67 ALA A CB  1 
ATOM   356  N  N   . GLN A 1 49 ? 4.504   2.479   1.746   1.00 22.17  ? 68 GLN A N   1 
ATOM   357  C  CA  . GLN A 1 49 ? 5.020   2.068   3.046   1.00 22.25  ? 68 GLN A CA  1 
ATOM   358  C  C   . GLN A 1 49 ? 6.111   2.988   3.583   1.00 19.71  ? 68 GLN A C   1 
ATOM   359  O  O   . GLN A 1 49 ? 6.843   3.625   2.833   1.00 20.07  ? 68 GLN A O   1 
ATOM   360  C  CB  . GLN A 1 49 ? 5.521   0.619   2.994   1.00 33.43  ? 68 GLN A CB  1 
ATOM   361  C  CG  . GLN A 1 49 ? 4.415   -0.384  3.307   1.00 37.40  ? 68 GLN A CG  1 
ATOM   362  C  CD  . GLN A 1 49 ? 4.838   -1.836  3.165   1.00 41.84  ? 68 GLN A CD  1 
ATOM   363  O  OE1 . GLN A 1 49 ? 5.209   -2.287  2.076   1.00 45.46  ? 68 GLN A OE1 1 
ATOM   364  N  NE2 . GLN A 1 49 ? 4.773   -2.581  4.264   1.00 39.45  ? 68 GLN A NE2 1 
ATOM   365  N  N   . LEU A 1 50 ? 6.194   3.072   4.901   1.00 21.18  ? 69 LEU A N   1 
ATOM   366  C  CA  . LEU A 1 50 ? 7.186   3.908   5.566   1.00 21.11  ? 69 LEU A CA  1 
ATOM   367  C  C   . LEU A 1 50 ? 7.818   3.018   6.623   1.00 19.25  ? 69 LEU A C   1 
ATOM   368  O  O   . LEU A 1 50 ? 7.262   2.833   7.699   1.00 19.43  ? 69 LEU A O   1 
ATOM   369  C  CB  . LEU A 1 50 ? 6.503   5.090   6.237   1.00 32.96  ? 69 LEU A CB  1 
ATOM   370  C  CG  . LEU A 1 50 ? 7.252   6.411   6.224   1.00 36.18  ? 69 LEU A CG  1 
ATOM   371  C  CD1 . LEU A 1 50 ? 6.836   7.195   4.989   1.00 37.21  ? 69 LEU A CD1 1 
ATOM   372  C  CD2 . LEU A 1 50 ? 6.915   7.202   7.479   1.00 38.53  ? 69 LEU A CD2 1 
ATOM   373  N  N   . ILE A 1 51 ? 8.995   2.491   6.326   1.00 20.12  ? 70 ILE A N   1 
ATOM   374  C  CA  . ILE A 1 51 ? 9.638   1.562   7.240   1.00 20.36  ? 70 ILE A CA  1 
ATOM   375  C  C   . ILE A 1 51 ? 10.968  2.015   7.824   1.00 21.49  ? 70 ILE A C   1 
ATOM   376  O  O   . ILE A 1 51 ? 11.860  2.446   7.092   1.00 20.11  ? 70 ILE A O   1 
ATOM   377  C  CB  . ILE A 1 51 ? 9.816   0.213   6.525   1.00 19.15  ? 70 ILE A CB  1 
ATOM   378  C  CG1 . ILE A 1 51 ? 8.426   -0.311  6.118   1.00 20.01  ? 70 ILE A CG1 1 
ATOM   379  C  CG2 . ILE A 1 51 ? 10.572  -0.780  7.411   1.00 13.84  ? 70 ILE A CG2 1 
ATOM   380  C  CD1 . ILE A 1 51 ? 8.448   -1.545  5.223   1.00 23.10  ? 70 ILE A CD1 1 
ATOM   381  N  N   . LYS A 1 52 ? 11.086  1.914   9.148   1.00 17.24  ? 71 LYS A N   1 
ATOM   382  C  CA  . LYS A 1 52 ? 12.310  2.293   9.835   1.00 19.76  ? 71 LYS A CA  1 
ATOM   383  C  C   . LYS A 1 52 ? 13.382  1.288   9.431   1.00 19.77  ? 71 LYS A C   1 
ATOM   384  O  O   . LYS A 1 52 ? 13.196  0.082   9.577   1.00 18.37  ? 71 LYS A O   1 
ATOM   385  C  CB  . LYS A 1 52 ? 12.120  2.261   11.360  1.00 29.65  ? 71 LYS A CB  1 
ATOM   386  C  CG  . LYS A 1 52 ? 13.297  2.893   12.100  1.00 35.79  ? 71 LYS A CG  1 
ATOM   387  C  CD  . LYS A 1 52 ? 13.243  2.710   13.613  1.00 41.52  ? 71 LYS A CD  1 
ATOM   388  C  CE  . LYS A 1 52 ? 12.141  3.533   14.272  1.00 46.22  ? 71 LYS A CE  1 
ATOM   389  N  NZ  . LYS A 1 52 ? 12.167  3.382   15.766  1.00 48.11  ? 71 LYS A NZ  1 
ATOM   390  N  N   . ALA A 1 53 ? 14.504  1.781   8.924   1.00 24.56  ? 72 ALA A N   1 
ATOM   391  C  CA  . ALA A 1 53 ? 15.574  0.898   8.486   1.00 26.38  ? 72 ALA A CA  1 
ATOM   392  C  C   . ALA A 1 53 ? 16.289  0.203   9.635   1.00 26.52  ? 72 ALA A C   1 
ATOM   393  O  O   . ALA A 1 53 ? 16.422  0.757   10.725  1.00 26.43  ? 72 ALA A O   1 
ATOM   394  C  CB  . ALA A 1 53 ? 16.591  1.681   7.644   1.00 22.06  ? 72 ALA A CB  1 
ATOM   395  N  N   . ASP A 1 54 ? 16.733  -1.022  9.391   1.00 22.16  ? 73 ASP A N   1 
ATOM   396  C  CA  . ASP A 1 54 ? 17.473  -1.767  10.401  1.00 25.23  ? 73 ASP A CA  1 
ATOM   397  C  C   . ASP A 1 54 ? 18.933  -1.560  10.027  1.00 24.98  ? 73 ASP A C   1 
ATOM   398  O  O   . ASP A 1 54 ? 19.245  -1.420  8.844   1.00 22.13  ? 73 ASP A O   1 
ATOM   399  C  CB  . ASP A 1 54 ? 17.110  -3.251  10.345  1.00 44.82  ? 73 ASP A CB  1 
ATOM   400  C  CG  . ASP A 1 54 ? 15.666  -3.512  10.754  1.00 49.15  ? 73 ASP A CG  1 
ATOM   401  O  OD1 . ASP A 1 54 ? 15.364  -3.412  11.963  1.00 51.82  ? 73 ASP A OD1 1 
ATOM   402  O  OD2 . ASP A 1 54 ? 14.832  -3.801  9.864   1.00 51.43  ? 73 ASP A OD2 1 
ATOM   403  N  N   . LEU A 1 55 ? 19.819  -1.512  11.021  1.00 25.47  ? 74 LEU A N   1 
ATOM   404  C  CA  . LEU A 1 55 ? 21.242  -1.314  10.748  1.00 26.44  ? 74 LEU A CA  1 
ATOM   405  C  C   . LEU A 1 55 ? 21.837  -2.523  10.028  1.00 25.87  ? 74 LEU A C   1 
ATOM   406  O  O   . LEU A 1 55 ? 22.621  -2.371  9.084   1.00 24.68  ? 74 LEU A O   1 
ATOM   407  C  CB  . LEU A 1 55 ? 22.014  -1.053  12.045  1.00 33.37  ? 74 LEU A CB  1 
ATOM   408  C  CG  . LEU A 1 55 ? 23.505  -0.723  11.864  1.00 37.57  ? 74 LEU A CG  1 
ATOM   409  C  CD1 . LEU A 1 55 ? 23.650  0.550   11.024  1.00 37.16  ? 74 LEU A CD1 1 
ATOM   410  C  CD2 . LEU A 1 55 ? 24.184  -0.541  13.232  1.00 36.51  ? 74 LEU A CD2 1 
ATOM   411  N  N   . GLU A 1 56 ? 21.451  -3.718  10.472  1.00 24.72  ? 75 GLU A N   1 
ATOM   412  C  CA  . GLU A 1 56 ? 21.934  -4.961  9.873   1.00 26.52  ? 75 GLU A CA  1 
ATOM   413  C  C   . GLU A 1 56 ? 20.897  -6.086  9.982   1.00 26.62  ? 75 GLU A C   1 
ATOM   414  O  O   . GLU A 1 56 ? 19.846  -5.932  10.609  1.00 25.13  ? 75 GLU A O   1 
ATOM   415  C  CB  . GLU A 1 56 ? 23.229  -5.416  10.554  1.00 41.50  ? 75 GLU A CB  1 
ATOM   416  C  CG  . GLU A 1 56 ? 23.015  -6.219  11.829  1.00 46.19  ? 75 GLU A CG  1 
ATOM   417  C  CD  . GLU A 1 56 ? 23.401  -5.461  13.087  1.00 52.06  ? 75 GLU A CD  1 
ATOM   418  O  OE1 . GLU A 1 56 ? 22.777  -4.411  13.376  1.00 53.23  ? 75 GLU A OE1 1 
ATOM   419  O  OE2 . GLU A 1 56 ? 24.334  -5.923  13.792  1.00 53.04  ? 75 GLU A OE2 1 
ATOM   420  N  N   . HIS A 1 57 ? 21.220  -7.226  9.383   1.00 25.44  ? 76 HIS A N   1 
ATOM   421  C  CA  . HIS A 1 57 ? 20.344  -8.390  9.391   1.00 27.93  ? 76 HIS A CA  1 
ATOM   422  C  C   . HIS A 1 57 ? 20.582  -9.211  10.644  1.00 29.83  ? 76 HIS A C   1 
ATOM   423  O  O   . HIS A 1 57 ? 21.709  -9.281  11.126  1.00 31.66  ? 76 HIS A O   1 
ATOM   424  C  CB  . HIS A 1 57 ? 20.645  -9.262  8.174   1.00 33.45  ? 76 HIS A CB  1 
ATOM   425  C  CG  . HIS A 1 57 ? 22.073  -9.707  8.097   1.00 33.45  ? 76 HIS A CG  1 
ATOM   426  N  ND1 . HIS A 1 57 ? 23.115  -8.827  7.888   1.00 32.54  ? 76 HIS A ND1 1 
ATOM   427  C  CD2 . HIS A 1 57 ? 22.635  -10.931 8.234   1.00 33.62  ? 76 HIS A CD2 1 
ATOM   428  C  CE1 . HIS A 1 57 ? 24.257  -9.491  7.899   1.00 33.50  ? 76 HIS A CE1 1 
ATOM   429  N  NE2 . HIS A 1 57 ? 23.996  -10.770 8.107   1.00 34.72  ? 76 HIS A NE2 1 
ATOM   430  N  N   . HIS A 1 58 ? 19.535  -9.838  11.171  1.00 35.55  ? 77 HIS A N   1 
ATOM   431  C  CA  . HIS A 1 58 ? 19.698  -10.675 12.358  1.00 40.74  ? 77 HIS A CA  1 
ATOM   432  C  C   . HIS A 1 58 ? 18.714  -11.838 12.464  1.00 43.51  ? 77 HIS A C   1 
ATOM   433  O  O   . HIS A 1 58 ? 17.660  -11.837 11.829  1.00 44.76  ? 77 HIS A O   1 
ATOM   434  C  CB  . HIS A 1 58 ? 19.681  -9.821  13.634  1.00 63.90  ? 77 HIS A CB  1 
ATOM   435  C  CG  . HIS A 1 58 ? 18.495  -8.916  13.759  1.00 65.75  ? 77 HIS A CG  1 
ATOM   436  N  ND1 . HIS A 1 58 ? 17.253  -9.365  14.162  1.00 67.11  ? 77 HIS A ND1 1 
ATOM   437  C  CD2 . HIS A 1 58 ? 18.369  -7.580  13.573  1.00 66.66  ? 77 HIS A CD2 1 
ATOM   438  C  CE1 . HIS A 1 58 ? 16.418  -8.342  14.222  1.00 68.00  ? 77 HIS A CE1 1 
ATOM   439  N  NE2 . HIS A 1 58 ? 17.068  -7.248  13.871  1.00 67.74  ? 77 HIS A NE2 1 
ATOM   440  N  N   . HIS A 1 59 ? 19.093  -12.829 13.271  1.00 78.67  ? 78 HIS A N   1 
ATOM   441  C  CA  . HIS A 1 59 ? 18.327  -14.063 13.501  1.00 81.80  ? 78 HIS A CA  1 
ATOM   442  C  C   . HIS A 1 59 ? 18.727  -15.106 12.467  1.00 83.25  ? 78 HIS A C   1 
ATOM   443  O  O   . HIS A 1 59 ? 19.506  -16.019 12.822  1.00 83.72  ? 78 HIS A O   1 
ATOM   444  C  CB  . HIS A 1 59 ? 16.810  -13.844 13.408  1.00 85.10  ? 78 HIS A CB  1 
ATOM   445  C  CG  . HIS A 1 59 ? 16.165  -13.455 14.703  1.00 87.40  ? 78 HIS A CG  1 
ATOM   446  N  ND1 . HIS A 1 59 ? 14.863  -13.792 15.013  1.00 88.30  ? 78 HIS A ND1 1 
ATOM   447  C  CD2 . HIS A 1 59 ? 16.629  -12.743 15.758  1.00 87.89  ? 78 HIS A CD2 1 
ATOM   448  C  CE1 . HIS A 1 59 ? 14.554  -13.305 16.203  1.00 88.70  ? 78 HIS A CE1 1 
ATOM   449  N  NE2 . HIS A 1 59 ? 15.606  -12.664 16.676  1.00 88.72  ? 78 HIS A NE2 1 
ATOM   450  N  N   . THR B 1 2  ? -10.922 -22.078 10.626  1.00 45.22  ? 21 THR B N   1 
ATOM   451  C  CA  . THR B 1 2  ? -10.946 -20.612 10.894  1.00 43.76  ? 21 THR B CA  1 
ATOM   452  C  C   . THR B 1 2  ? -10.153 -19.867 9.816   1.00 40.89  ? 21 THR B C   1 
ATOM   453  O  O   . THR B 1 2  ? -8.991  -20.186 9.542   1.00 40.79  ? 21 THR B O   1 
ATOM   454  C  CB  . THR B 1 2  ? -10.374 -20.312 12.297  1.00 59.68  ? 21 THR B CB  1 
ATOM   455  O  OG1 . THR B 1 2  ? -10.198 -18.898 12.465  1.00 62.35  ? 21 THR B OG1 1 
ATOM   456  C  CG2 . THR B 1 2  ? -9.052  -21.028 12.483  1.00 62.63  ? 21 THR B CG2 1 
ATOM   457  N  N   . THR B 1 3  ? -10.801 -18.883 9.198   1.00 30.20  ? 22 THR B N   1 
ATOM   458  C  CA  . THR B 1 3  ? -10.183 -18.106 8.131   1.00 27.23  ? 22 THR B CA  1 
ATOM   459  C  C   . THR B 1 3  ? -9.199  -17.106 8.703   1.00 26.14  ? 22 THR B C   1 
ATOM   460  O  O   . THR B 1 3  ? -9.498  -16.410 9.671   1.00 26.51  ? 22 THR B O   1 
ATOM   461  C  CB  . THR B 1 3  ? -11.233 -17.310 7.317   1.00 23.97  ? 22 THR B CB  1 
ATOM   462  O  OG1 . THR B 1 3  ? -12.398 -18.108 7.109   1.00 23.80  ? 22 THR B OG1 1 
ATOM   463  C  CG2 . THR B 1 3  ? -10.669 -16.920 5.960   1.00 23.10  ? 22 THR B CG2 1 
ATOM   464  N  N   . ASN B 1 4  ? -8.020  -17.043 8.098   1.00 24.29  ? 23 ASN B N   1 
ATOM   465  C  CA  . ASN B 1 4  ? -7.000  -16.112 8.544   1.00 22.73  ? 23 ASN B CA  1 
ATOM   466  C  C   . ASN B 1 4  ? -6.674  -15.107 7.465   1.00 20.64  ? 23 ASN B C   1 
ATOM   467  O  O   . ASN B 1 4  ? -6.672  -15.423 6.276   1.00 17.27  ? 23 ASN B O   1 
ATOM   468  C  CB  . ASN B 1 4  ? -5.702  -16.835 8.909   1.00 27.37  ? 23 ASN B CB  1 
ATOM   469  C  CG  . ASN B 1 4  ? -5.789  -17.575 10.226  1.00 25.36  ? 23 ASN B CG  1 
ATOM   470  O  OD1 . ASN B 1 4  ? -6.027  -16.981 11.278  1.00 24.80  ? 23 ASN B OD1 1 
ATOM   471  N  ND2 . ASN B 1 4  ? -5.591  -18.879 10.172  1.00 28.04  ? 23 ASN B ND2 1 
ATOM   472  N  N   . TYR B 1 5  ? -6.413  -13.882 7.897   1.00 18.54  ? 24 TYR B N   1 
ATOM   473  C  CA  . TYR B 1 5  ? -6.017  -12.836 6.986   1.00 18.06  ? 24 TYR B CA  1 
ATOM   474  C  C   . TYR B 1 5  ? -4.709  -12.325 7.548   1.00 18.71  ? 24 TYR B C   1 
ATOM   475  O  O   . TYR B 1 5  ? -4.449  -12.461 8.746   1.00 15.42  ? 24 TYR B O   1 
ATOM   476  C  CB  . TYR B 1 5  ? -7.041  -11.707 6.948   1.00 20.15  ? 24 TYR B CB  1 
ATOM   477  C  CG  . TYR B 1 5  ? -8.197  -11.978 6.014   1.00 19.81  ? 24 TYR B CG  1 
ATOM   478  C  CD1 . TYR B 1 5  ? -9.144  -12.955 6.308   1.00 19.85  ? 24 TYR B CD1 1 
ATOM   479  C  CD2 . TYR B 1 5  ? -8.334  -11.268 4.826   1.00 19.86  ? 24 TYR B CD2 1 
ATOM   480  C  CE1 . TYR B 1 5  ? -10.205 -13.221 5.440   1.00 20.91  ? 24 TYR B CE1 1 
ATOM   481  C  CE2 . TYR B 1 5  ? -9.396  -11.525 3.940   1.00 21.50  ? 24 TYR B CE2 1 
ATOM   482  C  CZ  . TYR B 1 5  ? -10.326 -12.503 4.258   1.00 22.43  ? 24 TYR B CZ  1 
ATOM   483  O  OH  . TYR B 1 5  ? -11.375 -12.766 3.405   1.00 26.39  ? 24 TYR B OH  1 
ATOM   484  N  N   . VAL B 1 6  ? -3.870  -11.789 6.668   1.00 20.86  ? 25 VAL B N   1 
ATOM   485  C  CA  . VAL B 1 6  ? -2.593  -11.221 7.067   1.00 21.35  ? 25 VAL B CA  1 
ATOM   486  C  C   . VAL B 1 6  ? -2.609  -9.763  6.661   1.00 21.81  ? 25 VAL B C   1 
ATOM   487  O  O   . VAL B 1 6  ? -2.754  -9.428  5.487   1.00 20.14  ? 25 VAL B O   1 
ATOM   488  C  CB  . VAL B 1 6  ? -1.393  -11.913 6.380   1.00 21.30  ? 25 VAL B CB  1 
ATOM   489  C  CG1 . VAL B 1 6  ? -0.097  -11.159 6.721   1.00 20.95  ? 25 VAL B CG1 1 
ATOM   490  C  CG2 . VAL B 1 6  ? -1.289  -13.358 6.841   1.00 19.51  ? 25 VAL B CG2 1 
HETATM 491  N  N   . MSE B 1 7  ? -2.468  -8.907  7.658   1.00 24.15  ? 26 MSE B N   1 
HETATM 492  C  CA  . MSE B 1 7  ? -2.467  -7.472  7.473   1.00 26.67  ? 26 MSE B CA  1 
HETATM 493  C  C   . MSE B 1 7  ? -1.041  -6.945  7.519   1.00 26.87  ? 26 MSE B C   1 
HETATM 494  O  O   . MSE B 1 7  ? -0.294  -7.251  8.445   1.00 26.33  ? 26 MSE B O   1 
HETATM 495  C  CB  . MSE B 1 7  ? -3.277  -6.840  8.601   1.00 34.46  ? 26 MSE B CB  1 
HETATM 496  C  CG  . MSE B 1 7  ? -3.348  -5.331  8.602   1.00 41.63  ? 26 MSE B CG  1 
HETATM 497  SE SE  . MSE B 1 7  ? -4.218  -4.734  10.244  1.00 55.97  ? 26 MSE B SE  1 
HETATM 498  C  CE  . MSE B 1 7  ? -6.025  -5.213  9.793   1.00 47.15  ? 26 MSE B CE  1 
ATOM   499  N  N   . THR B 1 8  ? -0.649  -6.180  6.511   1.00 27.48  ? 27 THR B N   1 
ATOM   500  C  CA  . THR B 1 8  ? 0.679   -5.591  6.526   1.00 28.40  ? 27 THR B CA  1 
ATOM   501  C  C   . THR B 1 8  ? 0.437   -4.107  6.713   1.00 26.11  ? 27 THR B C   1 
ATOM   502  O  O   . THR B 1 8  ? -0.285  -3.479  5.944   1.00 25.25  ? 27 THR B O   1 
ATOM   503  C  CB  . THR B 1 8  ? 1.451   -5.830  5.224   1.00 35.04  ? 27 THR B CB  1 
ATOM   504  O  OG1 . THR B 1 8  ? 0.695   -5.323  4.117   1.00 39.97  ? 27 THR B OG1 1 
ATOM   505  C  CG2 . THR B 1 8  ? 1.710   -7.309  5.039   1.00 34.76  ? 27 THR B CG2 1 
ATOM   506  N  N   . THR B 1 9  ? 1.029   -3.551  7.757   1.00 23.63  ? 28 THR B N   1 
ATOM   507  C  CA  . THR B 1 9  ? 0.834   -2.144  8.053   1.00 23.16  ? 28 THR B CA  1 
ATOM   508  C  C   . THR B 1 9  ? 1.756   -1.259  7.243   1.00 23.84  ? 28 THR B C   1 
ATOM   509  O  O   . THR B 1 9  ? 2.753   -1.716  6.694   1.00 25.24  ? 28 THR B O   1 
ATOM   510  C  CB  . THR B 1 9  ? 1.069   -1.882  9.525   1.00 20.85  ? 28 THR B CB  1 
ATOM   511  O  OG1 . THR B 1 9  ? 2.438   -2.143  9.825   1.00 19.48  ? 28 THR B OG1 1 
ATOM   512  C  CG2 . THR B 1 9  ? 0.207   -2.807  10.362  1.00 20.65  ? 28 THR B CG2 1 
ATOM   513  N  N   . LYS B 1 10 ? 1.412   0.020   7.183   1.00 29.66  ? 29 LYS B N   1 
ATOM   514  C  CA  . LYS B 1 10 ? 2.187   0.998   6.436   1.00 30.01  ? 29 LYS B CA  1 
ATOM   515  C  C   . LYS B 1 10 ? 3.616   1.069   6.972   1.00 28.99  ? 29 LYS B C   1 
ATOM   516  O  O   . LYS B 1 10 ? 4.553   1.362   6.225   1.00 27.25  ? 29 LYS B O   1 
ATOM   517  C  CB  . LYS B 1 10 ? 1.505   2.363   6.544   1.00 36.43  ? 29 LYS B CB  1 
ATOM   518  C  CG  . LYS B 1 10 ? 2.040   3.425   5.608   1.00 41.14  ? 29 LYS B CG  1 
ATOM   519  C  CD  . LYS B 1 10 ? 1.476   4.796   5.965   1.00 44.32  ? 29 LYS B CD  1 
ATOM   520  C  CE  . LYS B 1 10 ? 2.052   5.880   5.067   1.00 48.33  ? 29 LYS B CE  1 
ATOM   521  N  NZ  . LYS B 1 10 ? 3.542   5.845   5.077   1.00 47.61  ? 29 LYS B NZ  1 
ATOM   522  N  N   . ASN B 1 11 ? 3.784   0.774   8.259   1.00 23.69  ? 30 ASN B N   1 
ATOM   523  C  CA  . ASN B 1 11 ? 5.109   0.827   8.870   1.00 23.26  ? 30 ASN B CA  1 
ATOM   524  C  C   . ASN B 1 11 ? 5.885   -0.495  8.824   1.00 22.29  ? 30 ASN B C   1 
ATOM   525  O  O   . ASN B 1 11 ? 6.933   -0.641  9.447   1.00 21.39  ? 30 ASN B O   1 
ATOM   526  C  CB  . ASN B 1 11 ? 5.013   1.382   10.308  1.00 30.33  ? 30 ASN B CB  1 
ATOM   527  C  CG  . ASN B 1 11 ? 4.532   0.356   11.322  1.00 30.73  ? 30 ASN B CG  1 
ATOM   528  O  OD1 . ASN B 1 11 ? 3.672   -0.473  11.039  1.00 28.27  ? 30 ASN B OD1 1 
ATOM   529  N  ND2 . ASN B 1 11 ? 5.077   0.433   12.529  1.00 33.60  ? 30 ASN B ND2 1 
ATOM   530  N  N   . GLY B 1 12 ? 5.360   -1.457  8.072   1.00 21.83  ? 31 GLY B N   1 
ATOM   531  C  CA  . GLY B 1 12 ? 6.060   -2.714  7.903   1.00 21.79  ? 31 GLY B CA  1 
ATOM   532  C  C   . GLY B 1 12 ? 5.751   -3.897  8.794   1.00 22.97  ? 31 GLY B C   1 
ATOM   533  O  O   . GLY B 1 12 ? 6.482   -4.883  8.764   1.00 23.13  ? 31 GLY B O   1 
ATOM   534  N  N   . GLN B 1 13 ? 4.687   -3.827  9.583   1.00 23.46  ? 32 GLN B N   1 
ATOM   535  C  CA  . GLN B 1 13 ? 4.352   -4.952  10.441  1.00 22.56  ? 32 GLN B CA  1 
ATOM   536  C  C   . GLN B 1 13 ? 3.457   -5.962  9.736   1.00 22.51  ? 32 GLN B C   1 
ATOM   537  O  O   . GLN B 1 13 ? 2.692   -5.617  8.826   1.00 18.05  ? 32 GLN B O   1 
ATOM   538  C  CB  . GLN B 1 13 ? 3.659   -4.469  11.703  1.00 31.32  ? 32 GLN B CB  1 
ATOM   539  C  CG  . GLN B 1 13 ? 4.533   -3.647  12.619  1.00 35.38  ? 32 GLN B CG  1 
ATOM   540  C  CD  . GLN B 1 13 ? 3.841   -3.394  13.930  1.00 37.01  ? 32 GLN B CD  1 
ATOM   541  O  OE1 . GLN B 1 13 ? 3.682   -4.308  14.738  1.00 39.80  ? 32 GLN B OE1 1 
ATOM   542  N  NE2 . GLN B 1 13 ? 3.398   -2.160  14.144  1.00 38.55  ? 32 GLN B NE2 1 
ATOM   543  N  N   . THR B 1 14 ? 3.576   -7.218  10.165  1.00 24.49  ? 33 THR B N   1 
ATOM   544  C  CA  . THR B 1 14 ? 2.783   -8.312  9.626   1.00 24.04  ? 33 THR B CA  1 
ATOM   545  C  C   . THR B 1 14 ? 1.954   -8.854  10.785  1.00 23.39  ? 33 THR B C   1 
ATOM   546  O  O   . THR B 1 14 ? 2.499   -9.334  11.783  1.00 20.11  ? 33 THR B O   1 
ATOM   547  C  CB  . THR B 1 14 ? 3.683   -9.435  9.054   1.00 27.39  ? 33 THR B CB  1 
ATOM   548  O  OG1 . THR B 1 14 ? 4.446   -8.929  7.951   1.00 29.60  ? 33 THR B OG1 1 
ATOM   549  C  CG2 . THR B 1 14 ? 2.839   -10.592 8.564   1.00 27.47  ? 33 THR B CG2 1 
ATOM   550  N  N   . ILE B 1 15 ? 0.638   -8.782  10.639  1.00 21.34  ? 34 ILE B N   1 
ATOM   551  C  CA  . ILE B 1 15 ? -0.272  -9.226  11.681  1.00 18.17  ? 34 ILE B CA  1 
ATOM   552  C  C   . ILE B 1 15 ? -1.322  -10.216 11.195  1.00 19.29  ? 34 ILE B C   1 
ATOM   553  O  O   . ILE B 1 15 ? -2.068  -9.927  10.270  1.00 18.69  ? 34 ILE B O   1 
ATOM   554  C  CB  . ILE B 1 15 ? -0.989  -8.028  12.271  1.00 16.80  ? 34 ILE B CB  1 
ATOM   555  C  CG1 . ILE B 1 15 ? 0.043   -7.085  12.891  1.00 16.63  ? 34 ILE B CG1 1 
ATOM   556  C  CG2 . ILE B 1 15 ? -2.059  -8.496  13.266  1.00 15.44  ? 34 ILE B CG2 1 
ATOM   557  C  CD1 . ILE B 1 15 ? -0.426  -5.664  12.964  1.00 16.52  ? 34 ILE B CD1 1 
ATOM   558  N  N   . VAL B 1 16 ? -1.366  -11.385 11.827  1.00 17.62  ? 35 VAL B N   1 
ATOM   559  C  CA  . VAL B 1 16 ? -2.335  -12.416 11.479  1.00 18.74  ? 35 VAL B CA  1 
ATOM   560  C  C   . VAL B 1 16 ? -3.623  -12.070 12.219  1.00 18.99  ? 35 VAL B C   1 
ATOM   561  O  O   . VAL B 1 16 ? -3.586  -11.797 13.416  1.00 19.00  ? 35 VAL B O   1 
ATOM   562  C  CB  . VAL B 1 16 ? -1.847  -13.817 11.934  1.00 21.32  ? 35 VAL B CB  1 
ATOM   563  C  CG1 . VAL B 1 16 ? -2.915  -14.871 11.633  1.00 18.26  ? 35 VAL B CG1 1 
ATOM   564  C  CG2 . VAL B 1 16 ? -0.532  -14.160 11.229  1.00 16.68  ? 35 VAL B CG2 1 
ATOM   565  N  N   . THR B 1 17 ? -4.748  -12.063 11.510  1.00 17.07  ? 36 THR B N   1 
ATOM   566  C  CA  . THR B 1 17 ? -6.025  -11.723 12.123  1.00 17.12  ? 36 THR B CA  1 
ATOM   567  C  C   . THR B 1 17 ? -6.960  -12.895 11.930  1.00 16.66  ? 36 THR B C   1 
ATOM   568  O  O   . THR B 1 17 ? -6.803  -13.651 10.983  1.00 15.79  ? 36 THR B O   1 
ATOM   569  C  CB  . THR B 1 17 ? -6.673  -10.448 11.468  1.00 23.01  ? 36 THR B CB  1 
ATOM   570  O  OG1 . THR B 1 17 ? -7.451  -10.828 10.329  1.00 26.92  ? 36 THR B OG1 1 
ATOM   571  C  CG2 . THR B 1 17 ? -5.602  -9.471  10.986  1.00 24.08  ? 36 THR B CG2 1 
ATOM   572  N  N   . GLN B 1 18 ? -7.919  -13.054 12.843  1.00 21.43  ? 37 GLN B N   1 
ATOM   573  C  CA  . GLN B 1 18 ? -8.905  -14.128 12.751  1.00 22.16  ? 37 GLN B CA  1 
ATOM   574  C  C   . GLN B 1 18 ? -10.136 -13.544 12.082  1.00 21.76  ? 37 GLN B C   1 
ATOM   575  O  O   . GLN B 1 18 ? -10.888 -12.785 12.696  1.00 21.70  ? 37 GLN B O   1 
ATOM   576  C  CB  . GLN B 1 18 ? -9.279  -14.651 14.140  1.00 24.59  ? 37 GLN B CB  1 
ATOM   577  C  CG  . GLN B 1 18 ? -8.148  -15.359 14.861  1.00 29.13  ? 37 GLN B CG  1 
ATOM   578  C  CD  . GLN B 1 18 ? -8.574  -15.965 16.187  1.00 29.71  ? 37 GLN B CD  1 
ATOM   579  O  OE1 . GLN B 1 18 ? -7.747  -16.484 16.931  1.00 35.50  ? 37 GLN B OE1 1 
ATOM   580  N  NE2 . GLN B 1 18 ? -9.864  -15.906 16.486  1.00 31.38  ? 37 GLN B NE2 1 
ATOM   581  N  N   . GLY B 1 19 ? -10.343 -13.904 10.823  1.00 22.31  ? 38 GLY B N   1 
ATOM   582  C  CA  . GLY B 1 19 ? -11.469 -13.370 10.085  1.00 23.70  ? 38 GLY B CA  1 
ATOM   583  C  C   . GLY B 1 19 ? -11.012 -12.118 9.361   1.00 24.37  ? 38 GLY B C   1 
ATOM   584  O  O   . GLY B 1 19 ? -9.896  -11.633 9.586   1.00 24.47  ? 38 GLY B O   1 
ATOM   585  N  N   . LYS B 1 20 ? -11.863 -11.578 8.503   1.00 24.89  ? 39 LYS B N   1 
ATOM   586  C  CA  . LYS B 1 20 ? -11.487 -10.387 7.753   1.00 25.81  ? 39 LYS B CA  1 
ATOM   587  C  C   . LYS B 1 20 ? -11.773 -9.069  8.470   1.00 25.85  ? 39 LYS B C   1 
ATOM   588  O  O   . LYS B 1 20 ? -12.901 -8.799  8.878   1.00 25.63  ? 39 LYS B O   1 
ATOM   589  C  CB  . LYS B 1 20 ? -12.192 -10.389 6.389   1.00 32.43  ? 39 LYS B CB  1 
ATOM   590  C  CG  . LYS B 1 20 ? -11.854 -9.182  5.536   1.00 33.93  ? 39 LYS B CG  1 
ATOM   591  C  CD  . LYS B 1 20 ? -12.768 -9.083  4.348   1.00 38.58  ? 39 LYS B CD  1 
ATOM   592  C  CE  . LYS B 1 20 ? -12.506 -7.800  3.593   1.00 41.45  ? 39 LYS B CE  1 
ATOM   593  N  NZ  . LYS B 1 20 ? -11.057 -7.649  3.293   1.00 44.99  ? 39 LYS B NZ  1 
ATOM   594  N  N   . PRO B 1 21 ? -10.746 -8.228  8.627   1.00 25.94  ? 40 PRO B N   1 
ATOM   595  C  CA  . PRO B 1 21 ? -10.869 -6.925  9.286   1.00 26.98  ? 40 PRO B CA  1 
ATOM   596  C  C   . PRO B 1 21 ? -12.000 -6.086  8.687   1.00 28.43  ? 40 PRO B C   1 
ATOM   597  O  O   . PRO B 1 21 ? -12.221 -6.102  7.477   1.00 29.97  ? 40 PRO B O   1 
ATOM   598  C  CB  . PRO B 1 21 ? -9.499  -6.303  9.047   1.00 24.41  ? 40 PRO B CB  1 
ATOM   599  C  CG  . PRO B 1 21 ? -8.602  -7.480  9.095   1.00 23.11  ? 40 PRO B CG  1 
ATOM   600  C  CD  . PRO B 1 21 ? -9.346  -8.490  8.253   1.00 24.25  ? 40 PRO B CD  1 
ATOM   601  N  N   . GLN B 1 22 ? -12.706 -5.344  9.534   1.00 28.66  ? 41 GLN B N   1 
ATOM   602  C  CA  . GLN B 1 22 ? -13.817 -4.523  9.074   1.00 30.29  ? 41 GLN B CA  1 
ATOM   603  C  C   . GLN B 1 22 ? -13.494 -3.043  8.981   1.00 31.52  ? 41 GLN B C   1 
ATOM   604  O  O   . GLN B 1 22 ? -13.006 -2.426  9.931   1.00 32.51  ? 41 GLN B O   1 
ATOM   605  C  CB  . GLN B 1 22 ? -15.022 -4.741  9.981   1.00 40.47  ? 41 GLN B CB  1 
ATOM   606  C  CG  . GLN B 1 22 ? -15.618 -6.129  9.835   1.00 44.22  ? 41 GLN B CG  1 
ATOM   607  C  CD  . GLN B 1 22 ? -16.695 -6.408  10.856  1.00 46.87  ? 41 GLN B CD  1 
ATOM   608  O  OE1 . GLN B 1 22 ? -16.445 -6.377  12.064  1.00 49.04  ? 41 GLN B OE1 1 
ATOM   609  N  NE2 . GLN B 1 22 ? -17.903 -6.690  10.379  1.00 47.57  ? 41 GLN B NE2 1 
ATOM   610  N  N   . LEU B 1 23 ? -13.774 -2.489  7.809   1.00 24.25  ? 42 LEU B N   1 
ATOM   611  C  CA  . LEU B 1 23 ? -13.531 -1.088  7.523   1.00 28.55  ? 42 LEU B CA  1 
ATOM   612  C  C   . LEU B 1 23 ? -14.716 -0.258  8.008   1.00 29.90  ? 42 LEU B C   1 
ATOM   613  O  O   . LEU B 1 23 ? -15.870 -0.671  7.874   1.00 27.77  ? 42 LEU B O   1 
ATOM   614  C  CB  . LEU B 1 23 ? -13.356 -0.919  6.010   1.00 50.94  ? 42 LEU B CB  1 
ATOM   615  C  CG  . LEU B 1 23 ? -12.824 0.366   5.364   1.00 52.36  ? 42 LEU B CG  1 
ATOM   616  C  CD1 . LEU B 1 23 ? -13.792 1.511   5.581   1.00 54.18  ? 42 LEU B CD1 1 
ATOM   617  C  CD2 . LEU B 1 23 ? -11.449 0.683   5.926   1.00 53.30  ? 42 LEU B CD2 1 
ATOM   618  N  N   . ASP B 1 24 ? -14.426 0.900   8.589   1.00 40.55  ? 43 ASP B N   1 
ATOM   619  C  CA  . ASP B 1 24 ? -15.477 1.799   9.061   1.00 43.46  ? 43 ASP B CA  1 
ATOM   620  C  C   . ASP B 1 24 ? -15.253 3.183   8.462   1.00 43.48  ? 43 ASP B C   1 
ATOM   621  O  O   . ASP B 1 24 ? -14.403 3.940   8.925   1.00 42.41  ? 43 ASP B O   1 
ATOM   622  C  CB  . ASP B 1 24 ? -15.475 1.904   10.587  1.00 55.28  ? 43 ASP B CB  1 
ATOM   623  C  CG  . ASP B 1 24 ? -16.672 2.676   11.112  1.00 57.46  ? 43 ASP B CG  1 
ATOM   624  O  OD1 . ASP B 1 24 ? -16.963 3.760   10.561  1.00 58.36  ? 43 ASP B OD1 1 
ATOM   625  O  OD2 . ASP B 1 24 ? -17.318 2.202   12.072  1.00 58.13  ? 43 ASP B OD2 1 
ATOM   626  N  N   . LYS B 1 25 ? -16.024 3.499   7.428   1.00 43.16  ? 44 LYS B N   1 
ATOM   627  C  CA  . LYS B 1 25 ? -15.921 4.776   6.734   1.00 45.24  ? 44 LYS B CA  1 
ATOM   628  C  C   . LYS B 1 25 ? -16.007 6.014   7.626   1.00 46.88  ? 44 LYS B C   1 
ATOM   629  O  O   . LYS B 1 25 ? -15.154 6.897   7.542   1.00 45.82  ? 44 LYS B O   1 
ATOM   630  C  CB  . LYS B 1 25 ? -17.005 4.867   5.662   1.00 53.91  ? 44 LYS B CB  1 
ATOM   631  C  CG  . LYS B 1 25 ? -16.882 3.838   4.552   1.00 54.72  ? 44 LYS B CG  1 
ATOM   632  C  CD  . LYS B 1 25 ? -15.723 4.145   3.619   1.00 56.27  ? 44 LYS B CD  1 
ATOM   633  C  CE  . LYS B 1 25 ? -15.661 3.126   2.494   1.00 56.60  ? 44 LYS B CE  1 
ATOM   634  N  NZ  . LYS B 1 25 ? -14.538 3.392   1.554   1.00 58.70  ? 44 LYS B NZ  1 
ATOM   635  N  N   . GLU B 1 26 ? -17.025 6.080   8.481   1.00 61.24  ? 45 GLU B N   1 
ATOM   636  C  CA  . GLU B 1 26 ? -17.191 7.249   9.335   1.00 63.26  ? 45 GLU B CA  1 
ATOM   637  C  C   . GLU B 1 26 ? -16.393 7.282   10.642  1.00 63.37  ? 45 GLU B C   1 
ATOM   638  O  O   . GLU B 1 26 ? -16.794 7.942   11.606  1.00 63.79  ? 45 GLU B O   1 
ATOM   639  C  CB  . GLU B 1 26 ? -18.674 7.483   9.630   1.00 101.46 ? 45 GLU B CB  1 
ATOM   640  C  CG  . GLU B 1 26 ? -19.345 6.414   10.472  1.00 106.81 ? 45 GLU B CG  1 
ATOM   641  C  CD  . GLU B 1 26 ? -20.764 6.798   10.851  1.00 109.67 ? 45 GLU B CD  1 
ATOM   642  O  OE1 . GLU B 1 26 ? -21.584 7.027   9.933   1.00 110.83 ? 45 GLU B OE1 1 
ATOM   643  O  OE2 . GLU B 1 26 ? -21.058 6.874   12.064  1.00 110.98 ? 45 GLU B OE2 1 
ATOM   644  N  N   . THR B 1 27 ? -15.270 6.573   10.683  1.00 50.29  ? 46 THR B N   1 
ATOM   645  C  CA  . THR B 1 27 ? -14.413 6.589   11.864  1.00 49.78  ? 46 THR B CA  1 
ATOM   646  C  C   . THR B 1 27 ? -12.971 6.448   11.400  1.00 49.32  ? 46 THR B C   1 
ATOM   647  O  O   . THR B 1 27 ? -12.037 6.689   12.167  1.00 50.20  ? 46 THR B O   1 
ATOM   648  C  CB  . THR B 1 27 ? -14.717 5.436   12.859  1.00 52.30  ? 46 THR B CB  1 
ATOM   649  O  OG1 . THR B 1 27 ? -14.377 4.180   12.264  1.00 52.73  ? 46 THR B OG1 1 
ATOM   650  C  CG2 . THR B 1 27 ? -16.184 5.430   13.253  1.00 52.13  ? 46 THR B CG2 1 
ATOM   651  N  N   . GLY B 1 28 ? -12.804 6.065   10.137  1.00 46.32  ? 47 GLY B N   1 
ATOM   652  C  CA  . GLY B 1 28 ? -11.477 5.884   9.578   1.00 44.19  ? 47 GLY B CA  1 
ATOM   653  C  C   . GLY B 1 28 ? -10.727 4.775   10.287  1.00 43.09  ? 47 GLY B C   1 
ATOM   654  O  O   . GLY B 1 28 ? -9.508  4.659   10.171  1.00 43.16  ? 47 GLY B O   1 
HETATM 655  N  N   . MSE B 1 29 ? -11.471 3.954   11.020  1.00 41.20  ? 48 MSE B N   1 
HETATM 656  C  CA  . MSE B 1 29 ? -10.899 2.849   11.776  1.00 40.06  ? 48 MSE B CA  1 
HETATM 657  C  C   . MSE B 1 29 ? -11.203 1.498   11.158  1.00 36.64  ? 48 MSE B C   1 
HETATM 658  O  O   . MSE B 1 29 ? -12.258 1.297   10.565  1.00 36.92  ? 48 MSE B O   1 
HETATM 659  C  CB  . MSE B 1 29 ? -11.455 2.842   13.195  1.00 68.64  ? 48 MSE B CB  1 
HETATM 660  C  CG  . MSE B 1 29 ? -11.075 4.033   14.038  1.00 76.44  ? 48 MSE B CG  1 
HETATM 661  SE SE  . MSE B 1 29 ? -9.199  4.009   14.416  1.00 88.54  ? 48 MSE B SE  1 
HETATM 662  C  CE  . MSE B 1 29 ? -8.665  5.568   13.390  1.00 84.35  ? 48 MSE B CE  1 
ATOM   663  N  N   . THR B 1 30 ? -10.265 0.575   11.312  1.00 32.83  ? 49 THR B N   1 
ATOM   664  C  CA  . THR B 1 30 ? -10.429 -0.783  10.826  1.00 30.63  ? 49 THR B CA  1 
ATOM   665  C  C   . THR B 1 30 ? -10.259 -1.673  12.050  1.00 28.65  ? 49 THR B C   1 
ATOM   666  O  O   . THR B 1 30 ? -9.229  -1.631  12.728  1.00 28.02  ? 49 THR B O   1 
ATOM   667  C  CB  . THR B 1 30 ? -9.371  -1.158  9.763   1.00 27.56  ? 49 THR B CB  1 
ATOM   668  O  OG1 . THR B 1 30 ? -9.632  -0.439  8.551   1.00 26.33  ? 49 THR B OG1 1 
ATOM   669  C  CG2 . THR B 1 30 ? -9.414  -2.647  9.477   1.00 26.71  ? 49 THR B CG2 1 
ATOM   670  N  N   . SER B 1 31 ? -11.283 -2.459  12.349  1.00 27.96  ? 50 SER B N   1 
ATOM   671  C  CA  . SER B 1 31 ? -11.236 -3.333  13.509  1.00 26.67  ? 50 SER B CA  1 
ATOM   672  C  C   . SER B 1 31 ? -10.913 -4.765  13.112  1.00 24.89  ? 50 SER B C   1 
ATOM   673  O  O   . SER B 1 31 ? -11.264 -5.220  12.024  1.00 23.49  ? 50 SER B O   1 
ATOM   674  C  CB  . SER B 1 31 ? -12.573 -3.298  14.247  1.00 34.66  ? 50 SER B CB  1 
ATOM   675  O  OG  . SER B 1 31 ? -13.617 -3.773  13.419  1.00 38.17  ? 50 SER B OG  1 
ATOM   676  N  N   . TYR B 1 32 ? -10.231 -5.472  14.003  1.00 27.81  ? 51 TYR B N   1 
ATOM   677  C  CA  . TYR B 1 32 ? -9.868  -6.853  13.740  1.00 27.99  ? 51 TYR B CA  1 
ATOM   678  C  C   . TYR B 1 32 ? -9.649  -7.617  15.043  1.00 27.30  ? 51 TYR B C   1 
ATOM   679  O  O   . TYR B 1 32 ? -9.539  -7.030  16.118  1.00 23.88  ? 51 TYR B O   1 
ATOM   680  C  CB  . TYR B 1 32 ? -8.601  -6.903  12.879  1.00 25.14  ? 51 TYR B CB  1 
ATOM   681  C  CG  . TYR B 1 32 ? -7.355  -6.456  13.596  1.00 25.78  ? 51 TYR B CG  1 
ATOM   682  C  CD1 . TYR B 1 32 ? -6.572  -7.369  14.311  1.00 26.35  ? 51 TYR B CD1 1 
ATOM   683  C  CD2 . TYR B 1 32 ? -6.980  -5.115  13.604  1.00 26.86  ? 51 TYR B CD2 1 
ATOM   684  C  CE1 . TYR B 1 32 ? -5.439  -6.954  15.021  1.00 26.67  ? 51 TYR B CE1 1 
ATOM   685  C  CE2 . TYR B 1 32 ? -5.849  -4.682  14.321  1.00 27.68  ? 51 TYR B CE2 1 
ATOM   686  C  CZ  . TYR B 1 32 ? -5.088  -5.608  15.025  1.00 29.92  ? 51 TYR B CZ  1 
ATOM   687  O  OH  . TYR B 1 32 ? -3.994  -5.188  15.749  1.00 30.14  ? 51 TYR B OH  1 
ATOM   688  N  N   . THR B 1 33 ? -9.586  -8.935  14.926  1.00 24.69  ? 52 THR B N   1 
ATOM   689  C  CA  . THR B 1 33 ? -9.363  -9.806  16.065  1.00 25.39  ? 52 THR B CA  1 
ATOM   690  C  C   . THR B 1 33 ? -7.986  -10.425 15.886  1.00 25.07  ? 52 THR B C   1 
ATOM   691  O  O   . THR B 1 33 ? -7.699  -10.984 14.826  1.00 23.36  ? 52 THR B O   1 
ATOM   692  C  CB  . THR B 1 33 ? -10.392 -10.929 16.086  1.00 26.75  ? 52 THR B CB  1 
ATOM   693  O  OG1 . THR B 1 33 ? -11.702 -10.359 16.021  1.00 28.40  ? 52 THR B OG1 1 
ATOM   694  C  CG2 . THR B 1 33 ? -10.251 -11.764 17.353  1.00 25.39  ? 52 THR B CG2 1 
ATOM   695  N  N   . ASP B 1 34 ? -7.134  -10.327 16.903  1.00 25.98  ? 53 ASP B N   1 
ATOM   696  C  CA  . ASP B 1 34 ? -5.805  -10.903 16.785  1.00 28.28  ? 53 ASP B CA  1 
ATOM   697  C  C   . ASP B 1 34 ? -5.808  -12.411 16.999  1.00 29.67  ? 53 ASP B C   1 
ATOM   698  O  O   . ASP B 1 34 ? -6.866  -13.033 17.082  1.00 31.20  ? 53 ASP B O   1 
ATOM   699  C  CB  . ASP B 1 34 ? -4.821  -10.225 17.753  1.00 34.40  ? 53 ASP B CB  1 
ATOM   700  C  CG  . ASP B 1 34 ? -5.173  -10.432 19.212  1.00 34.66  ? 53 ASP B CG  1 
ATOM   701  O  OD1 . ASP B 1 34 ? -5.664  -11.522 19.568  1.00 36.45  ? 53 ASP B OD1 1 
ATOM   702  O  OD2 . ASP B 1 34 ? -4.927  -9.500  20.007  1.00 34.51  ? 53 ASP B OD2 1 
ATOM   703  N  N   . GLN B 1 35 ? -4.620  -12.999 17.090  1.00 32.40  ? 54 GLN B N   1 
ATOM   704  C  CA  . GLN B 1 35 ? -4.491  -14.440 17.270  1.00 34.99  ? 54 GLN B CA  1 
ATOM   705  C  C   . GLN B 1 35 ? -4.860  -14.987 18.645  1.00 36.66  ? 54 GLN B C   1 
ATOM   706  O  O   . GLN B 1 35 ? -4.995  -16.197 18.819  1.00 38.37  ? 54 GLN B O   1 
ATOM   707  C  CB  . GLN B 1 35 ? -3.072  -14.868 16.902  1.00 35.42  ? 54 GLN B CB  1 
ATOM   708  C  CG  . GLN B 1 35 ? -2.867  -14.913 15.413  1.00 35.93  ? 54 GLN B CG  1 
ATOM   709  C  CD  . GLN B 1 35 ? -3.736  -15.966 14.750  1.00 38.78  ? 54 GLN B CD  1 
ATOM   710  O  OE1 . GLN B 1 35 ? -3.469  -17.166 14.858  1.00 40.29  ? 54 GLN B OE1 1 
ATOM   711  N  NE2 . GLN B 1 35 ? -4.789  -15.524 14.065  1.00 39.61  ? 54 GLN B NE2 1 
ATOM   712  N  N   . GLU B 1 36 ? -5.024  -14.103 19.619  1.00 39.36  ? 55 GLU B N   1 
ATOM   713  C  CA  . GLU B 1 36 ? -5.385  -14.525 20.964  1.00 41.21  ? 55 GLU B CA  1 
ATOM   714  C  C   . GLU B 1 36 ? -6.895  -14.436 21.081  1.00 40.08  ? 55 GLU B C   1 
ATOM   715  O  O   . GLU B 1 36 ? -7.495  -14.994 21.998  1.00 40.31  ? 55 GLU B O   1 
ATOM   716  C  CB  . GLU B 1 36 ? -4.734  -13.608 21.999  1.00 70.08  ? 55 GLU B CB  1 
ATOM   717  C  CG  . GLU B 1 36 ? -3.245  -13.425 21.796  1.00 75.44  ? 55 GLU B CG  1 
ATOM   718  C  CD  . GLU B 1 36 ? -2.483  -14.733 21.858  1.00 79.61  ? 55 GLU B CD  1 
ATOM   719  O  OE1 . GLU B 1 36 ? -2.424  -15.335 22.953  1.00 82.67  ? 55 GLU B OE1 1 
ATOM   720  O  OE2 . GLU B 1 36 ? -1.945  -15.163 20.812  1.00 82.39  ? 55 GLU B OE2 1 
ATOM   721  N  N   . GLY B 1 37 ? -7.501  -13.731 20.130  1.00 39.72  ? 56 GLY B N   1 
ATOM   722  C  CA  . GLY B 1 37 ? -8.938  -13.555 20.132  1.00 38.03  ? 56 GLY B CA  1 
ATOM   723  C  C   . GLY B 1 37 ? -9.325  -12.184 20.646  1.00 37.21  ? 56 GLY B C   1 
ATOM   724  O  O   . GLY B 1 37 ? -10.503 -11.890 20.801  1.00 38.02  ? 56 GLY B O   1 
ATOM   725  N  N   . ASN B 1 38 ? -8.336  -11.343 20.927  1.00 34.55  ? 57 ASN B N   1 
ATOM   726  C  CA  . ASN B 1 38 ? -8.605  -9.991  21.410  1.00 34.73  ? 57 ASN B CA  1 
ATOM   727  C  C   . ASN B 1 38 ? -9.067  -9.120  20.258  1.00 34.31  ? 57 ASN B C   1 
ATOM   728  O  O   . ASN B 1 38 ? -8.654  -9.317  19.115  1.00 33.80  ? 57 ASN B O   1 
ATOM   729  C  CB  . ASN B 1 38 ? -7.351  -9.361  22.019  1.00 59.71  ? 57 ASN B CB  1 
ATOM   730  C  CG  . ASN B 1 38 ? -6.870  -10.091 23.256  1.00 63.65  ? 57 ASN B CG  1 
ATOM   731  O  OD1 . ASN B 1 38 ? -7.599  -10.211 24.245  1.00 65.00  ? 57 ASN B OD1 1 
ATOM   732  N  ND2 . ASN B 1 38 ? -5.634  -10.578 23.212  1.00 65.39  ? 57 ASN B ND2 1 
ATOM   733  N  N   . GLN B 1 39 ? -9.921  -8.152  20.568  1.00 37.76  ? 58 GLN B N   1 
ATOM   734  C  CA  . GLN B 1 39 ? -10.434 -7.238  19.560  1.00 37.53  ? 58 GLN B CA  1 
ATOM   735  C  C   . GLN B 1 39 ? -9.519  -6.027  19.483  1.00 36.90  ? 58 GLN B C   1 
ATOM   736  O  O   . GLN B 1 39 ? -9.123  -5.478  20.507  1.00 38.50  ? 58 GLN B O   1 
ATOM   737  C  CB  . GLN B 1 39 ? -11.857 -6.802  19.918  1.00 48.99  ? 58 GLN B CB  1 
ATOM   738  C  CG  . GLN B 1 39 ? -12.878 -7.934  19.906  1.00 52.06  ? 58 GLN B CG  1 
ATOM   739  C  CD  . GLN B 1 39 ? -12.926 -8.658  18.566  1.00 55.43  ? 58 GLN B CD  1 
ATOM   740  O  OE1 . GLN B 1 39 ? -13.146 -8.041  17.518  1.00 55.76  ? 58 GLN B OE1 1 
ATOM   741  N  NE2 . GLN B 1 39 ? -12.722 -9.975  18.595  1.00 56.39  ? 58 GLN B NE2 1 
ATOM   742  N  N   . ARG B 1 40 ? -9.166  -5.616  18.272  1.00 29.61  ? 59 ARG B N   1 
ATOM   743  C  CA  . ARG B 1 40 ? -8.298  -4.467  18.122  1.00 27.14  ? 59 ARG B CA  1 
ATOM   744  C  C   . ARG B 1 40 ? -8.751  -3.547  17.012  1.00 26.07  ? 59 ARG B C   1 
ATOM   745  O  O   . ARG B 1 40 ? -9.524  -3.939  16.137  1.00 22.32  ? 59 ARG B O   1 
ATOM   746  C  CB  . ARG B 1 40 ? -6.858  -4.926  17.917  1.00 43.88  ? 59 ARG B CB  1 
ATOM   747  C  CG  . ARG B 1 40 ? -6.305  -5.613  19.159  1.00 46.02  ? 59 ARG B CG  1 
ATOM   748  C  CD  . ARG B 1 40 ? -4.903  -6.121  18.944  1.00 48.81  ? 59 ARG B CD  1 
ATOM   749  N  NE  . ARG B 1 40 ? -4.446  -6.942  20.061  1.00 50.93  ? 59 ARG B NE  1 
ATOM   750  C  CZ  . ARG B 1 40 ? -4.218  -6.486  21.288  1.00 50.50  ? 59 ARG B CZ  1 
ATOM   751  N  NH1 . ARG B 1 40 ? -4.401  -5.201  21.571  1.00 48.69  ? 59 ARG B NH1 1 
ATOM   752  N  NH2 . ARG B 1 40 ? -3.806  -7.322  22.234  1.00 49.02  ? 59 ARG B NH2 1 
ATOM   753  N  N   . GLU B 1 41 ? -8.262  -2.313  17.063  1.00 27.70  ? 60 GLU B N   1 
ATOM   754  C  CA  . GLU B 1 41 ? -8.650  -1.283  16.113  1.00 27.95  ? 60 GLU B CA  1 
ATOM   755  C  C   . GLU B 1 41 ? -7.432  -0.541  15.592  1.00 26.67  ? 60 GLU B C   1 
ATOM   756  O  O   . GLU B 1 41 ? -6.507  -0.242  16.343  1.00 27.16  ? 60 GLU B O   1 
ATOM   757  C  CB  . GLU B 1 41 ? -9.618  -0.339  16.837  1.00 67.78  ? 60 GLU B CB  1 
ATOM   758  C  CG  . GLU B 1 41 ? -9.856  1.026   16.239  1.00 74.54  ? 60 GLU B CG  1 
ATOM   759  C  CD  . GLU B 1 41 ? -10.538 1.950   17.248  1.00 79.29  ? 60 GLU B CD  1 
ATOM   760  O  OE1 . GLU B 1 41 ? -9.959  2.142   18.346  1.00 80.62  ? 60 GLU B OE1 1 
ATOM   761  O  OE2 . GLU B 1 41 ? -11.644 2.470   16.954  1.00 80.98  ? 60 GLU B OE2 1 
ATOM   762  N  N   . ILE B 1 42 ? -7.434  -0.237  14.298  1.00 26.90  ? 61 ILE B N   1 
ATOM   763  C  CA  . ILE B 1 42 ? -6.309  0.457   13.683  1.00 26.21  ? 61 ILE B CA  1 
ATOM   764  C  C   . ILE B 1 42 ? -6.743  1.475   12.635  1.00 26.60  ? 61 ILE B C   1 
ATOM   765  O  O   . ILE B 1 42 ? -7.752  1.289   11.960  1.00 25.80  ? 61 ILE B O   1 
ATOM   766  C  CB  . ILE B 1 42 ? -5.342  -0.561  13.022  1.00 28.23  ? 61 ILE B CB  1 
ATOM   767  C  CG1 . ILE B 1 42 ? -4.129  0.159   12.424  1.00 26.31  ? 61 ILE B CG1 1 
ATOM   768  C  CG2 . ILE B 1 42 ? -6.082  -1.348  11.934  1.00 25.53  ? 61 ILE B CG2 1 
ATOM   769  C  CD1 . ILE B 1 42 ? -3.043  -0.778  11.938  1.00 24.91  ? 61 ILE B CD1 1 
ATOM   770  N  N   . ASN B 1 43 ? -5.982  2.557   12.507  1.00 26.52  ? 62 ASN B N   1 
ATOM   771  C  CA  . ASN B 1 43 ? -6.288  3.567   11.498  1.00 28.53  ? 62 ASN B CA  1 
ATOM   772  C  C   . ASN B 1 43 ? -6.296  2.849   10.155  1.00 28.19  ? 62 ASN B C   1 
ATOM   773  O  O   . ASN B 1 43 ? -5.357  2.124   9.841   1.00 26.16  ? 62 ASN B O   1 
ATOM   774  C  CB  . ASN B 1 43 ? -5.209  4.649   11.486  1.00 56.13  ? 62 ASN B CB  1 
ATOM   775  C  CG  . ASN B 1 43 ? -5.643  5.910   12.195  1.00 61.71  ? 62 ASN B CG  1 
ATOM   776  O  OD1 . ASN B 1 43 ? -6.318  6.766   11.613  1.00 64.13  ? 62 ASN B OD1 1 
ATOM   777  N  ND2 . ASN B 1 43 ? -5.272  6.030   13.467  1.00 63.65  ? 62 ASN B ND2 1 
ATOM   778  N  N   . SER B 1 44 ? -7.352  3.036   9.374   1.00 27.40  ? 63 SER B N   1 
ATOM   779  C  CA  . SER B 1 44 ? -7.441  2.384   8.074   1.00 29.37  ? 63 SER B CA  1 
ATOM   780  C  C   . SER B 1 44 ? -6.347  2.897   7.146   1.00 28.90  ? 63 SER B C   1 
ATOM   781  O  O   . SER B 1 44 ? -5.990  2.247   6.161   1.00 27.69  ? 63 SER B O   1 
ATOM   782  C  CB  . SER B 1 44 ? -8.812  2.642   7.452   1.00 44.79  ? 63 SER B CB  1 
ATOM   783  O  OG  . SER B 1 44 ? -9.840  2.156   8.300   1.00 50.04  ? 63 SER B OG  1 
ATOM   784  N  N   . ASN B 1 45 ? -5.819  4.069   7.476   1.00 35.24  ? 64 ASN B N   1 
ATOM   785  C  CA  . ASN B 1 45 ? -4.765  4.694   6.693   1.00 37.15  ? 64 ASN B CA  1 
ATOM   786  C  C   . ASN B 1 45 ? -3.461  3.913   6.819   1.00 35.72  ? 64 ASN B C   1 
ATOM   787  O  O   . ASN B 1 45 ? -2.645  3.907   5.896   1.00 36.30  ? 64 ASN B O   1 
ATOM   788  C  CB  . ASN B 1 45 ? -4.540  6.131   7.173   1.00 63.88  ? 64 ASN B CB  1 
ATOM   789  C  CG  . ASN B 1 45 ? -5.812  6.949   7.190   1.00 67.11  ? 64 ASN B CG  1 
ATOM   790  O  OD1 . ASN B 1 45 ? -6.800  6.583   7.838   1.00 70.96  ? 64 ASN B OD1 1 
ATOM   791  N  ND2 . ASN B 1 45 ? -5.796  8.068   6.480   1.00 68.53  ? 64 ASN B ND2 1 
ATOM   792  N  N   . ASP B 1 46 ? -3.271  3.255   7.959   1.00 32.72  ? 65 ASP B N   1 
ATOM   793  C  CA  . ASP B 1 46 ? -2.055  2.484   8.200   1.00 32.02  ? 65 ASP B CA  1 
ATOM   794  C  C   . ASP B 1 46 ? -2.063  1.054   7.662   1.00 30.27  ? 65 ASP B C   1 
ATOM   795  O  O   . ASP B 1 46 ? -1.093  0.310   7.838   1.00 29.98  ? 65 ASP B O   1 
ATOM   796  C  CB  . ASP B 1 46 ? -1.750  2.454   9.690   1.00 46.79  ? 65 ASP B CB  1 
ATOM   797  C  CG  . ASP B 1 46 ? -1.482  3.837   10.252  1.00 51.58  ? 65 ASP B CG  1 
ATOM   798  O  OD1 . ASP B 1 46 ? -0.603  4.538   9.703   1.00 52.63  ? 65 ASP B OD1 1 
ATOM   799  O  OD2 . ASP B 1 46 ? -2.147  4.217   11.240  1.00 54.50  ? 65 ASP B OD2 1 
ATOM   800  N  N   . VAL B 1 47 ? -3.147  0.667   7.003   1.00 24.39  ? 66 VAL B N   1 
ATOM   801  C  CA  . VAL B 1 47 ? -3.235  -0.675  6.451   1.00 21.77  ? 66 VAL B CA  1 
ATOM   802  C  C   . VAL B 1 47 ? -2.737  -0.671  5.012   1.00 22.38  ? 66 VAL B C   1 
ATOM   803  O  O   . VAL B 1 47 ? -3.368  -0.093  4.123   1.00 24.43  ? 66 VAL B O   1 
ATOM   804  C  CB  . VAL B 1 47 ? -4.688  -1.203  6.475   1.00 19.19  ? 66 VAL B CB  1 
ATOM   805  C  CG1 . VAL B 1 47 ? -4.747  -2.606  5.900   1.00 16.96  ? 66 VAL B CG1 1 
ATOM   806  C  CG2 . VAL B 1 47 ? -5.228  -1.185  7.904   1.00 19.02  ? 66 VAL B CG2 1 
ATOM   807  N  N   . ALA B 1 48 ? -1.603  -1.315  4.781   1.00 21.41  ? 67 ALA B N   1 
ATOM   808  C  CA  . ALA B 1 48 ? -1.049  -1.375  3.444   1.00 20.42  ? 67 ALA B CA  1 
ATOM   809  C  C   . ALA B 1 48 ? -1.700  -2.508  2.647   1.00 20.60  ? 67 ALA B C   1 
ATOM   810  O  O   . ALA B 1 48 ? -2.059  -2.330  1.480   1.00 21.22  ? 67 ALA B O   1 
ATOM   811  C  CB  . ALA B 1 48 ? 0.463   -1.567  3.513   1.00 19.74  ? 67 ALA B CB  1 
ATOM   812  N  N   . GLN B 1 49 ? -1.851  -3.672  3.270   1.00 16.61  ? 68 GLN B N   1 
ATOM   813  C  CA  . GLN B 1 49 ? -2.471  -4.805  2.592   1.00 17.53  ? 68 GLN B CA  1 
ATOM   814  C  C   . GLN B 1 49 ? -3.213  -5.745  3.516   1.00 17.07  ? 68 GLN B C   1 
ATOM   815  O  O   . GLN B 1 49 ? -2.832  -5.934  4.670   1.00 17.95  ? 68 GLN B O   1 
ATOM   816  C  CB  . GLN B 1 49 ? -1.430  -5.609  1.803   1.00 19.37  ? 68 GLN B CB  1 
ATOM   817  C  CG  . GLN B 1 49 ? -0.980  -4.944  0.523   1.00 21.80  ? 68 GLN B CG  1 
ATOM   818  C  CD  . GLN B 1 49 ? -0.293  -5.898  -0.412  1.00 22.55  ? 68 GLN B CD  1 
ATOM   819  O  OE1 . GLN B 1 49 ? 0.789   -6.401  -0.122  1.00 26.90  ? 68 GLN B OE1 1 
ATOM   820  N  NE2 . GLN B 1 49 ? -0.926  -6.165  -1.544  1.00 25.16  ? 68 GLN B NE2 1 
ATOM   821  N  N   . LEU B 1 50 ? -4.294  -6.313  2.997   1.00 18.44  ? 69 LEU B N   1 
ATOM   822  C  CA  . LEU B 1 50 ? -5.114  -7.269  3.726   1.00 19.94  ? 69 LEU B CA  1 
ATOM   823  C  C   . LEU B 1 50 ? -5.241  -8.471  2.820   1.00 18.58  ? 69 LEU B C   1 
ATOM   824  O  O   . LEU B 1 50 ? -5.994  -8.443  1.853   1.00 16.96  ? 69 LEU B O   1 
ATOM   825  C  CB  . LEU B 1 50 ? -6.504  -6.706  4.009   1.00 31.68  ? 69 LEU B CB  1 
ATOM   826  C  CG  . LEU B 1 50 ? -6.676  -6.051  5.378   1.00 36.62  ? 69 LEU B CG  1 
ATOM   827  C  CD1 . LEU B 1 50 ? -8.141  -5.705  5.579   1.00 36.63  ? 69 LEU B CD1 1 
ATOM   828  C  CD2 . LEU B 1 50 ? -6.183  -6.997  6.473   1.00 35.14  ? 69 LEU B CD2 1 
ATOM   829  N  N   . ILE B 1 51 ? -4.518  -9.535  3.137   1.00 17.83  ? 70 ILE B N   1 
ATOM   830  C  CA  . ILE B 1 51 ? -4.548  -10.693 2.270   1.00 17.40  ? 70 ILE B CA  1 
ATOM   831  C  C   . ILE B 1 51 ? -5.085  -11.937 2.928   1.00 17.59  ? 70 ILE B C   1 
ATOM   832  O  O   . ILE B 1 51 ? -4.737  -12.254 4.060   1.00 19.09  ? 70 ILE B O   1 
ATOM   833  C  CB  . ILE B 1 51 ? -3.141  -10.981 1.715   1.00 16.88  ? 70 ILE B CB  1 
ATOM   834  C  CG1 . ILE B 1 51 ? -2.568  -9.707  1.088   1.00 16.59  ? 70 ILE B CG1 1 
ATOM   835  C  CG2 . ILE B 1 51 ? -3.210  -12.091 0.669   1.00 15.55  ? 70 ILE B CG2 1 
ATOM   836  C  CD1 . ILE B 1 51 ? -1.139  -9.861  0.572   1.00 19.54  ? 70 ILE B CD1 1 
ATOM   837  N  N   . LYS B 1 52 ? -5.964  -12.628 2.214   1.00 16.57  ? 71 LYS B N   1 
ATOM   838  C  CA  . LYS B 1 52 ? -6.536  -13.856 2.721   1.00 17.08  ? 71 LYS B CA  1 
ATOM   839  C  C   . LYS B 1 52 ? -5.454  -14.921 2.625   1.00 18.56  ? 71 LYS B C   1 
ATOM   840  O  O   . LYS B 1 52 ? -4.802  -15.077 1.583   1.00 15.81  ? 71 LYS B O   1 
ATOM   841  C  CB  . LYS B 1 52 ? -7.748  -14.269 1.893   1.00 24.88  ? 71 LYS B CB  1 
ATOM   842  C  CG  . LYS B 1 52 ? -8.415  -15.526 2.422   1.00 28.81  ? 71 LYS B CG  1 
ATOM   843  C  CD  . LYS B 1 52 ? -9.640  -15.864 1.616   1.00 30.08  ? 71 LYS B CD  1 
ATOM   844  C  CE  . LYS B 1 52 ? -10.468 -16.947 2.280   1.00 32.71  ? 71 LYS B CE  1 
ATOM   845  N  NZ  . LYS B 1 52 ? -11.751 -17.164 1.544   1.00 37.81  ? 71 LYS B NZ  1 
ATOM   846  N  N   . ALA B 1 53 ? -5.253  -15.654 3.712   1.00 19.01  ? 72 ALA B N   1 
ATOM   847  C  CA  . ALA B 1 53 ? -4.232  -16.692 3.719   1.00 20.66  ? 72 ALA B CA  1 
ATOM   848  C  C   . ALA B 1 53 ? -4.733  -18.024 3.196   1.00 22.46  ? 72 ALA B C   1 
ATOM   849  O  O   . ALA B 1 53 ? -5.879  -18.406 3.428   1.00 22.74  ? 72 ALA B O   1 
ATOM   850  C  CB  . ALA B 1 53 ? -3.693  -16.876 5.128   1.00 22.11  ? 72 ALA B CB  1 
ATOM   851  N  N   . ASP B 1 54 ? -3.872  -18.726 2.476   1.00 22.42  ? 73 ASP B N   1 
ATOM   852  C  CA  . ASP B 1 54 ? -4.215  -20.048 1.986   1.00 26.93  ? 73 ASP B CA  1 
ATOM   853  C  C   . ASP B 1 54 ? -3.708  -20.989 3.059   1.00 27.13  ? 73 ASP B C   1 
ATOM   854  O  O   . ASP B 1 54 ? -2.804  -20.634 3.809   1.00 26.29  ? 73 ASP B O   1 
ATOM   855  C  CB  . ASP B 1 54 ? -3.528  -20.322 0.659   1.00 46.66  ? 73 ASP B CB  1 
ATOM   856  C  CG  . ASP B 1 54 ? -4.044  -19.426 -0.441  1.00 51.70  ? 73 ASP B CG  1 
ATOM   857  O  OD1 . ASP B 1 54 ? -5.285  -19.344 -0.585  1.00 54.24  ? 73 ASP B OD1 1 
ATOM   858  O  OD2 . ASP B 1 54 ? -3.222  -18.800 -1.147  1.00 52.92  ? 73 ASP B OD2 1 
ATOM   859  N  N   . LEU B 1 55 ? -4.302  -22.172 3.159   1.00 34.80  ? 74 LEU B N   1 
ATOM   860  C  CA  . LEU B 1 55 ? -3.882  -23.121 4.181   1.00 37.51  ? 74 LEU B CA  1 
ATOM   861  C  C   . LEU B 1 55 ? -2.534  -23.723 3.821   1.00 39.04  ? 74 LEU B C   1 
ATOM   862  O  O   . LEU B 1 55 ? -1.741  -24.047 4.703   1.00 39.52  ? 74 LEU B O   1 
ATOM   863  C  CB  . LEU B 1 55 ? -4.922  -24.231 4.352   1.00 38.94  ? 74 LEU B CB  1 
ATOM   864  C  CG  . LEU B 1 55 ? -4.591  -25.276 5.431   1.00 39.27  ? 74 LEU B CG  1 
ATOM   865  C  CD1 . LEU B 1 55 ? -4.672  -24.645 6.815   1.00 36.30  ? 74 LEU B CD1 1 
ATOM   866  C  CD2 . LEU B 1 55 ? -5.563  -26.444 5.331   1.00 39.85  ? 74 LEU B CD2 1 
ATOM   867  N  N   . GLU B 1 56 ? -2.277  -23.865 2.523   1.00 41.96  ? 75 GLU B N   1 
ATOM   868  C  CA  . GLU B 1 56 ? -1.013  -24.423 2.057   1.00 43.64  ? 75 GLU B CA  1 
ATOM   869  C  C   . GLU B 1 56 ? -0.691  -24.019 0.618   1.00 43.39  ? 75 GLU B C   1 
ATOM   870  O  O   . GLU B 1 56 ? -1.527  -23.443 -0.081  1.00 42.76  ? 75 GLU B O   1 
ATOM   871  C  CB  . GLU B 1 56 ? -1.046  -25.945 2.161   1.00 74.31  ? 75 GLU B CB  1 
ATOM   872  C  CG  . GLU B 1 56 ? -2.027  -26.618 1.218   1.00 78.95  ? 75 GLU B CG  1 
ATOM   873  C  CD  . GLU B 1 56 ? -1.867  -28.128 1.210   1.00 82.84  ? 75 GLU B CD  1 
ATOM   874  O  OE1 . GLU B 1 56 ? -0.727  -28.604 0.995   1.00 84.17  ? 75 GLU B OE1 1 
ATOM   875  O  OE2 . GLU B 1 56 ? -2.875  -28.837 1.416   1.00 85.02  ? 75 GLU B OE2 1 
ATOM   876  N  N   . HIS B 1 57 ? 0.532   -24.316 0.186   1.00 33.25  ? 76 HIS B N   1 
ATOM   877  C  CA  . HIS B 1 57 ? 0.962   -23.995 -1.167  1.00 34.14  ? 76 HIS B CA  1 
ATOM   878  C  C   . HIS B 1 57 ? 0.399   -25.047 -2.110  1.00 35.72  ? 76 HIS B C   1 
ATOM   879  O  O   . HIS B 1 57 ? 0.400   -26.235 -1.798  1.00 36.72  ? 76 HIS B O   1 
ATOM   880  C  CB  . HIS B 1 57 ? 2.492   -23.978 -1.255  1.00 39.29  ? 76 HIS B CB  1 
ATOM   881  C  CG  . HIS B 1 57 ? 3.138   -25.272 -0.866  1.00 38.84  ? 76 HIS B CG  1 
ATOM   882  N  ND1 . HIS B 1 57 ? 2.953   -25.857 0.368   1.00 37.63  ? 76 HIS B ND1 1 
ATOM   883  C  CD2 . HIS B 1 57 ? 3.970   -26.095 -1.551  1.00 39.64  ? 76 HIS B CD2 1 
ATOM   884  C  CE1 . HIS B 1 57 ? 3.639   -26.985 0.427   1.00 38.28  ? 76 HIS B CE1 1 
ATOM   885  N  NE2 . HIS B 1 57 ? 4.264   -27.152 -0.725  1.00 38.98  ? 76 HIS B NE2 1 
ATOM   886  N  N   . HIS B 1 58 ? -0.094  -24.617 -3.260  1.00 44.10  ? 77 HIS B N   1 
ATOM   887  C  CA  . HIS B 1 58 ? -0.653  -25.562 -4.204  1.00 48.88  ? 77 HIS B CA  1 
ATOM   888  C  C   . HIS B 1 58 ? -0.091  -25.391 -5.602  1.00 51.60  ? 77 HIS B C   1 
ATOM   889  O  O   . HIS B 1 58 ? -0.261  -24.347 -6.230  1.00 52.14  ? 77 HIS B O   1 
ATOM   890  C  CB  . HIS B 1 58 ? -2.182  -25.454 -4.226  1.00 85.33  ? 77 HIS B CB  1 
ATOM   891  C  CG  . HIS B 1 58 ? -2.694  -24.048 -4.272  1.00 88.21  ? 77 HIS B CG  1 
ATOM   892  N  ND1 . HIS B 1 58 ? -2.583  -23.248 -5.388  1.00 88.97  ? 77 HIS B ND1 1 
ATOM   893  C  CD2 . HIS B 1 58 ? -3.326  -23.299 -3.333  1.00 89.43  ? 77 HIS B CD2 1 
ATOM   894  C  CE1 . HIS B 1 58 ? -3.122  -22.068 -5.139  1.00 90.13  ? 77 HIS B CE1 1 
ATOM   895  N  NE2 . HIS B 1 58 ? -3.580  -22.072 -3.898  1.00 90.32  ? 77 HIS B NE2 1 
ATOM   896  N  N   . HIS B 1 59 ? 0.591   -26.440 -6.060  1.00 104.07 ? 78 HIS B N   1 
ATOM   897  C  CA  . HIS B 1 59 ? 1.211   -26.524 -7.381  1.00 105.45 ? 78 HIS B CA  1 
ATOM   898  C  C   . HIS B 1 59 ? 2.301   -27.591 -7.347  1.00 107.16 ? 78 HIS B C   1 
ATOM   899  O  O   . HIS B 1 59 ? 2.536   -28.144 -6.246  1.00 107.92 ? 78 HIS B O   1 
ATOM   900  C  CB  . HIS B 1 59 ? 1.817   -25.181 -7.806  1.00 72.56  ? 78 HIS B CB  1 
ATOM   901  C  CG  . HIS B 1 59 ? 0.996   -24.444 -8.820  1.00 73.05  ? 78 HIS B CG  1 
ATOM   902  N  ND1 . HIS B 1 59 ? 1.452   -23.314 -9.468  1.00 73.56  ? 78 HIS B ND1 1 
ATOM   903  C  CD2 . HIS B 1 59 ? -0.249  -24.676 -9.303  1.00 73.20  ? 78 HIS B CD2 1 
ATOM   904  C  CE1 . HIS B 1 59 ? 0.525   -22.886 -10.307 1.00 73.70  ? 78 HIS B CE1 1 
ATOM   905  N  NE2 . HIS B 1 59 ? -0.517  -23.696 -10.226 1.00 73.96  ? 78 HIS B NE2 1 
ATOM   906  N  N   . THR C 1 2  ? 0.736   -0.618  -26.042 1.00 75.70  ? 21 THR C N   1 
ATOM   907  C  CA  . THR C 1 2  ? 2.228   -0.696  -26.018 1.00 75.83  ? 21 THR C CA  1 
ATOM   908  C  C   . THR C 1 2  ? 2.783   -0.623  -24.595 1.00 74.44  ? 21 THR C C   1 
ATOM   909  O  O   . THR C 1 2  ? 3.719   -1.348  -24.251 1.00 76.78  ? 21 THR C O   1 
ATOM   910  C  CB  . THR C 1 2  ? 2.864   0.441   -26.848 1.00 69.68  ? 21 THR C CB  1 
ATOM   911  O  OG1 . THR C 1 2  ? 2.322   0.428   -28.176 1.00 71.12  ? 21 THR C OG1 1 
ATOM   912  C  CG2 . THR C 1 2  ? 4.386   0.264   -26.919 1.00 68.89  ? 21 THR C CG2 1 
ATOM   913  N  N   . THR C 1 3  ? 2.224   0.257   -23.772 1.00 39.42  ? 22 THR C N   1 
ATOM   914  C  CA  . THR C 1 3  ? 2.696   0.372   -22.397 1.00 36.70  ? 22 THR C CA  1 
ATOM   915  C  C   . THR C 1 3  ? 1.760   -0.378  -21.469 1.00 33.46  ? 22 THR C C   1 
ATOM   916  O  O   . THR C 1 3  ? 0.539   -0.304  -21.602 1.00 34.50  ? 22 THR C O   1 
ATOM   917  C  CB  . THR C 1 3  ? 2.790   1.845   -21.926 1.00 43.81  ? 22 THR C CB  1 
ATOM   918  O  OG1 . THR C 1 3  ? 1.482   2.435   -21.919 1.00 46.45  ? 22 THR C OG1 1 
ATOM   919  C  CG2 . THR C 1 3  ? 3.713   2.642   -22.849 1.00 42.40  ? 22 THR C CG2 1 
ATOM   920  N  N   . ASN C 1 4  ? 2.343   -1.118  -20.539 1.00 35.65  ? 23 ASN C N   1 
ATOM   921  C  CA  . ASN C 1 4  ? 1.573   -1.890  -19.581 1.00 32.12  ? 23 ASN C CA  1 
ATOM   922  C  C   . ASN C 1 4  ? 1.916   -1.460  -18.163 1.00 29.42  ? 23 ASN C C   1 
ATOM   923  O  O   . ASN C 1 4  ? 3.054   -1.103  -17.868 1.00 29.30  ? 23 ASN C O   1 
ATOM   924  C  CB  . ASN C 1 4  ? 1.869   -3.383  -19.749 1.00 31.40  ? 23 ASN C CB  1 
ATOM   925  C  CG  . ASN C 1 4  ? 0.979   -4.046  -20.782 1.00 32.55  ? 23 ASN C CG  1 
ATOM   926  O  OD1 . ASN C 1 4  ? 1.314   -5.099  -21.315 1.00 34.08  ? 23 ASN C OD1 1 
ATOM   927  N  ND2 . ASN C 1 4  ? -0.173  -3.446  -21.051 1.00 33.54  ? 23 ASN C ND2 1 
ATOM   928  N  N   . TYR C 1 5  ? 0.914   -1.482  -17.297 1.00 24.59  ? 24 TYR C N   1 
ATOM   929  C  CA  . TYR C 1 5  ? 1.106   -1.137  -15.904 1.00 24.79  ? 24 TYR C CA  1 
ATOM   930  C  C   . TYR C 1 5  ? 0.652   -2.319  -15.071 1.00 23.75  ? 24 TYR C C   1 
ATOM   931  O  O   . TYR C 1 5  ? -0.216  -3.085  -15.489 1.00 23.19  ? 24 TYR C O   1 
ATOM   932  C  CB  . TYR C 1 5  ? 0.288   0.094   -15.519 1.00 27.83  ? 24 TYR C CB  1 
ATOM   933  C  CG  . TYR C 1 5  ? 0.937   1.399   -15.913 1.00 30.89  ? 24 TYR C CG  1 
ATOM   934  C  CD1 . TYR C 1 5  ? 0.997   1.796   -17.248 1.00 31.00  ? 24 TYR C CD1 1 
ATOM   935  C  CD2 . TYR C 1 5  ? 1.513   2.230   -14.950 1.00 29.68  ? 24 TYR C CD2 1 
ATOM   936  C  CE1 . TYR C 1 5  ? 1.620   2.991   -17.619 1.00 31.57  ? 24 TYR C CE1 1 
ATOM   937  C  CE2 . TYR C 1 5  ? 2.137   3.423   -15.307 1.00 32.48  ? 24 TYR C CE2 1 
ATOM   938  C  CZ  . TYR C 1 5  ? 2.187   3.797   -16.646 1.00 32.82  ? 24 TYR C CZ  1 
ATOM   939  O  OH  . TYR C 1 5  ? 2.796   4.980   -17.009 1.00 36.31  ? 24 TYR C OH  1 
ATOM   940  N  N   . VAL C 1 6  ? 1.258   -2.476  -13.900 1.00 21.65  ? 25 VAL C N   1 
ATOM   941  C  CA  . VAL C 1 6  ? 0.897   -3.553  -13.000 1.00 20.01  ? 25 VAL C CA  1 
ATOM   942  C  C   . VAL C 1 6  ? 0.344   -2.928  -11.741 1.00 18.54  ? 25 VAL C C   1 
ATOM   943  O  O   . VAL C 1 6  ? 1.030   -2.204  -11.029 1.00 18.48  ? 25 VAL C O   1 
ATOM   944  C  CB  . VAL C 1 6  ? 2.105   -4.444  -12.640 1.00 20.75  ? 25 VAL C CB  1 
ATOM   945  C  CG1 . VAL C 1 6  ? 1.641   -5.621  -11.778 1.00 20.17  ? 25 VAL C CG1 1 
ATOM   946  C  CG2 . VAL C 1 6  ? 2.769   -4.943  -13.905 1.00 21.57  ? 25 VAL C CG2 1 
HETATM 947  N  N   . MSE C 1 7  ? -0.916  -3.216  -11.486 1.00 18.71  ? 26 MSE C N   1 
HETATM 948  C  CA  . MSE C 1 7  ? -1.614  -2.687  -10.333 1.00 20.80  ? 26 MSE C CA  1 
HETATM 949  C  C   . MSE C 1 7  ? -1.704  -3.777  -9.270  1.00 20.20  ? 26 MSE C C   1 
HETATM 950  O  O   . MSE C 1 7  ? -2.057  -4.914  -9.563  1.00 19.30  ? 26 MSE C O   1 
HETATM 951  C  CB  . MSE C 1 7  ? -3.010  -2.250  -10.776 1.00 29.86  ? 26 MSE C CB  1 
HETATM 952  C  CG  . MSE C 1 7  ? -3.867  -1.601  -9.723  1.00 37.93  ? 26 MSE C CG  1 
HETATM 953  SE SE  . MSE C 1 7  ? -5.602  -1.090  -10.476 1.00 53.52  ? 26 MSE C SE  1 
HETATM 954  C  CE  . MSE C 1 7  ? -6.633  -2.557  -9.781  1.00 45.29  ? 26 MSE C CE  1 
ATOM   955  N  N   . THR C 1 8  ? -1.358  -3.426  -8.039  1.00 22.97  ? 27 THR C N   1 
ATOM   956  C  CA  . THR C 1 8  ? -1.428  -4.363  -6.932  1.00 24.23  ? 27 THR C CA  1 
ATOM   957  C  C   . THR C 1 8  ? -2.500  -3.809  -6.011  1.00 24.21  ? 27 THR C C   1 
ATOM   958  O  O   . THR C 1 8  ? -2.447  -2.651  -5.594  1.00 26.11  ? 27 THR C O   1 
ATOM   959  C  CB  . THR C 1 8  ? -0.068  -4.475  -6.186  1.00 21.91  ? 27 THR C CB  1 
ATOM   960  O  OG1 . THR C 1 8  ? 0.923   -5.005  -7.079  1.00 22.24  ? 27 THR C OG1 1 
ATOM   961  C  CG2 . THR C 1 8  ? -0.189  -5.414  -4.988  1.00 22.80  ? 27 THR C CG2 1 
ATOM   962  N  N   . THR C 1 9  ? -3.493  -4.630  -5.712  1.00 23.98  ? 28 THR C N   1 
ATOM   963  C  CA  . THR C 1 9  ? -4.572  -4.175  -4.862  1.00 23.15  ? 28 THR C CA  1 
ATOM   964  C  C   . THR C 1 9  ? -4.334  -4.514  -3.401  1.00 24.40  ? 28 THR C C   1 
ATOM   965  O  O   . THR C 1 9  ? -3.531  -5.386  -3.067  1.00 24.59  ? 28 THR C O   1 
ATOM   966  C  CB  . THR C 1 9  ? -5.909  -4.770  -5.310  1.00 18.14  ? 28 THR C CB  1 
ATOM   967  O  OG1 . THR C 1 9  ? -5.936  -6.165  -5.018  1.00 16.15  ? 28 THR C OG1 1 
ATOM   968  C  CG2 . THR C 1 9  ? -6.094  -4.579  -6.802  1.00 19.98  ? 28 THR C CG2 1 
ATOM   969  N  N   . LYS C 1 10 ? -5.039  -3.792  -2.543  1.00 25.85  ? 29 LYS C N   1 
ATOM   970  C  CA  . LYS C 1 10 ? -4.955  -3.964  -1.107  1.00 28.29  ? 29 LYS C CA  1 
ATOM   971  C  C   . LYS C 1 10 ? -5.253  -5.396  -0.687  1.00 27.56  ? 29 LYS C C   1 
ATOM   972  O  O   . LYS C 1 10 ? -4.715  -5.871  0.309   1.00 27.84  ? 29 LYS C O   1 
ATOM   973  C  CB  . LYS C 1 10 ? -5.933  -3.004  -0.421  1.00 41.30  ? 29 LYS C CB  1 
ATOM   974  C  CG  . LYS C 1 10 ? -6.180  -3.297  1.050   1.00 45.94  ? 29 LYS C CG  1 
ATOM   975  C  CD  . LYS C 1 10 ? -7.373  -2.485  1.569   1.00 48.94  ? 29 LYS C CD  1 
ATOM   976  C  CE  . LYS C 1 10 ? -7.693  -2.818  3.025   1.00 51.84  ? 29 LYS C CE  1 
ATOM   977  N  NZ  . LYS C 1 10 ? -8.878  -2.063  3.537   1.00 55.11  ? 29 LYS C NZ  1 
ATOM   978  N  N   . ASN C 1 11 ? -6.106  -6.086  -1.443  1.00 27.27  ? 30 ASN C N   1 
ATOM   979  C  CA  . ASN C 1 11 ? -6.452  -7.462  -1.109  1.00 25.64  ? 30 ASN C CA  1 
ATOM   980  C  C   . ASN C 1 11 ? -5.524  -8.495  -1.750  1.00 24.56  ? 30 ASN C C   1 
ATOM   981  O  O   . ASN C 1 11 ? -5.849  -9.683  -1.815  1.00 25.91  ? 30 ASN C O   1 
ATOM   982  C  CB  . ASN C 1 11 ? -7.917  -7.751  -1.468  1.00 30.78  ? 30 ASN C CB  1 
ATOM   983  C  CG  . ASN C 1 11 ? -8.140  -7.943  -2.955  1.00 34.89  ? 30 ASN C CG  1 
ATOM   984  O  OD1 . ASN C 1 11 ? -7.248  -7.709  -3.775  1.00 35.26  ? 30 ASN C OD1 1 
ATOM   985  N  ND2 . ASN C 1 11 ? -9.347  -8.370  -3.314  1.00 35.49  ? 30 ASN C ND2 1 
ATOM   986  N  N   . GLY C 1 12 ? -4.373  -8.041  -2.238  1.00 20.67  ? 31 GLY C N   1 
ATOM   987  C  CA  . GLY C 1 12 ? -3.405  -8.966  -2.805  1.00 18.76  ? 31 GLY C CA  1 
ATOM   988  C  C   . GLY C 1 12 ? -3.422  -9.327  -4.276  1.00 19.17  ? 31 GLY C C   1 
ATOM   989  O  O   . GLY C 1 12 ? -2.607  -10.133 -4.713  1.00 20.17  ? 31 GLY C O   1 
ATOM   990  N  N   . GLN C 1 13 ? -4.313  -8.741  -5.061  1.00 21.67  ? 32 GLN C N   1 
ATOM   991  C  CA  . GLN C 1 13 ? -4.334  -9.083  -6.469  1.00 22.45  ? 32 GLN C CA  1 
ATOM   992  C  C   . GLN C 1 13 ? -3.324  -8.331  -7.310  1.00 23.43  ? 32 GLN C C   1 
ATOM   993  O  O   . GLN C 1 13 ? -2.903  -7.214  -6.993  1.00 23.65  ? 32 GLN C O   1 
ATOM   994  C  CB  . GLN C 1 13 ? -5.725  -8.878  -7.040  1.00 23.42  ? 32 GLN C CB  1 
ATOM   995  C  CG  . GLN C 1 13 ? -6.705  -9.875  -6.505  1.00 29.79  ? 32 GLN C CG  1 
ATOM   996  C  CD  . GLN C 1 13 ? -8.102  -9.575  -6.932  1.00 33.37  ? 32 GLN C CD  1 
ATOM   997  O  OE1 . GLN C 1 13 ? -8.483  -9.807  -8.083  1.00 35.33  ? 32 GLN C OE1 1 
ATOM   998  N  NE2 . GLN C 1 13 ? -8.886  -9.032  -6.012  1.00 36.29  ? 32 GLN C NE2 1 
ATOM   999  N  N   . THR C 1 14 ? -2.928  -8.976  -8.395  1.00 22.64  ? 33 THR C N   1 
ATOM   1000 C  CA  . THR C 1 14 ? -1.989  -8.387  -9.321  1.00 24.25  ? 33 THR C CA  1 
ATOM   1001 C  C   . THR C 1 14 ? -2.705  -8.297  -10.654 1.00 22.02  ? 33 THR C C   1 
ATOM   1002 O  O   . THR C 1 14 ? -3.114  -9.305  -11.214 1.00 22.06  ? 33 THR C O   1 
ATOM   1003 C  CB  . THR C 1 14 ? -0.725  -9.244  -9.417  1.00 21.88  ? 33 THR C CB  1 
ATOM   1004 O  OG1 . THR C 1 14 ? -0.063  -9.223  -8.146  1.00 23.62  ? 33 THR C OG1 1 
ATOM   1005 C  CG2 . THR C 1 14 ? 0.215   -8.696  -10.459 1.00 22.88  ? 33 THR C CG2 1 
ATOM   1006 N  N   . ILE C 1 15 ? -2.860  -7.075  -11.148 1.00 20.11  ? 34 ILE C N   1 
ATOM   1007 C  CA  . ILE C 1 15 ? -3.572  -6.834  -12.389 1.00 17.98  ? 34 ILE C CA  1 
ATOM   1008 C  C   . ILE C 1 15 ? -2.757  -6.063  -13.417 1.00 18.70  ? 34 ILE C C   1 
ATOM   1009 O  O   . ILE C 1 15 ? -2.159  -5.030  -13.108 1.00 18.54  ? 34 ILE C O   1 
ATOM   1010 C  CB  . ILE C 1 15 ? -4.860  -6.048  -12.090 1.00 20.00  ? 34 ILE C CB  1 
ATOM   1011 C  CG1 . ILE C 1 15 ? -5.597  -6.730  -10.937 1.00 19.76  ? 34 ILE C CG1 1 
ATOM   1012 C  CG2 . ILE C 1 15 ? -5.760  -5.987  -13.341 1.00 18.99  ? 34 ILE C CG2 1 
ATOM   1013 C  CD1 . ILE C 1 15 ? -6.668  -5.899  -10.315 1.00 21.57  ? 34 ILE C CD1 1 
ATOM   1014 N  N   . VAL C 1 16 ? -2.745  -6.567  -14.645 1.00 17.77  ? 35 VAL C N   1 
ATOM   1015 C  CA  . VAL C 1 16 ? -2.036  -5.907  -15.732 1.00 17.63  ? 35 VAL C CA  1 
ATOM   1016 C  C   . VAL C 1 16 ? -3.026  -4.995  -16.433 1.00 17.35  ? 35 VAL C C   1 
ATOM   1017 O  O   . VAL C 1 16 ? -4.138  -5.418  -16.765 1.00 21.97  ? 35 VAL C O   1 
ATOM   1018 C  CB  . VAL C 1 16 ? -1.499  -6.930  -16.771 1.00 19.64  ? 35 VAL C CB  1 
ATOM   1019 C  CG1 . VAL C 1 16 ? -0.800  -6.200  -17.931 1.00 17.34  ? 35 VAL C CG1 1 
ATOM   1020 C  CG2 . VAL C 1 16 ? -0.544  -7.889  -16.100 1.00 17.25  ? 35 VAL C CG2 1 
ATOM   1021 N  N   . THR C 1 17 ? -2.649  -3.742  -16.647 1.00 14.23  ? 36 THR C N   1 
ATOM   1022 C  CA  . THR C 1 17 ? -3.550  -2.836  -17.331 1.00 16.60  ? 36 THR C CA  1 
ATOM   1023 C  C   . THR C 1 17 ? -2.899  -2.333  -18.612 1.00 19.62  ? 36 THR C C   1 
ATOM   1024 O  O   . THR C 1 17 ? -1.671  -2.222  -18.691 1.00 18.56  ? 36 THR C O   1 
ATOM   1025 C  CB  . THR C 1 17 ? -3.912  -1.605  -16.465 1.00 25.07  ? 36 THR C CB  1 
ATOM   1026 O  OG1 . THR C 1 17 ? -2.823  -0.670  -16.474 1.00 24.83  ? 36 THR C OG1 1 
ATOM   1027 C  CG2 . THR C 1 17 ? -4.210  -2.027  -15.021 1.00 24.80  ? 36 THR C CG2 1 
ATOM   1028 N  N   . GLN C 1 18 ? -3.731  -2.045  -19.615 1.00 21.70  ? 37 GLN C N   1 
ATOM   1029 C  CA  . GLN C 1 18 ? -3.256  -1.509  -20.886 1.00 23.55  ? 37 GLN C CA  1 
ATOM   1030 C  C   . GLN C 1 18 ? -3.300  0.004   -20.706 1.00 21.79  ? 37 GLN C C   1 
ATOM   1031 O  O   . GLN C 1 18 ? -4.367  0.573   -20.520 1.00 23.79  ? 37 GLN C O   1 
ATOM   1032 C  CB  . GLN C 1 18 ? -4.199  -1.895  -22.030 1.00 29.34  ? 37 GLN C CB  1 
ATOM   1033 C  CG  . GLN C 1 18 ? -4.484  -3.382  -22.203 1.00 31.70  ? 37 GLN C CG  1 
ATOM   1034 C  CD  . GLN C 1 18 ? -5.177  -3.662  -23.529 1.00 35.82  ? 37 GLN C CD  1 
ATOM   1035 O  OE1 . GLN C 1 18 ? -5.780  -4.717  -23.730 1.00 36.62  ? 37 GLN C OE1 1 
ATOM   1036 N  NE2 . GLN C 1 18 ? -5.088  -2.707  -24.449 1.00 36.97  ? 37 GLN C NE2 1 
ATOM   1037 N  N   . GLY C 1 19 ? -2.152  0.658   -20.751 1.00 26.19  ? 38 GLY C N   1 
ATOM   1038 C  CA  . GLY C 1 19 ? -2.147  2.098   -20.572 1.00 28.34  ? 38 GLY C CA  1 
ATOM   1039 C  C   . GLY C 1 19 ? -2.234  2.452   -19.098 1.00 28.02  ? 38 GLY C C   1 
ATOM   1040 O  O   . GLY C 1 19 ? -2.614  1.616   -18.280 1.00 27.66  ? 38 GLY C O   1 
ATOM   1041 N  N   . LYS C 1 20 ? -1.893  3.691   -18.758 1.00 27.16  ? 39 LYS C N   1 
ATOM   1042 C  CA  . LYS C 1 20 ? -1.911  4.137   -17.368 1.00 28.79  ? 39 LYS C CA  1 
ATOM   1043 C  C   . LYS C 1 20 ? -3.307  4.391   -16.805 1.00 28.31  ? 39 LYS C C   1 
ATOM   1044 O  O   . LYS C 1 20 ? -4.109  5.102   -17.405 1.00 29.29  ? 39 LYS C O   1 
ATOM   1045 C  CB  . LYS C 1 20 ? -1.082  5.413   -17.219 1.00 34.90  ? 39 LYS C CB  1 
ATOM   1046 C  CG  . LYS C 1 20 ? -0.678  5.683   -15.783 1.00 37.74  ? 39 LYS C CG  1 
ATOM   1047 C  CD  . LYS C 1 20 ? 0.054   7.008   -15.616 1.00 39.39  ? 39 LYS C CD  1 
ATOM   1048 C  CE  . LYS C 1 20 ? 0.741   7.058   -14.259 1.00 40.28  ? 39 LYS C CE  1 
ATOM   1049 N  NZ  . LYS C 1 20 ? -0.156  6.522   -13.189 1.00 40.13  ? 39 LYS C NZ  1 
ATOM   1050 N  N   . PRO C 1 21 ? -3.619  3.804   -15.643 1.00 25.49  ? 40 PRO C N   1 
ATOM   1051 C  CA  . PRO C 1 21 ? -4.942  4.015   -15.045 1.00 27.04  ? 40 PRO C CA  1 
ATOM   1052 C  C   . PRO C 1 21 ? -5.206  5.498   -14.740 1.00 28.30  ? 40 PRO C C   1 
ATOM   1053 O  O   . PRO C 1 21 ? -4.275  6.269   -14.518 1.00 28.77  ? 40 PRO C O   1 
ATOM   1054 C  CB  . PRO C 1 21 ? -4.884  3.155   -13.784 1.00 23.53  ? 40 PRO C CB  1 
ATOM   1055 C  CG  . PRO C 1 21 ? -4.059  2.006   -14.218 1.00 22.68  ? 40 PRO C CG  1 
ATOM   1056 C  CD  . PRO C 1 21 ? -2.916  2.701   -14.968 1.00 24.93  ? 40 PRO C CD  1 
ATOM   1057 N  N   . GLN C 1 22 ? -6.477  5.883   -14.724 1.00 28.00  ? 41 GLN C N   1 
ATOM   1058 C  CA  . GLN C 1 22 ? -6.873  7.264   -14.467 1.00 29.45  ? 41 GLN C CA  1 
ATOM   1059 C  C   . GLN C 1 22 ? -7.630  7.415   -13.156 1.00 30.31  ? 41 GLN C C   1 
ATOM   1060 O  O   . GLN C 1 22 ? -8.737  6.895   -13.003 1.00 31.04  ? 41 GLN C O   1 
ATOM   1061 C  CB  . GLN C 1 22 ? -7.765  7.774   -15.596 1.00 40.16  ? 41 GLN C CB  1 
ATOM   1062 C  CG  . GLN C 1 22 ? -7.094  7.902   -16.950 1.00 41.91  ? 41 GLN C CG  1 
ATOM   1063 C  CD  . GLN C 1 22 ? -8.080  8.327   -18.022 1.00 44.50  ? 41 GLN C CD  1 
ATOM   1064 O  OE1 . GLN C 1 22 ? -8.424  7.548   -18.921 1.00 42.52  ? 41 GLN C OE1 1 
ATOM   1065 N  NE2 . GLN C 1 22 ? -8.554  9.567   -17.925 1.00 45.64  ? 41 GLN C NE2 1 
ATOM   1066 N  N   . LEU C 1 23 ? -7.038  8.142   -12.220 1.00 37.91  ? 42 LEU C N   1 
ATOM   1067 C  CA  . LEU C 1 23 ? -7.653  8.365   -10.920 1.00 40.22  ? 42 LEU C CA  1 
ATOM   1068 C  C   . LEU C 1 23 ? -8.577  9.580   -11.001 1.00 40.98  ? 42 LEU C C   1 
ATOM   1069 O  O   . LEU C 1 23 ? -8.208  10.600  -11.586 1.00 41.35  ? 42 LEU C O   1 
ATOM   1070 C  CB  . LEU C 1 23 ? -6.556  8.600   -9.874  1.00 43.27  ? 42 LEU C CB  1 
ATOM   1071 C  CG  . LEU C 1 23 ? -6.931  8.589   -8.388  1.00 44.55  ? 42 LEU C CG  1 
ATOM   1072 C  CD1 . LEU C 1 23 ? -5.657  8.551   -7.558  1.00 45.35  ? 42 LEU C CD1 1 
ATOM   1073 C  CD2 . LEU C 1 23 ? -7.770  9.806   -8.036  1.00 42.96  ? 42 LEU C CD2 1 
ATOM   1074 N  N   . ASP C 1 24 ? -9.778  9.469   -10.438 1.00 31.69  ? 43 ASP C N   1 
ATOM   1075 C  CA  . ASP C 1 24 ? -10.714 10.593  -10.448 1.00 34.04  ? 43 ASP C CA  1 
ATOM   1076 C  C   . ASP C 1 24 ? -10.856 11.174  -9.036  1.00 34.03  ? 43 ASP C C   1 
ATOM   1077 O  O   . ASP C 1 24 ? -11.525 10.600  -8.175  1.00 32.08  ? 43 ASP C O   1 
ATOM   1078 C  CB  . ASP C 1 24 ? -12.082 10.158  -10.971 1.00 49.37  ? 43 ASP C CB  1 
ATOM   1079 C  CG  . ASP C 1 24 ? -12.994 11.340  -11.246 1.00 52.78  ? 43 ASP C CG  1 
ATOM   1080 O  OD1 . ASP C 1 24 ? -13.239 12.129  -10.305 1.00 53.13  ? 43 ASP C OD1 1 
ATOM   1081 O  OD2 . ASP C 1 24 ? -13.458 11.484  -12.398 1.00 52.83  ? 43 ASP C OD2 1 
ATOM   1082 N  N   . LYS C 1 25 ? -10.214 12.317  -8.819  1.00 38.89  ? 44 LYS C N   1 
ATOM   1083 C  CA  . LYS C 1 25 ? -10.206 12.996  -7.526  1.00 40.20  ? 44 LYS C CA  1 
ATOM   1084 C  C   . LYS C 1 25 ? -11.576 13.264  -6.900  1.00 40.05  ? 44 LYS C C   1 
ATOM   1085 O  O   . LYS C 1 25 ? -11.712 13.249  -5.678  1.00 39.54  ? 44 LYS C O   1 
ATOM   1086 C  CB  . LYS C 1 25 ? -9.454  14.320  -7.650  1.00 54.89  ? 44 LYS C CB  1 
ATOM   1087 C  CG  . LYS C 1 25 ? -8.055  14.206  -8.233  1.00 58.29  ? 44 LYS C CG  1 
ATOM   1088 C  CD  . LYS C 1 25 ? -7.028  13.804  -7.184  1.00 60.71  ? 44 LYS C CD  1 
ATOM   1089 C  CE  . LYS C 1 25 ? -5.608  13.889  -7.750  1.00 61.23  ? 44 LYS C CE  1 
ATOM   1090 N  NZ  . LYS C 1 25 ? -4.572  13.642  -6.712  1.00 59.15  ? 44 LYS C NZ  1 
ATOM   1091 N  N   . GLU C 1 26 ? -12.589 13.513  -7.721  1.00 45.49  ? 45 GLU C N   1 
ATOM   1092 C  CA  . GLU C 1 26 ? -13.913 13.805  -7.176  1.00 46.58  ? 45 GLU C CA  1 
ATOM   1093 C  C   . GLU C 1 26 ? -14.768 12.565  -6.925  1.00 45.06  ? 45 GLU C C   1 
ATOM   1094 O  O   . GLU C 1 26 ? -15.650 12.579  -6.068  1.00 45.39  ? 45 GLU C O   1 
ATOM   1095 C  CB  . GLU C 1 26 ? -14.656 14.783  -8.097  1.00 70.31  ? 45 GLU C CB  1 
ATOM   1096 C  CG  . GLU C 1 26 ? -16.033 15.190  -7.591  1.00 74.42  ? 45 GLU C CG  1 
ATOM   1097 C  CD  . GLU C 1 26 ? -16.587 16.409  -8.307  1.00 78.12  ? 45 GLU C CD  1 
ATOM   1098 O  OE1 . GLU C 1 26 ? -16.584 16.419  -9.560  1.00 81.09  ? 45 GLU C OE1 1 
ATOM   1099 O  OE2 . GLU C 1 26 ? -17.032 17.356  -7.621  1.00 77.38  ? 45 GLU C OE2 1 
ATOM   1100 N  N   . THR C 1 27 ? -14.492 11.494  -7.661  1.00 40.29  ? 46 THR C N   1 
ATOM   1101 C  CA  . THR C 1 27 ? -15.248 10.255  -7.519  1.00 39.13  ? 46 THR C CA  1 
ATOM   1102 C  C   . THR C 1 27 ? -14.609 9.263   -6.562  1.00 38.55  ? 46 THR C C   1 
ATOM   1103 O  O   . THR C 1 27 ? -15.308 8.490   -5.906  1.00 39.08  ? 46 THR C O   1 
ATOM   1104 C  CB  . THR C 1 27 ? -15.407 9.545   -8.860  1.00 43.24  ? 46 THR C CB  1 
ATOM   1105 O  OG1 . THR C 1 27 ? -15.892 10.474  -9.836  1.00 46.70  ? 46 THR C OG1 1 
ATOM   1106 C  CG2 . THR C 1 27 ? -16.399 8.409   -8.729  1.00 45.39  ? 46 THR C CG2 1 
ATOM   1107 N  N   . GLY C 1 28 ? -13.281 9.282   -6.499  1.00 36.42  ? 47 GLY C N   1 
ATOM   1108 C  CA  . GLY C 1 28 ? -12.557 8.368   -5.634  1.00 34.27  ? 47 GLY C CA  1 
ATOM   1109 C  C   . GLY C 1 28 ? -12.254 7.059   -6.343  1.00 33.67  ? 47 GLY C C   1 
ATOM   1110 O  O   . GLY C 1 28 ? -11.730 6.119   -5.741  1.00 32.07  ? 47 GLY C O   1 
HETATM 1111 N  N   . MSE C 1 29 ? -12.578 7.005   -7.631  1.00 35.61  ? 48 MSE C N   1 
HETATM 1112 C  CA  . MSE C 1 29 ? -12.358 5.811   -8.440  1.00 35.32  ? 48 MSE C CA  1 
HETATM 1113 C  C   . MSE C 1 29 ? -11.158 5.958   -9.368  1.00 33.42  ? 48 MSE C C   1 
HETATM 1114 O  O   . MSE C 1 29 ? -10.790 7.064   -9.765  1.00 32.89  ? 48 MSE C O   1 
HETATM 1115 C  CB  . MSE C 1 29 ? -13.587 5.520   -9.303  1.00 46.98  ? 48 MSE C CB  1 
HETATM 1116 C  CG  . MSE C 1 29 ? -14.913 5.437   -8.558  1.00 54.64  ? 48 MSE C CG  1 
HETATM 1117 SE SE  . MSE C 1 29 ? -15.117 3.829   -7.513  1.00 65.58  ? 48 MSE C SE  1 
HETATM 1118 C  CE  . MSE C 1 29 ? -14.703 4.547   -5.768  1.00 62.69  ? 48 MSE C CE  1 
ATOM   1119 N  N   . THR C 1 30 ? -10.552 4.824   -9.706  1.00 28.64  ? 49 THR C N   1 
ATOM   1120 C  CA  . THR C 1 30 ? -9.426  4.780   -10.630 1.00 24.69  ? 49 THR C CA  1 
ATOM   1121 C  C   . THR C 1 30 ? -9.968  3.914   -11.766 1.00 22.78  ? 49 THR C C   1 
ATOM   1122 O  O   . THR C 1 30 ? -10.537 2.854   -11.516 1.00 22.21  ? 49 THR C O   1 
ATOM   1123 C  CB  . THR C 1 30 ? -8.191  4.104   -9.987  1.00 22.26  ? 49 THR C CB  1 
ATOM   1124 O  OG1 . THR C 1 30 ? -7.664  4.941   -8.951  1.00 24.23  ? 49 THR C OG1 1 
ATOM   1125 C  CG2 . THR C 1 30 ? -7.115  3.872   -11.018 1.00 23.43  ? 49 THR C CG2 1 
ATOM   1126 N  N   . SER C 1 31 ? -9.812  4.363   -13.006 1.00 20.11  ? 50 SER C N   1 
ATOM   1127 C  CA  . SER C 1 31 ? -10.334 3.603   -14.134 1.00 18.85  ? 50 SER C CA  1 
ATOM   1128 C  C   . SER C 1 31 ? -9.224  2.971   -14.945 1.00 17.74  ? 50 SER C C   1 
ATOM   1129 O  O   . SER C 1 31 ? -8.182  3.578   -15.163 1.00 20.69  ? 50 SER C O   1 
ATOM   1130 C  CB  . SER C 1 31 ? -11.171 4.511   -15.036 1.00 29.54  ? 50 SER C CB  1 
ATOM   1131 O  OG  . SER C 1 31 ? -10.348 5.458   -15.704 1.00 33.41  ? 50 SER C OG  1 
ATOM   1132 N  N   . TYR C 1 32 ? -9.424  1.740   -15.381 1.00 18.60  ? 51 TYR C N   1 
ATOM   1133 C  CA  . TYR C 1 32 ? -8.399  1.095   -16.180 1.00 20.70  ? 51 TYR C CA  1 
ATOM   1134 C  C   . TYR C 1 32 ? -9.016  0.195   -17.228 1.00 21.48  ? 51 TYR C C   1 
ATOM   1135 O  O   . TYR C 1 32 ? -10.222 -0.063  -17.215 1.00 20.83  ? 51 TYR C O   1 
ATOM   1136 C  CB  . TYR C 1 32 ? -7.450  0.271   -15.302 1.00 21.23  ? 51 TYR C CB  1 
ATOM   1137 C  CG  . TYR C 1 32 ? -8.099  -0.894  -14.601 1.00 20.20  ? 51 TYR C CG  1 
ATOM   1138 C  CD1 . TYR C 1 32 ? -8.836  -0.701  -13.431 1.00 22.83  ? 51 TYR C CD1 1 
ATOM   1139 C  CD2 . TYR C 1 32 ? -7.966  -2.195  -15.094 1.00 18.55  ? 51 TYR C CD2 1 
ATOM   1140 C  CE1 . TYR C 1 32 ? -9.428  -1.787  -12.759 1.00 21.55  ? 51 TYR C CE1 1 
ATOM   1141 C  CE2 . TYR C 1 32 ? -8.550  -3.285  -14.435 1.00 18.64  ? 51 TYR C CE2 1 
ATOM   1142 C  CZ  . TYR C 1 32 ? -9.278  -3.075  -13.270 1.00 22.13  ? 51 TYR C CZ  1 
ATOM   1143 O  OH  . TYR C 1 32 ? -9.866  -4.140  -12.615 1.00 23.02  ? 51 TYR C OH  1 
ATOM   1144 N  N   . THR C 1 33 ? -8.170  -0.270  -18.140 1.00 21.99  ? 52 THR C N   1 
ATOM   1145 C  CA  . THR C 1 33 ? -8.582  -1.169  -19.207 1.00 22.61  ? 52 THR C CA  1 
ATOM   1146 C  C   . THR C 1 33 ? -7.822  -2.463  -18.934 1.00 23.45  ? 52 THR C C   1 
ATOM   1147 O  O   . THR C 1 33 ? -6.594  -2.450  -18.875 1.00 22.82  ? 52 THR C O   1 
ATOM   1148 C  CB  . THR C 1 33 ? -8.163  -0.606  -20.593 1.00 19.33  ? 52 THR C CB  1 
ATOM   1149 O  OG1 . THR C 1 33 ? -8.740  0.694   -20.764 1.00 22.61  ? 52 THR C OG1 1 
ATOM   1150 C  CG2 . THR C 1 33 ? -8.638  -1.517  -21.728 1.00 14.78  ? 52 THR C CG2 1 
ATOM   1151 N  N   . ASP C 1 34 ? -8.532  -3.569  -18.731 1.00 22.34  ? 53 ASP C N   1 
ATOM   1152 C  CA  . ASP C 1 34 ? -7.844  -4.827  -18.478 1.00 23.72  ? 53 ASP C CA  1 
ATOM   1153 C  C   . ASP C 1 34 ? -7.284  -5.369  -19.785 1.00 24.17  ? 53 ASP C C   1 
ATOM   1154 O  O   . ASP C 1 34 ? -7.355  -4.695  -20.808 1.00 24.34  ? 53 ASP C O   1 
ATOM   1155 C  CB  . ASP C 1 34 ? -8.762  -5.864  -17.784 1.00 30.60  ? 53 ASP C CB  1 
ATOM   1156 C  CG  . ASP C 1 34 ? -9.996  -6.250  -18.604 1.00 32.15  ? 53 ASP C CG  1 
ATOM   1157 O  OD1 . ASP C 1 34 ? -9.914  -6.264  -19.851 1.00 34.92  ? 53 ASP C OD1 1 
ATOM   1158 O  OD2 . ASP C 1 34 ? -11.044 -6.567  -17.984 1.00 28.30  ? 53 ASP C OD2 1 
ATOM   1159 N  N   . GLN C 1 35 ? -6.718  -6.570  -19.753 1.00 33.08  ? 54 GLN C N   1 
ATOM   1160 C  CA  . GLN C 1 35 ? -6.119  -7.177  -20.945 1.00 35.49  ? 54 GLN C CA  1 
ATOM   1161 C  C   . GLN C 1 35 ? -7.085  -7.597  -22.051 1.00 36.07  ? 54 GLN C C   1 
ATOM   1162 O  O   . GLN C 1 35 ? -6.673  -7.789  -23.193 1.00 39.75  ? 54 GLN C O   1 
ATOM   1163 C  CB  . GLN C 1 35 ? -5.280  -8.391  -20.546 1.00 38.44  ? 54 GLN C CB  1 
ATOM   1164 C  CG  . GLN C 1 35 ? -3.978  -8.056  -19.850 1.00 41.49  ? 54 GLN C CG  1 
ATOM   1165 C  CD  . GLN C 1 35 ? -3.135  -7.075  -20.642 1.00 44.98  ? 54 GLN C CD  1 
ATOM   1166 O  OE1 . GLN C 1 35 ? -3.175  -5.869  -20.399 1.00 47.74  ? 54 GLN C OE1 1 
ATOM   1167 N  NE2 . GLN C 1 35 ? -2.379  -7.588  -21.610 1.00 45.69  ? 54 GLN C NE2 1 
ATOM   1168 N  N   . GLU C 1 36 ? -8.360  -7.754  -21.726 1.00 30.54  ? 55 GLU C N   1 
ATOM   1169 C  CA  . GLU C 1 36 ? -9.337  -8.158  -22.730 1.00 31.92  ? 55 GLU C CA  1 
ATOM   1170 C  C   . GLU C 1 36 ? -9.994  -6.937  -23.360 1.00 31.17  ? 55 GLU C C   1 
ATOM   1171 O  O   . GLU C 1 36 ? -10.892 -7.071  -24.184 1.00 31.32  ? 55 GLU C O   1 
ATOM   1172 C  CB  . GLU C 1 36 ? -10.415 -9.038  -22.097 1.00 53.62  ? 55 GLU C CB  1 
ATOM   1173 C  CG  . GLU C 1 36 ? -9.885  -10.239 -21.327 1.00 58.58  ? 55 GLU C CG  1 
ATOM   1174 C  CD  . GLU C 1 36 ? -9.221  -11.270 -22.215 1.00 62.25  ? 55 GLU C CD  1 
ATOM   1175 O  OE1 . GLU C 1 36 ? -8.083  -11.030 -22.680 1.00 63.45  ? 55 GLU C OE1 1 
ATOM   1176 O  OE2 . GLU C 1 36 ? -9.845  -12.328 -22.451 1.00 67.10  ? 55 GLU C OE2 1 
ATOM   1177 N  N   . GLY C 1 37 ? -9.548  -5.749  -22.954 1.00 29.92  ? 56 GLY C N   1 
ATOM   1178 C  CA  . GLY C 1 37 ? -10.110 -4.523  -23.484 1.00 28.42  ? 56 GLY C CA  1 
ATOM   1179 C  C   . GLY C 1 37 ? -11.292 -3.967  -22.700 1.00 28.71  ? 56 GLY C C   1 
ATOM   1180 O  O   . GLY C 1 37 ? -11.882 -2.972  -23.108 1.00 28.17  ? 56 GLY C O   1 
ATOM   1181 N  N   . ASN C 1 38 ? -11.648 -4.591  -21.578 1.00 33.52  ? 57 ASN C N   1 
ATOM   1182 C  CA  . ASN C 1 38 ? -12.783 -4.116  -20.779 1.00 32.72  ? 57 ASN C CA  1 
ATOM   1183 C  C   . ASN C 1 38 ? -12.441 -2.904  -19.922 1.00 33.16  ? 57 ASN C C   1 
ATOM   1184 O  O   . ASN C 1 38 ? -11.360 -2.826  -19.339 1.00 34.12  ? 57 ASN C O   1 
ATOM   1185 C  CB  . ASN C 1 38 ? -13.304 -5.220  -19.859 1.00 25.47  ? 57 ASN C CB  1 
ATOM   1186 C  CG  . ASN C 1 38 ? -13.656 -6.478  -20.604 1.00 26.72  ? 57 ASN C CG  1 
ATOM   1187 O  OD1 . ASN C 1 38 ? -14.449 -6.452  -21.551 1.00 27.59  ? 57 ASN C OD1 1 
ATOM   1188 N  ND2 . ASN C 1 38 ? -13.073 -7.599  -20.181 1.00 23.72  ? 57 ASN C ND2 1 
ATOM   1189 N  N   . GLN C 1 39 ? -13.373 -1.960  -19.843 1.00 26.50  ? 58 GLN C N   1 
ATOM   1190 C  CA  . GLN C 1 39 ? -13.158 -0.772  -19.040 1.00 26.76  ? 58 GLN C CA  1 
ATOM   1191 C  C   . GLN C 1 39 ? -13.628 -1.137  -17.639 1.00 25.51  ? 58 GLN C C   1 
ATOM   1192 O  O   . GLN C 1 39 ? -14.726 -1.670  -17.468 1.00 24.34  ? 58 GLN C O   1 
ATOM   1193 C  CB  . GLN C 1 39 ? -13.969 0.412   -19.584 1.00 43.25  ? 58 GLN C CB  1 
ATOM   1194 C  CG  . GLN C 1 39 ? -13.678 0.787   -21.046 1.00 47.16  ? 58 GLN C CG  1 
ATOM   1195 C  CD  . GLN C 1 39 ? -12.197 1.010   -21.327 1.00 50.23  ? 58 GLN C CD  1 
ATOM   1196 O  OE1 . GLN C 1 39 ? -11.518 1.746   -20.604 1.00 51.80  ? 58 GLN C OE1 1 
ATOM   1197 N  NE2 . GLN C 1 39 ? -11.692 0.376   -22.386 1.00 51.13  ? 58 GLN C NE2 1 
ATOM   1198 N  N   . ARG C 1 40 ? -12.794 -0.864  -16.641 1.00 18.78  ? 59 ARG C N   1 
ATOM   1199 C  CA  . ARG C 1 40 ? -13.137 -1.185  -15.267 1.00 18.62  ? 59 ARG C CA  1 
ATOM   1200 C  C   . ARG C 1 40 ? -12.822 -0.027  -14.327 1.00 19.16  ? 59 ARG C C   1 
ATOM   1201 O  O   . ARG C 1 40 ? -12.089 0.895   -14.675 1.00 17.20  ? 59 ARG C O   1 
ATOM   1202 C  CB  . ARG C 1 40 ? -12.385 -2.444  -14.838 1.00 33.54  ? 59 ARG C CB  1 
ATOM   1203 C  CG  . ARG C 1 40 ? -11.970 -3.328  -16.018 1.00 36.49  ? 59 ARG C CG  1 
ATOM   1204 C  CD  . ARG C 1 40 ? -11.937 -4.807  -15.667 1.00 39.06  ? 59 ARG C CD  1 
ATOM   1205 N  NE  . ARG C 1 40 ? -13.240 -5.281  -15.209 1.00 38.73  ? 59 ARG C NE  1 
ATOM   1206 C  CZ  . ARG C 1 40 ? -13.794 -6.435  -15.579 1.00 37.90  ? 59 ARG C CZ  1 
ATOM   1207 N  NH1 . ARG C 1 40 ? -13.168 -7.245  -16.421 1.00 35.87  ? 59 ARG C NH1 1 
ATOM   1208 N  NH2 . ARG C 1 40 ? -14.980 -6.782  -15.098 1.00 36.66  ? 59 ARG C NH2 1 
ATOM   1209 N  N   . GLU C 1 41 ? -13.393 -0.072  -13.132 1.00 27.51  ? 60 GLU C N   1 
ATOM   1210 C  CA  . GLU C 1 41 ? -13.163 0.974   -12.144 1.00 29.70  ? 60 GLU C CA  1 
ATOM   1211 C  C   . GLU C 1 41 ? -12.906 0.351   -10.782 1.00 27.80  ? 60 GLU C C   1 
ATOM   1212 O  O   . GLU C 1 41 ? -13.524 -0.651  -10.414 1.00 28.53  ? 60 GLU C O   1 
ATOM   1213 C  CB  . GLU C 1 41 ? -14.387 1.881   -12.019 1.00 53.63  ? 60 GLU C CB  1 
ATOM   1214 C  CG  . GLU C 1 41 ? -14.777 2.626   -13.267 1.00 62.86  ? 60 GLU C CG  1 
ATOM   1215 C  CD  . GLU C 1 41 ? -16.198 3.143   -13.188 1.00 67.31  ? 60 GLU C CD  1 
ATOM   1216 O  OE1 . GLU C 1 41 ? -16.521 3.839   -12.199 1.00 71.56  ? 60 GLU C OE1 1 
ATOM   1217 O  OE2 . GLU C 1 41 ? -16.992 2.852   -14.111 1.00 70.55  ? 60 GLU C OE2 1 
ATOM   1218 N  N   . ILE C 1 42 ? -12.007 0.961   -10.025 1.00 24.50  ? 61 ILE C N   1 
ATOM   1219 C  CA  . ILE C 1 42 ? -11.707 0.476   -8.693  1.00 24.12  ? 61 ILE C CA  1 
ATOM   1220 C  C   . ILE C 1 42 ? -11.547 1.672   -7.754  1.00 24.43  ? 61 ILE C C   1 
ATOM   1221 O  O   . ILE C 1 42 ? -11.116 2.750   -8.177  1.00 24.85  ? 61 ILE C O   1 
ATOM   1222 C  CB  . ILE C 1 42 ? -10.421 -0.383  -8.696  1.00 19.40  ? 61 ILE C CB  1 
ATOM   1223 C  CG1 . ILE C 1 42 ? -10.107 -0.853  -7.280  1.00 18.44  ? 61 ILE C CG1 1 
ATOM   1224 C  CG2 . ILE C 1 42 ? -9.246  0.411   -9.280  1.00 16.49  ? 61 ILE C CG2 1 
ATOM   1225 C  CD1 . ILE C 1 42 ? -8.904  -1.781  -7.198  1.00 18.87  ? 61 ILE C CD1 1 
ATOM   1226 N  N   . ASN C 1 43 ? -11.944 1.498   -6.499  1.00 20.41  ? 62 ASN C N   1 
ATOM   1227 C  CA  . ASN C 1 43 ? -11.788 2.560   -5.521  1.00 21.98  ? 62 ASN C CA  1 
ATOM   1228 C  C   . ASN C 1 43 ? -10.278 2.779   -5.434  1.00 20.06  ? 62 ASN C C   1 
ATOM   1229 O  O   . ASN C 1 43 ? -9.506  1.825   -5.351  1.00 17.40  ? 62 ASN C O   1 
ATOM   1230 C  CB  . ASN C 1 43 ? -12.370 2.133   -4.163  1.00 43.09  ? 62 ASN C CB  1 
ATOM   1231 C  CG  . ASN C 1 43 ? -11.862 2.991   -3.012  1.00 47.39  ? 62 ASN C CG  1 
ATOM   1232 O  OD1 . ASN C 1 43 ? -11.859 4.218   -3.088  1.00 53.21  ? 62 ASN C OD1 1 
ATOM   1233 N  ND2 . ASN C 1 43 ? -11.433 2.344   -1.938  1.00 51.05  ? 62 ASN C ND2 1 
ATOM   1234 N  N   . SER C 1 44 ? -9.859  4.035   -5.474  1.00 20.58  ? 63 SER C N   1 
ATOM   1235 C  CA  . SER C 1 44 ? -8.444  4.353   -5.437  1.00 21.41  ? 63 SER C CA  1 
ATOM   1236 C  C   . SER C 1 44 ? -7.762  3.946   -4.147  1.00 21.05  ? 63 SER C C   1 
ATOM   1237 O  O   . SER C 1 44 ? -6.544  3.771   -4.115  1.00 19.93  ? 63 SER C O   1 
ATOM   1238 C  CB  . SER C 1 44 ? -8.250  5.841   -5.694  1.00 28.40  ? 63 SER C CB  1 
ATOM   1239 O  OG  . SER C 1 44 ? -8.868  6.188   -6.920  1.00 32.60  ? 63 SER C OG  1 
ATOM   1240 N  N   . ASN C 1 45 ? -8.542  3.800   -3.083  1.00 27.27  ? 64 ASN C N   1 
ATOM   1241 C  CA  . ASN C 1 45 ? -7.992  3.386   -1.796  1.00 31.09  ? 64 ASN C CA  1 
ATOM   1242 C  C   . ASN C 1 45 ? -7.602  1.902   -1.801  1.00 29.75  ? 64 ASN C C   1 
ATOM   1243 O  O   . ASN C 1 45 ? -6.805  1.468   -0.968  1.00 28.25  ? 64 ASN C O   1 
ATOM   1244 C  CB  . ASN C 1 45 ? -9.009  3.639   -0.677  1.00 67.57  ? 64 ASN C CB  1 
ATOM   1245 C  CG  . ASN C 1 45 ? -9.228  5.116   -0.415  1.00 72.51  ? 64 ASN C CG  1 
ATOM   1246 O  OD1 . ASN C 1 45 ? -10.063 5.499   0.412   1.00 76.32  ? 64 ASN C OD1 1 
ATOM   1247 N  ND2 . ASN C 1 45 ? -8.476  5.959   -1.117  1.00 72.78  ? 64 ASN C ND2 1 
ATOM   1248 N  N   . ASP C 1 46 ? -8.179  1.131   -2.727  1.00 24.02  ? 65 ASP C N   1 
ATOM   1249 C  CA  . ASP C 1 46 ? -7.872  -0.296  -2.839  1.00 22.72  ? 65 ASP C CA  1 
ATOM   1250 C  C   . ASP C 1 46 ? -6.659  -0.555  -3.732  1.00 18.99  ? 65 ASP C C   1 
ATOM   1251 O  O   . ASP C 1 46 ? -6.251  -1.699  -3.915  1.00 16.15  ? 65 ASP C O   1 
ATOM   1252 C  CB  . ASP C 1 46 ? -9.071  -1.089  -3.380  1.00 50.24  ? 65 ASP C CB  1 
ATOM   1253 C  CG  . ASP C 1 46 ? -10.156 -1.317  -2.330  1.00 57.32  ? 65 ASP C CG  1 
ATOM   1254 O  OD1 . ASP C 1 46 ? -9.827  -1.384  -1.121  1.00 59.44  ? 65 ASP C OD1 1 
ATOM   1255 O  OD2 . ASP C 1 46 ? -11.340 -1.450  -2.717  1.00 61.10  ? 65 ASP C OD2 1 
ATOM   1256 N  N   . VAL C 1 47 ? -6.106  0.501   -4.318  1.00 19.40  ? 66 VAL C N   1 
ATOM   1257 C  CA  . VAL C 1 47 ? -4.921  0.350   -5.147  1.00 19.23  ? 66 VAL C CA  1 
ATOM   1258 C  C   . VAL C 1 47 ? -3.733  0.464   -4.201  1.00 20.25  ? 66 VAL C C   1 
ATOM   1259 O  O   . VAL C 1 47 ? -3.535  1.506   -3.583  1.00 20.53  ? 66 VAL C O   1 
ATOM   1260 C  CB  . VAL C 1 47 ? -4.790  1.470   -6.201  1.00 16.56  ? 66 VAL C CB  1 
ATOM   1261 C  CG1 . VAL C 1 47 ? -3.398  1.421   -6.825  1.00 14.20  ? 66 VAL C CG1 1 
ATOM   1262 C  CG2 . VAL C 1 47 ? -5.847  1.312   -7.276  1.00 16.51  ? 66 VAL C CG2 1 
ATOM   1263 N  N   . ALA C 1 48 ? -2.950  -0.600  -4.070  1.00 23.66  ? 67 ALA C N   1 
ATOM   1264 C  CA  . ALA C 1 48 ? -1.793  -0.544  -3.184  1.00 24.41  ? 67 ALA C CA  1 
ATOM   1265 C  C   . ALA C 1 48 ? -0.599  0.031   -3.944  1.00 25.79  ? 67 ALA C C   1 
ATOM   1266 O  O   . ALA C 1 48 ? 0.119   0.881   -3.425  1.00 27.33  ? 67 ALA C O   1 
ATOM   1267 C  CB  . ALA C 1 48 ? -1.468  -1.942  -2.640  1.00 20.87  ? 67 ALA C CB  1 
ATOM   1268 N  N   . GLN C 1 49 ? -0.392  -0.446  -5.169  1.00 22.89  ? 68 GLN C N   1 
ATOM   1269 C  CA  . GLN C 1 49 ? 0.698   0.025   -6.012  1.00 24.76  ? 68 GLN C CA  1 
ATOM   1270 C  C   . GLN C 1 49 ? 0.292   0.010   -7.478  1.00 25.03  ? 68 GLN C C   1 
ATOM   1271 O  O   . GLN C 1 49 ? -0.563  -0.775  -7.887  1.00 25.69  ? 68 GLN C O   1 
ATOM   1272 C  CB  . GLN C 1 49 ? 1.956   -0.830  -5.833  1.00 26.77  ? 68 GLN C CB  1 
ATOM   1273 C  CG  . GLN C 1 49 ? 2.724   -0.543  -4.561  1.00 31.38  ? 68 GLN C CG  1 
ATOM   1274 C  CD  . GLN C 1 49 ? 4.210   -0.789  -4.718  1.00 32.60  ? 68 GLN C CD  1 
ATOM   1275 O  OE1 . GLN C 1 49 ? 4.643   -1.917  -4.960  1.00 34.03  ? 68 GLN C OE1 1 
ATOM   1276 N  NE2 . GLN C 1 49 ? 5.006   0.276   -4.592  1.00 34.96  ? 68 GLN C NE2 1 
ATOM   1277 N  N   . LEU C 1 50 ? 0.926   0.877   -8.262  1.00 24.51  ? 69 LEU C N   1 
ATOM   1278 C  CA  . LEU C 1 50 ? 0.657   0.999   -9.693  1.00 25.75  ? 69 LEU C CA  1 
ATOM   1279 C  C   . LEU C 1 50 ? 1.986   1.289   -10.378 1.00 24.87  ? 69 LEU C C   1 
ATOM   1280 O  O   . LEU C 1 50 ? 2.415   2.441   -10.478 1.00 24.32  ? 69 LEU C O   1 
ATOM   1281 C  CB  . LEU C 1 50 ? -0.335  2.135   -9.930  1.00 36.86  ? 69 LEU C CB  1 
ATOM   1282 C  CG  . LEU C 1 50 ? -0.825  2.372   -11.358 1.00 40.77  ? 69 LEU C CG  1 
ATOM   1283 C  CD1 . LEU C 1 50 ? -1.403  1.091   -11.980 1.00 41.29  ? 69 LEU C CD1 1 
ATOM   1284 C  CD2 . LEU C 1 50 ? -1.883  3.470   -11.303 1.00 41.69  ? 69 LEU C CD2 1 
ATOM   1285 N  N   . ILE C 1 51 ? 2.618   0.228   -10.865 1.00 21.84  ? 70 ILE C N   1 
ATOM   1286 C  CA  . ILE C 1 51 ? 3.932   0.319   -11.481 1.00 22.36  ? 70 ILE C CA  1 
ATOM   1287 C  C   . ILE C 1 51 ? 4.011   0.035   -12.977 1.00 21.75  ? 70 ILE C C   1 
ATOM   1288 O  O   . ILE C 1 51 ? 3.447   -0.940  -13.474 1.00 20.76  ? 70 ILE C O   1 
ATOM   1289 C  CB  . ILE C 1 51 ? 4.901   -0.648  -10.754 1.00 27.70  ? 70 ILE C CB  1 
ATOM   1290 C  CG1 . ILE C 1 51 ? 4.918   -0.328  -9.256  1.00 26.21  ? 70 ILE C CG1 1 
ATOM   1291 C  CG2 . ILE C 1 51 ? 6.299   -0.538  -11.330 1.00 27.49  ? 70 ILE C CG2 1 
ATOM   1292 C  CD1 . ILE C 1 51 ? 5.396   -1.470  -8.399  1.00 27.96  ? 70 ILE C CD1 1 
ATOM   1293 N  N   . LYS C 1 52 ? 4.733   0.894   -13.685 1.00 20.60  ? 71 LYS C N   1 
ATOM   1294 C  CA  . LYS C 1 52 ? 4.929   0.732   -15.118 1.00 24.03  ? 71 LYS C CA  1 
ATOM   1295 C  C   . LYS C 1 52 ? 5.821   -0.486  -15.304 1.00 22.88  ? 71 LYS C C   1 
ATOM   1296 O  O   . LYS C 1 52 ? 6.837   -0.636  -14.614 1.00 23.25  ? 71 LYS C O   1 
ATOM   1297 C  CB  . LYS C 1 52 ? 5.623   1.962   -15.720 1.00 46.64  ? 71 LYS C CB  1 
ATOM   1298 C  CG  . LYS C 1 52 ? 5.887   1.840   -17.213 1.00 52.97  ? 71 LYS C CG  1 
ATOM   1299 C  CD  . LYS C 1 52 ? 6.913   2.863   -17.694 1.00 59.37  ? 71 LYS C CD  1 
ATOM   1300 C  CE  . LYS C 1 52 ? 8.303   2.578   -17.114 1.00 62.14  ? 71 LYS C CE  1 
ATOM   1301 N  NZ  . LYS C 1 52 ? 9.334   3.583   -17.530 1.00 61.89  ? 71 LYS C NZ  1 
ATOM   1302 N  N   . ALA C 1 53 ? 5.443   -1.360  -16.230 1.00 20.75  ? 72 ALA C N   1 
ATOM   1303 C  CA  . ALA C 1 53 ? 6.217   -2.568  -16.483 1.00 21.87  ? 72 ALA C CA  1 
ATOM   1304 C  C   . ALA C 1 53 ? 7.328   -2.303  -17.484 1.00 23.36  ? 72 ALA C C   1 
ATOM   1305 O  O   . ALA C 1 53 ? 7.193   -1.450  -18.363 1.00 23.31  ? 72 ALA C O   1 
ATOM   1306 C  CB  . ALA C 1 53 ? 5.309   -3.667  -17.010 1.00 14.04  ? 72 ALA C CB  1 
ATOM   1307 N  N   . ASP C 1 54 ? 8.425   -3.037  -17.348 1.00 26.78  ? 73 ASP C N   1 
ATOM   1308 C  CA  . ASP C 1 54 ? 9.545   -2.902  -18.266 1.00 31.88  ? 73 ASP C CA  1 
ATOM   1309 C  C   . ASP C 1 54 ? 9.458   -4.097  -19.210 1.00 33.50  ? 73 ASP C C   1 
ATOM   1310 O  O   . ASP C 1 54 ? 9.048   -5.184  -18.797 1.00 34.45  ? 73 ASP C O   1 
ATOM   1311 C  CB  . ASP C 1 54 ? 10.867  -2.923  -17.497 1.00 48.65  ? 73 ASP C CB  1 
ATOM   1312 C  CG  . ASP C 1 54 ? 10.918  -1.867  -16.405 1.00 53.44  ? 73 ASP C CG  1 
ATOM   1313 O  OD1 . ASP C 1 54 ? 10.801  -0.663  -16.737 1.00 55.60  ? 73 ASP C OD1 1 
ATOM   1314 O  OD2 . ASP C 1 54 ? 11.066  -2.238  -15.216 1.00 53.66  ? 73 ASP C OD2 1 
ATOM   1315 N  N   . LEU C 1 55 ? 9.832   -3.899  -20.472 1.00 34.64  ? 74 LEU C N   1 
ATOM   1316 C  CA  . LEU C 1 55 ? 9.781   -4.979  -21.458 1.00 35.48  ? 74 LEU C CA  1 
ATOM   1317 C  C   . LEU C 1 55 ? 10.579  -6.204  -21.007 1.00 36.89  ? 74 LEU C C   1 
ATOM   1318 O  O   . LEU C 1 55 ? 10.124  -7.338  -21.149 1.00 35.88  ? 74 LEU C O   1 
ATOM   1319 C  CB  . LEU C 1 55 ? 10.311  -4.498  -22.810 1.00 36.36  ? 74 LEU C CB  1 
ATOM   1320 C  CG  . LEU C 1 55 ? 10.248  -5.554  -23.921 1.00 36.80  ? 74 LEU C CG  1 
ATOM   1321 C  CD1 . LEU C 1 55 ? 8.791   -5.806  -24.287 1.00 36.32  ? 74 LEU C CD1 1 
ATOM   1322 C  CD2 . LEU C 1 55 ? 11.035  -5.089  -25.141 1.00 37.23  ? 74 LEU C CD2 1 
ATOM   1323 N  N   . GLU C 1 56 ? 11.775  -5.971  -20.476 1.00 28.67  ? 75 GLU C N   1 
ATOM   1324 C  CA  . GLU C 1 56 ? 12.619  -7.057  -20.001 1.00 32.83  ? 75 GLU C CA  1 
ATOM   1325 C  C   . GLU C 1 56 ? 13.543  -6.516  -18.925 1.00 33.32  ? 75 GLU C C   1 
ATOM   1326 O  O   . GLU C 1 56 ? 13.568  -5.314  -18.680 1.00 33.64  ? 75 GLU C O   1 
ATOM   1327 C  CB  . GLU C 1 56 ? 13.454  -7.647  -21.143 1.00 82.72  ? 75 GLU C CB  1 
ATOM   1328 C  CG  . GLU C 1 56 ? 14.759  -6.905  -21.446 1.00 86.95  ? 75 GLU C CG  1 
ATOM   1329 C  CD  . GLU C 1 56 ? 14.544  -5.524  -22.043 1.00 89.94  ? 75 GLU C CD  1 
ATOM   1330 O  OE1 . GLU C 1 56 ? 13.935  -4.662  -21.369 1.00 91.90  ? 75 GLU C OE1 1 
ATOM   1331 O  OE2 . GLU C 1 56 ? 14.992  -5.300  -23.193 1.00 91.23  ? 75 GLU C OE2 1 
ATOM   1332 N  N   . HIS C 1 57 ? 14.297  -7.400  -18.283 1.00 47.59  ? 76 HIS C N   1 
ATOM   1333 C  CA  . HIS C 1 57 ? 15.224  -6.975  -17.244 1.00 51.10  ? 76 HIS C CA  1 
ATOM   1334 C  C   . HIS C 1 57 ? 16.435  -6.341  -17.912 1.00 52.89  ? 76 HIS C C   1 
ATOM   1335 O  O   . HIS C 1 57 ? 17.114  -6.975  -18.719 1.00 53.60  ? 76 HIS C O   1 
ATOM   1336 C  CB  . HIS C 1 57 ? 15.648  -8.164  -16.376 1.00 60.58  ? 76 HIS C CB  1 
ATOM   1337 C  CG  . HIS C 1 57 ? 16.167  -9.335  -17.154 1.00 63.08  ? 76 HIS C CG  1 
ATOM   1338 N  ND1 . HIS C 1 57 ? 17.456  -9.801  -17.023 1.00 64.20  ? 76 HIS C ND1 1 
ATOM   1339 C  CD2 . HIS C 1 57 ? 15.563  -10.144 -18.056 1.00 62.33  ? 76 HIS C CD2 1 
ATOM   1340 C  CE1 . HIS C 1 57 ? 17.627  -10.850 -17.810 1.00 63.69  ? 76 HIS C CE1 1 
ATOM   1341 N  NE2 . HIS C 1 57 ? 16.491  -11.078 -18.447 1.00 63.86  ? 76 HIS C NE2 1 
ATOM   1342 N  N   . HIS C 1 58 ? 16.695  -5.080  -17.583 1.00 71.60  ? 77 HIS C N   1 
ATOM   1343 C  CA  . HIS C 1 58 ? 17.813  -4.370  -18.180 1.00 74.61  ? 77 HIS C CA  1 
ATOM   1344 C  C   . HIS C 1 58 ? 18.755  -3.687  -17.195 1.00 76.22  ? 77 HIS C C   1 
ATOM   1345 O  O   . HIS C 1 58 ? 18.338  -2.857  -16.382 1.00 76.00  ? 77 HIS C O   1 
ATOM   1346 C  CB  . HIS C 1 58 ? 17.302  -3.337  -19.194 1.00 86.12  ? 77 HIS C CB  1 
ATOM   1347 C  CG  . HIS C 1 58 ? 16.275  -2.396  -18.641 1.00 87.69  ? 77 HIS C CG  1 
ATOM   1348 N  ND1 . HIS C 1 58 ? 14.961  -2.764  -18.437 1.00 89.07  ? 77 HIS C ND1 1 
ATOM   1349 C  CD2 . HIS C 1 58 ? 16.367  -1.105  -18.251 1.00 88.63  ? 77 HIS C CD2 1 
ATOM   1350 C  CE1 . HIS C 1 58 ? 14.289  -1.737  -17.945 1.00 88.23  ? 77 HIS C CE1 1 
ATOM   1351 N  NE2 . HIS C 1 58 ? 15.120  -0.717  -17.822 1.00 88.52  ? 77 HIS C NE2 1 
ATOM   1352 N  N   . HIS C 1 59 ? 20.033  -4.052  -17.307 1.00 113.57 ? 78 HIS C N   1 
ATOM   1353 C  CA  . HIS C 1 59 ? 21.129  -3.525  -16.493 1.00 114.78 ? 78 HIS C CA  1 
ATOM   1354 C  C   . HIS C 1 59 ? 22.291  -4.512  -16.497 1.00 115.90 ? 78 HIS C C   1 
ATOM   1355 O  O   . HIS C 1 59 ? 22.086  -5.651  -16.979 1.00 116.91 ? 78 HIS C O   1 
ATOM   1356 C  CB  . HIS C 1 59 ? 20.683  -3.275  -15.048 1.00 91.94  ? 78 HIS C CB  1 
ATOM   1357 C  CG  . HIS C 1 59 ? 20.530  -1.824  -14.713 1.00 91.89  ? 78 HIS C CG  1 
ATOM   1358 N  ND1 . HIS C 1 59 ? 21.540  -0.907  -14.916 1.00 91.80  ? 78 HIS C ND1 1 
ATOM   1359 C  CD2 . HIS C 1 59 ? 19.487  -1.130  -14.201 1.00 92.11  ? 78 HIS C CD2 1 
ATOM   1360 C  CE1 . HIS C 1 59 ? 21.124  0.290   -14.544 1.00 92.07  ? 78 HIS C CE1 1 
ATOM   1361 N  NE2 . HIS C 1 59 ? 19.881  0.184   -14.106 1.00 91.67  ? 78 HIS C NE2 1 
HETATM 1362 O  O   . HOH D 2 .  ? 22.538  0.047   7.548   1.00 13.00  ? 82 HOH A O   1 
HETATM 1363 O  O   . HOH D 2 .  ? 9.399   1.023   2.617   1.00 22.72  ? 83 HOH A O   1 
HETATM 1364 O  O   . HOH D 2 .  ? 6.164   3.513   -12.166 1.00 22.92  ? 84 HOH A O   1 
HETATM 1365 O  O   . HOH D 2 .  ? 6.475   -4.912  4.626   1.00 23.00  ? 85 HOH A O   1 
HETATM 1366 O  O   . HOH D 2 .  ? 16.768  10.521  -0.289  1.00 23.39  ? 86 HOH A O   1 
HETATM 1367 O  O   . HOH D 2 .  ? 20.215  0.702   7.452   1.00 23.54  ? 87 HOH A O   1 
HETATM 1368 O  O   . HOH D 2 .  ? 17.165  8.415   -1.230  1.00 23.73  ? 88 HOH A O   1 
HETATM 1369 O  O   . HOH D 2 .  ? 16.222  0.333   13.530  1.00 28.54  ? 89 HOH A O   1 
HETATM 1370 O  O   . HOH D 2 .  ? 20.239  3.262   9.333   1.00 29.69  ? 90 HOH A O   1 
HETATM 1371 O  O   . HOH D 2 .  ? 11.745  0.785   -6.313  1.00 29.90  ? 91 HOH A O   1 
HETATM 1372 O  O   . HOH D 2 .  ? -5.084  4.696   -8.281  1.00 30.74  ? 92 HOH A O   1 
HETATM 1373 O  O   . HOH D 2 .  ? -7.648  9.230   -0.164  1.00 40.88  ? 93 HOH A O   1 
HETATM 1374 O  O   . HOH D 2 .  ? 5.296   9.161   -5.886  1.00 41.48  ? 94 HOH A O   1 
HETATM 1375 O  O   . HOH D 2 .  ? 12.933  0.277   15.279  1.00 43.25  ? 95 HOH A O   1 
HETATM 1376 O  O   . HOH D 2 .  ? 12.372  12.484  6.768   1.00 45.43  ? 96 HOH A O   1 
HETATM 1377 O  O   . HOH E 2 .  ? 8.752   0.993   11.032  1.00 18.00  ? 82 HOH B O   1 
HETATM 1378 O  O   . HOH E 2 .  ? -2.438  -11.426 15.737  1.00 18.75  ? 83 HOH B O   1 
HETATM 1379 O  O   . HOH E 2 .  ? -7.102  -18.783 6.212   1.00 22.08  ? 84 HOH B O   1 
HETATM 1380 O  O   . HOH E 2 .  ? -5.147  -20.137 7.816   1.00 23.89  ? 85 HOH B O   1 
HETATM 1381 O  O   . HOH E 2 .  ? -2.614  -20.053 6.379   1.00 27.34  ? 86 HOH B O   1 
HETATM 1382 O  O   . HOH E 2 .  ? -10.212 -9.643  12.188  1.00 28.23  ? 87 HOH B O   1 
HETATM 1383 O  O   . HOH E 2 .  ? -13.436 -10.383 12.976  1.00 31.93  ? 88 HOH B O   1 
HETATM 1384 O  O   . HOH E 2 .  ? -0.721  -8.765  3.710   1.00 32.74  ? 89 HOH B O   1 
HETATM 1385 O  O   . HOH E 2 .  ? -12.054 2.332   1.969   1.00 35.52  ? 90 HOH B O   1 
HETATM 1386 O  O   . HOH E 2 .  ? -14.649 -1.111  12.393  1.00 35.73  ? 91 HOH B O   1 
HETATM 1387 O  O   . HOH E 2 .  ? -13.487 -14.092 4.384   1.00 44.15  ? 92 HOH B O   1 
HETATM 1388 O  O   . HOH E 2 .  ? 6.844   -7.492  7.988   1.00 44.39  ? 93 HOH B O   1 
HETATM 1389 O  O   . HOH E 2 .  ? -3.902  3.122   14.431  1.00 46.65  ? 94 HOH B O   1 
HETATM 1390 O  O   . HOH E 2 .  ? 7.442   3.635   12.471  1.00 46.89  ? 95 HOH B O   1 
HETATM 1391 O  O   . HOH E 2 .  ? -12.109 -5.608  16.737  1.00 48.65  ? 96 HOH B O   1 
HETATM 1392 O  O   . HOH E 2 .  ? -17.247 -1.390  10.282  1.00 50.79  ? 97 HOH B O   1 
HETATM 1393 O  O   . HOH E 2 .  ? -7.047  1.195   18.730  1.00 55.41  ? 98 HOH B O   1 
HETATM 1394 O  O   . HOH F 2 .  ? 1.913   -3.236  -8.690  1.00 16.05  ? 82 HOH C O   1 
HETATM 1395 O  O   . HOH F 2 .  ? -5.692  1.264   -17.857 1.00 17.57  ? 83 HOH C O   1 
HETATM 1396 O  O   . HOH F 2 .  ? -7.292  -11.377 -0.049  1.00 23.34  ? 84 HOH C O   1 
HETATM 1397 O  O   . HOH F 2 .  ? -13.086 -10.446 -20.326 1.00 26.69  ? 85 HOH C O   1 
HETATM 1398 O  O   . HOH F 2 .  ? -8.561  -4.682  -2.181  1.00 27.71  ? 86 HOH C O   1 
HETATM 1399 O  O   . HOH F 2 .  ? 3.828   -5.211  -5.313  1.00 30.21  ? 87 HOH C O   1 
HETATM 1400 O  O   . HOH F 2 .  ? -15.448 -2.249  -12.487 1.00 32.72  ? 88 HOH C O   1 
HETATM 1401 O  O   . HOH F 2 .  ? -11.355 7.971   -13.513 1.00 36.35  ? 89 HOH C O   1 
HETATM 1402 O  O   . HOH F 2 .  ? -9.667  14.202  -10.874 1.00 37.38  ? 90 HOH C O   1 
HETATM 1403 O  O   . HOH F 2 .  ? -16.549 -1.646  -10.099 1.00 41.84  ? 91 HOH C O   1 
HETATM 1404 O  O   . HOH F 2 .  ? 5.363   -1.771  -20.488 1.00 43.72  ? 92 HOH C O   1 
HETATM 1405 O  O   . HOH F 2 .  ? -14.903 -5.491  -12.498 1.00 45.61  ? 93 HOH C O   1 
HETATM 1406 O  O   . HOH F 2 .  ? -13.724 -0.911  -5.613  1.00 47.42  ? 94 HOH C O   1 
HETATM 1407 O  O   . HOH F 2 .  ? 9.567   -1.923  -13.178 1.00 48.80  ? 95 HOH C O   1 
HETATM 1408 O  O   . HOH F 2 .  ? -0.965  -11.406 -6.465  1.00 49.13  ? 96 HOH C O   1 
# 
